data_1OP8
#
_entry.id   1OP8
#
_cell.length_a   49.480
_cell.length_b   94.550
_cell.length_c   94.870
_cell.angle_alpha   117.12
_cell.angle_beta   100.25
_cell.angle_gamma   100.12
#
_symmetry.space_group_name_H-M   'P 1'
#
loop_
_entity.id
_entity.type
_entity.pdbx_description
1 polymer 'Granzyme A'
2 non-polymer 'SULFATE ION'
3 water water
#
_entity_poly.entity_id   1
_entity_poly.type   'polypeptide(L)'
_entity_poly.pdbx_seq_one_letter_code
;IIGGNEVTPHSRPYMVLLSLDRKTICAGALIAKDWVLTAAHCNLNKRSQVILGAHSITREEPTKQIMLVKKEFPYPCYDP
ATREGDLKLLQLTEKAKINKYVTILHLPKKGDDVKPGTMCQVAGWGRTHNSASWSDTLREVNITIIDRKVCNDRNHYNFN
PVIGMNMVCAGSLRGGRDSCNGDSGSPLLCEGVFRGVTSFGLENKCGDPRGPGVYILLSKKHLNWIIMTIKGAV
;
_entity_poly.pdbx_strand_id   A,B,C,D,E,F
#
loop_
_chem_comp.id
_chem_comp.type
_chem_comp.name
_chem_comp.formula
SO4 non-polymer 'SULFATE ION' 'O4 S -2'
#
# COMPACT_ATOMS: atom_id res chain seq x y z
N ILE A 1 -21.32 -41.05 1.40
CA ILE A 1 -20.15 -41.37 0.54
C ILE A 1 -20.50 -41.04 -0.91
N ILE A 2 -19.62 -40.30 -1.57
CA ILE A 2 -19.84 -39.93 -2.95
C ILE A 2 -18.72 -40.52 -3.79
N GLY A 3 -19.10 -41.09 -4.93
CA GLY A 3 -18.12 -41.68 -5.83
C GLY A 3 -17.65 -43.05 -5.38
N GLY A 4 -18.44 -43.70 -4.54
CA GLY A 4 -18.05 -45.03 -4.08
C GLY A 4 -18.99 -46.12 -4.53
N ASN A 5 -19.04 -47.22 -3.78
CA ASN A 5 -19.92 -48.32 -4.11
C ASN A 5 -20.47 -48.98 -2.85
N GLU A 6 -21.59 -49.67 -2.99
CA GLU A 6 -22.20 -50.37 -1.86
C GLU A 6 -21.32 -51.56 -1.51
N VAL A 7 -20.87 -51.64 -0.26
CA VAL A 7 -20.02 -52.75 0.14
C VAL A 7 -20.83 -54.03 0.30
N THR A 8 -20.14 -55.15 0.46
CA THR A 8 -20.82 -56.42 0.66
C THR A 8 -21.41 -56.36 2.06
N PRO A 9 -22.70 -56.72 2.20
CA PRO A 9 -23.35 -56.70 3.50
C PRO A 9 -22.49 -57.30 4.59
N HIS A 10 -22.15 -56.48 5.58
CA HIS A 10 -21.35 -56.88 6.72
C HIS A 10 -19.90 -57.19 6.42
N SER A 11 -19.36 -56.60 5.36
CA SER A 11 -17.96 -56.83 5.00
C SER A 11 -17.04 -55.83 5.72
N ARG A 12 -17.61 -54.98 6.57
CA ARG A 12 -16.87 -53.98 7.33
C ARG A 12 -17.46 -53.98 8.73
N PRO A 13 -17.45 -55.15 9.39
CA PRO A 13 -17.99 -55.36 10.73
C PRO A 13 -17.64 -54.37 11.84
N TYR A 14 -16.67 -53.49 11.58
CA TYR A 14 -16.28 -52.50 12.58
C TYR A 14 -17.07 -51.20 12.49
N MET A 15 -17.79 -51.03 11.38
CA MET A 15 -18.59 -49.82 11.18
C MET A 15 -19.77 -49.65 12.11
N VAL A 16 -19.90 -48.44 12.63
CA VAL A 16 -20.98 -48.14 13.53
C VAL A 16 -21.93 -47.15 12.91
N LEU A 17 -23.21 -47.46 12.95
CA LEU A 17 -24.22 -46.57 12.41
C LEU A 17 -24.79 -45.80 13.59
N LEU A 18 -24.68 -44.47 13.54
CA LEU A 18 -25.21 -43.63 14.61
C LEU A 18 -26.44 -42.90 14.12
N SER A 19 -27.59 -43.33 14.62
CA SER A 19 -28.85 -42.72 14.28
C SER A 19 -29.12 -41.67 15.35
N LEU A 20 -28.76 -40.42 15.04
CA LEU A 20 -28.92 -39.32 15.98
C LEU A 20 -30.38 -38.96 16.18
N ASP A 21 -31.06 -38.70 15.06
CA ASP A 21 -32.48 -38.38 15.10
C ASP A 21 -33.09 -38.74 13.77
N ARG A 22 -34.22 -38.12 13.46
CA ARG A 22 -34.92 -38.39 12.22
C ARG A 22 -34.34 -37.63 11.04
N LYS A 23 -33.56 -36.59 11.33
CA LYS A 23 -33.00 -35.77 10.27
C LYS A 23 -31.49 -35.94 10.08
N THR A 24 -30.82 -36.57 11.03
CA THR A 24 -29.38 -36.71 10.91
C THR A 24 -28.80 -38.00 11.46
N ILE A 25 -27.76 -38.50 10.81
CA ILE A 25 -27.07 -39.71 11.26
C ILE A 25 -25.58 -39.46 11.13
N CYS A 26 -24.79 -40.25 11.84
CA CYS A 26 -23.33 -40.15 11.81
C CYS A 26 -22.77 -41.56 11.73
N ALA A 27 -21.44 -41.68 11.66
CA ALA A 27 -20.81 -42.98 11.62
C ALA A 27 -19.80 -43.05 12.76
N GLY A 28 -19.26 -44.24 12.97
CA GLY A 28 -18.29 -44.41 14.03
C GLY A 28 -17.54 -45.72 13.85
N ALA A 29 -16.67 -46.04 14.80
CA ALA A 29 -15.88 -47.24 14.75
C ALA A 29 -15.88 -47.91 16.13
N LEU A 30 -16.05 -49.22 16.15
CA LEU A 30 -16.05 -49.96 17.42
C LEU A 30 -14.60 -50.24 17.73
N ILE A 31 -14.05 -49.52 18.72
CA ILE A 31 -12.65 -49.72 19.08
C ILE A 31 -12.52 -50.60 20.31
N ALA A 32 -13.65 -51.02 20.86
CA ALA A 32 -13.66 -51.88 22.03
C ALA A 32 -15.07 -52.43 22.17
N LYS A 33 -15.22 -53.49 22.95
CA LYS A 33 -16.55 -54.08 23.11
C LYS A 33 -17.58 -53.05 23.52
N ASP A 34 -17.23 -52.19 24.46
CA ASP A 34 -18.15 -51.16 24.92
C ASP A 34 -17.69 -49.72 24.65
N TRP A 35 -16.96 -49.53 23.54
CA TRP A 35 -16.47 -48.21 23.17
C TRP A 35 -16.55 -47.91 21.68
N VAL A 36 -17.17 -46.78 21.35
CA VAL A 36 -17.30 -46.34 19.97
C VAL A 36 -16.64 -44.99 19.79
N LEU A 37 -15.79 -44.88 18.76
CA LEU A 37 -15.08 -43.65 18.46
C LEU A 37 -15.82 -42.95 17.31
N THR A 38 -16.21 -41.71 17.52
CA THR A 38 -16.93 -40.96 16.50
C THR A 38 -16.46 -39.51 16.55
N ALA A 39 -17.16 -38.63 15.84
CA ALA A 39 -16.81 -37.22 15.79
C ALA A 39 -17.48 -36.46 16.93
N ALA A 40 -16.80 -35.46 17.46
CA ALA A 40 -17.38 -34.69 18.56
C ALA A 40 -18.58 -33.86 18.09
N HIS A 41 -18.56 -33.39 16.85
CA HIS A 41 -19.67 -32.59 16.38
C HIS A 41 -20.94 -33.39 16.09
N CYS A 42 -20.87 -34.70 16.22
CA CYS A 42 -22.05 -35.53 16.01
C CYS A 42 -22.88 -35.52 17.31
N ASN A 43 -23.97 -34.76 17.32
CA ASN A 43 -24.81 -34.63 18.52
C ASN A 43 -25.76 -35.79 18.75
N LEU A 44 -25.77 -36.32 19.98
CA LEU A 44 -26.67 -37.42 20.34
C LEU A 44 -27.71 -36.96 21.34
N ASN A 45 -28.90 -37.56 21.28
CA ASN A 45 -29.97 -37.23 22.21
C ASN A 45 -30.58 -38.49 22.79
N LYS A 46 -31.35 -38.30 23.85
CA LYS A 46 -31.99 -39.39 24.62
C LYS A 46 -32.48 -40.56 23.80
N ARG A 47 -32.90 -40.31 22.58
CA ARG A 47 -33.41 -41.36 21.74
C ARG A 47 -32.47 -41.72 20.60
N SER A 48 -31.18 -41.42 20.76
CA SER A 48 -30.20 -41.75 19.74
C SER A 48 -29.86 -43.22 19.91
N GLN A 49 -29.54 -43.89 18.80
CA GLN A 49 -29.21 -45.29 18.84
C GLN A 49 -27.88 -45.56 18.16
N VAL A 50 -27.06 -46.41 18.79
CA VAL A 50 -25.77 -46.81 18.27
C VAL A 50 -25.98 -48.19 17.69
N ILE A 51 -26.20 -48.25 16.38
CA ILE A 51 -26.46 -49.51 15.73
C ILE A 51 -25.23 -50.25 15.23
N LEU A 52 -25.07 -51.49 15.67
CA LEU A 52 -23.94 -52.30 15.26
C LEU A 52 -24.37 -53.40 14.29
N GLY A 53 -23.38 -53.96 13.61
CA GLY A 53 -23.62 -55.02 12.64
C GLY A 53 -24.68 -54.68 11.63
N ALA A 54 -24.72 -53.42 11.21
CA ALA A 54 -25.72 -52.94 10.26
C ALA A 54 -25.26 -52.89 8.80
N HIS A 55 -26.22 -52.73 7.90
CA HIS A 55 -25.89 -52.61 6.49
C HIS A 55 -26.93 -51.72 5.87
N SER A 56 -28.17 -51.96 6.27
CA SER A 56 -29.30 -51.19 5.81
C SER A 56 -29.82 -50.44 7.02
N ILE A 57 -30.25 -49.21 6.81
CA ILE A 57 -30.79 -48.40 7.90
C ILE A 57 -32.22 -48.84 8.17
N THR A 58 -32.99 -48.97 7.11
CA THR A 58 -34.39 -49.35 7.20
C THR A 58 -34.65 -50.84 7.44
N ARG A 59 -34.28 -51.65 6.45
CA ARG A 59 -34.46 -53.11 6.50
C ARG A 59 -34.06 -53.68 7.85
N GLU A 60 -34.76 -54.75 8.24
CA GLU A 60 -34.52 -55.44 9.50
C GLU A 60 -33.41 -56.47 9.30
N GLU A 61 -32.44 -56.51 10.21
CA GLU A 61 -31.34 -57.45 10.07
C GLU A 61 -31.07 -58.15 11.40
N PRO A 62 -30.86 -59.48 11.35
CA PRO A 62 -30.60 -60.24 12.57
C PRO A 62 -29.18 -60.01 13.09
N THR A 63 -28.34 -59.37 12.28
CA THR A 63 -26.98 -59.09 12.69
C THR A 63 -26.87 -57.74 13.37
N LYS A 64 -27.98 -57.03 13.47
CA LYS A 64 -27.94 -55.73 14.12
C LYS A 64 -28.00 -55.77 15.63
N GLN A 65 -27.16 -54.96 16.27
CA GLN A 65 -27.12 -54.90 17.73
C GLN A 65 -27.35 -53.47 18.21
N ILE A 66 -28.62 -53.05 18.26
CA ILE A 66 -28.97 -51.70 18.69
C ILE A 66 -28.51 -51.41 20.12
N MET A 67 -27.60 -50.44 20.24
CA MET A 67 -27.08 -50.10 21.54
C MET A 67 -27.49 -48.70 21.97
N LEU A 68 -27.10 -48.34 23.18
CA LEU A 68 -27.40 -47.03 23.74
C LEU A 68 -26.15 -46.48 24.40
N VAL A 69 -25.99 -45.17 24.37
CA VAL A 69 -24.83 -44.54 24.96
C VAL A 69 -25.02 -44.32 26.46
N LYS A 70 -24.09 -44.85 27.23
CA LYS A 70 -24.14 -44.71 28.67
C LYS A 70 -23.57 -43.34 29.09
N LYS A 71 -22.57 -42.85 28.35
CA LYS A 71 -21.94 -41.56 28.65
C LYS A 71 -21.05 -41.05 27.51
N GLU A 72 -21.17 -39.78 27.16
CA GLU A 72 -20.35 -39.22 26.08
C GLU A 72 -19.00 -38.70 26.56
N PHE A 73 -17.94 -38.97 25.82
CA PHE A 73 -16.62 -38.48 26.18
C PHE A 73 -16.01 -37.67 25.04
N PRO A 74 -16.44 -36.41 24.89
CA PRO A 74 -15.90 -35.58 23.82
C PRO A 74 -14.45 -35.19 24.11
N TYR A 75 -13.68 -34.91 23.06
CA TYR A 75 -12.30 -34.50 23.25
C TYR A 75 -12.27 -33.22 24.10
N PRO A 76 -11.63 -33.27 25.27
CA PRO A 76 -11.56 -32.09 26.15
C PRO A 76 -11.08 -30.79 25.49
N CYS A 77 -10.25 -30.91 24.46
CA CYS A 77 -9.75 -29.72 23.78
C CYS A 77 -10.21 -29.57 22.35
N TYR A 78 -11.44 -30.03 22.11
CA TYR A 78 -12.06 -29.95 20.80
C TYR A 78 -12.56 -28.54 20.59
N ASP A 79 -12.20 -27.97 19.45
CA ASP A 79 -12.59 -26.62 19.09
C ASP A 79 -13.63 -26.65 17.97
N PRO A 80 -14.90 -26.41 18.30
CA PRO A 80 -15.96 -26.42 17.29
C PRO A 80 -15.84 -25.37 16.20
N ALA A 81 -15.03 -24.35 16.44
CA ALA A 81 -14.87 -23.28 15.46
C ALA A 81 -14.06 -23.74 14.26
N THR A 82 -12.95 -24.41 14.54
CA THR A 82 -12.08 -24.91 13.50
C THR A 82 -12.13 -26.43 13.43
N ARG A 83 -13.13 -27.04 14.05
CA ARG A 83 -13.28 -28.49 14.04
C ARG A 83 -11.98 -29.17 14.49
N GLU A 84 -11.16 -28.42 15.22
CA GLU A 84 -9.90 -28.94 15.70
C GLU A 84 -10.18 -30.00 16.77
N GLY A 85 -9.46 -31.11 16.71
CA GLY A 85 -9.66 -32.17 17.69
C GLY A 85 -11.13 -32.54 17.78
N ASP A 86 -11.71 -32.90 16.65
CA ASP A 86 -13.11 -33.27 16.54
C ASP A 86 -13.21 -34.76 16.81
N LEU A 87 -13.38 -35.12 18.07
CA LEU A 87 -13.45 -36.53 18.43
C LEU A 87 -14.31 -36.73 19.65
N LYS A 88 -14.96 -37.90 19.71
CA LYS A 88 -15.83 -38.27 20.83
C LYS A 88 -15.92 -39.77 21.06
N LEU A 89 -15.65 -40.19 22.29
CA LEU A 89 -15.73 -41.60 22.64
C LEU A 89 -17.09 -41.85 23.24
N LEU A 90 -17.79 -42.86 22.75
CA LEU A 90 -19.11 -43.20 23.28
C LEU A 90 -19.01 -44.49 24.08
N GLN A 91 -19.41 -44.42 25.34
CA GLN A 91 -19.39 -45.60 26.19
C GLN A 91 -20.79 -46.21 26.11
N LEU A 92 -20.88 -47.49 25.78
CA LEU A 92 -22.17 -48.14 25.66
C LEU A 92 -22.65 -48.70 27.00
N THR A 93 -23.96 -48.67 27.21
CA THR A 93 -24.57 -49.19 28.44
C THR A 93 -24.25 -50.67 28.58
N GLU A 94 -24.07 -51.35 27.45
CA GLU A 94 -23.74 -52.76 27.44
C GLU A 94 -22.74 -53.09 26.33
N LYS A 95 -21.88 -54.07 26.59
CA LYS A 95 -20.87 -54.46 25.61
C LYS A 95 -21.50 -55.22 24.45
N ALA A 96 -20.85 -55.14 23.29
CA ALA A 96 -21.38 -55.80 22.10
C ALA A 96 -20.98 -57.25 22.01
N LYS A 97 -21.68 -57.97 21.13
CA LYS A 97 -21.41 -59.38 20.90
C LYS A 97 -20.47 -59.50 19.71
N ILE A 98 -19.18 -59.62 20.01
CA ILE A 98 -18.20 -59.73 18.95
C ILE A 98 -18.43 -61.01 18.14
N ASN A 99 -18.74 -60.84 16.87
CA ASN A 99 -18.96 -61.98 15.97
C ASN A 99 -18.37 -61.66 14.60
N LYS A 100 -18.69 -62.51 13.63
CA LYS A 100 -18.19 -62.35 12.27
C LYS A 100 -18.69 -61.05 11.64
N TYR A 101 -19.86 -60.59 12.08
CA TYR A 101 -20.43 -59.37 11.51
C TYR A 101 -20.31 -58.17 12.41
N VAL A 102 -19.52 -58.31 13.47
CA VAL A 102 -19.29 -57.25 14.45
C VAL A 102 -17.88 -57.40 15.01
N THR A 103 -17.00 -56.49 14.59
CA THR A 103 -15.62 -56.54 15.02
C THR A 103 -15.13 -55.25 15.65
N ILE A 104 -13.92 -55.31 16.18
CA ILE A 104 -13.28 -54.18 16.82
C ILE A 104 -12.15 -53.69 15.94
N LEU A 105 -12.16 -52.39 15.63
CA LEU A 105 -11.12 -51.82 14.79
C LEU A 105 -9.94 -51.44 15.70
N HIS A 106 -8.75 -51.90 15.36
CA HIS A 106 -7.58 -51.63 16.18
C HIS A 106 -7.06 -50.19 16.10
N LEU A 107 -6.58 -49.68 17.23
CA LEU A 107 -6.03 -48.33 17.25
C LEU A 107 -4.64 -48.36 16.65
N PRO A 108 -4.22 -47.24 16.05
CA PRO A 108 -2.89 -47.21 15.45
C PRO A 108 -1.86 -47.52 16.54
N LYS A 109 -0.74 -48.10 16.12
CA LYS A 109 0.31 -48.42 17.07
C LYS A 109 1.09 -47.14 17.35
N LYS A 110 1.44 -46.43 16.28
CA LYS A 110 2.18 -45.18 16.38
C LYS A 110 1.35 -44.05 15.76
N GLY A 111 1.37 -42.89 16.39
CA GLY A 111 0.62 -41.75 15.88
C GLY A 111 1.34 -41.09 14.73
N ASP A 112 1.65 -41.85 13.69
CA ASP A 112 2.34 -41.34 12.51
C ASP A 112 1.41 -40.50 11.65
N ASP A 113 1.98 -39.84 10.66
CA ASP A 113 1.19 -39.02 9.75
C ASP A 113 1.27 -39.68 8.39
N VAL A 114 0.13 -40.10 7.86
CA VAL A 114 0.11 -40.76 6.57
C VAL A 114 0.77 -39.94 5.47
N LYS A 115 1.68 -40.58 4.73
CA LYS A 115 2.39 -39.91 3.64
C LYS A 115 1.48 -39.63 2.45
N PRO A 116 1.66 -38.48 1.79
CA PRO A 116 0.85 -38.11 0.62
C PRO A 116 0.89 -39.14 -0.49
N GLY A 117 -0.29 -39.50 -1.00
CA GLY A 117 -0.36 -40.47 -2.08
C GLY A 117 -0.81 -41.84 -1.58
N THR A 118 -0.78 -42.04 -0.27
CA THR A 118 -1.20 -43.30 0.32
C THR A 118 -2.66 -43.61 -0.01
N MET A 119 -2.98 -44.88 -0.25
CA MET A 119 -4.35 -45.26 -0.57
C MET A 119 -5.16 -45.50 0.71
N CYS A 120 -6.38 -44.96 0.76
CA CYS A 120 -7.25 -45.14 1.92
C CYS A 120 -8.70 -45.30 1.47
N GLN A 121 -9.59 -45.60 2.40
CA GLN A 121 -10.99 -45.73 2.06
C GLN A 121 -11.81 -45.23 3.23
N VAL A 122 -13.10 -45.02 3.01
CA VAL A 122 -14.03 -44.55 4.04
C VAL A 122 -15.44 -45.06 3.73
N ALA A 123 -16.08 -45.65 4.73
CA ALA A 123 -17.43 -46.18 4.56
C ALA A 123 -18.43 -45.32 5.33
N GLY A 124 -19.68 -45.33 4.90
CA GLY A 124 -20.69 -44.55 5.60
C GLY A 124 -22.08 -44.68 4.99
N TRP A 125 -23.09 -44.25 5.71
CA TRP A 125 -24.43 -44.31 5.15
C TRP A 125 -24.83 -42.90 4.74
N GLY A 126 -23.83 -42.05 4.55
CA GLY A 126 -24.09 -40.68 4.15
C GLY A 126 -24.67 -40.53 2.75
N ARG A 127 -24.84 -39.29 2.30
CA ARG A 127 -25.40 -39.04 0.98
C ARG A 127 -24.45 -39.37 -0.15
N THR A 128 -25.00 -39.50 -1.34
CA THR A 128 -24.24 -39.81 -2.55
C THR A 128 -24.44 -38.73 -3.60
N HIS A 129 -23.82 -38.93 -4.76
CA HIS A 129 -23.92 -37.99 -5.86
C HIS A 129 -25.29 -38.02 -6.54
N ASN A 130 -25.87 -36.84 -6.75
CA ASN A 130 -27.17 -36.69 -7.38
C ASN A 130 -28.30 -37.26 -6.51
N SER A 131 -27.92 -37.99 -5.46
CA SER A 131 -28.89 -38.58 -4.53
C SER A 131 -28.72 -37.94 -3.14
N ALA A 132 -29.34 -36.79 -2.96
CA ALA A 132 -29.24 -36.06 -1.69
C ALA A 132 -29.71 -36.82 -0.45
N SER A 133 -30.45 -37.90 -0.65
CA SER A 133 -30.94 -38.69 0.49
C SER A 133 -29.88 -39.67 0.99
N TRP A 134 -29.78 -39.78 2.31
CA TRP A 134 -28.81 -40.69 2.92
C TRP A 134 -28.99 -42.11 2.39
N SER A 135 -27.88 -42.72 1.98
CA SER A 135 -27.89 -44.07 1.47
C SER A 135 -28.47 -45.03 2.50
N ASP A 136 -29.26 -46.00 2.05
CA ASP A 136 -29.86 -46.96 2.97
C ASP A 136 -28.87 -48.07 3.30
N THR A 137 -27.97 -48.34 2.36
CA THR A 137 -26.96 -49.37 2.55
C THR A 137 -25.58 -48.74 2.74
N LEU A 138 -24.69 -49.46 3.44
CA LEU A 138 -23.33 -48.96 3.71
C LEU A 138 -22.49 -48.84 2.44
N ARG A 139 -21.73 -47.76 2.33
CA ARG A 139 -20.88 -47.55 1.14
C ARG A 139 -19.44 -47.14 1.46
N GLU A 140 -18.52 -47.50 0.57
CA GLU A 140 -17.12 -47.17 0.76
C GLU A 140 -16.47 -46.60 -0.52
N VAL A 141 -15.52 -45.69 -0.33
CA VAL A 141 -14.82 -45.07 -1.44
C VAL A 141 -13.30 -45.09 -1.26
N ASN A 142 -12.61 -45.44 -2.34
CA ASN A 142 -11.16 -45.50 -2.37
C ASN A 142 -10.63 -44.08 -2.60
N ILE A 143 -9.91 -43.57 -1.61
CA ILE A 143 -9.36 -42.22 -1.69
C ILE A 143 -7.85 -42.18 -1.42
N THR A 144 -7.25 -41.04 -1.76
CA THR A 144 -5.82 -40.85 -1.57
C THR A 144 -5.51 -39.65 -0.71
N ILE A 145 -4.45 -39.76 0.08
CA ILE A 145 -4.05 -38.67 0.95
C ILE A 145 -3.46 -37.53 0.15
N ILE A 146 -3.95 -36.33 0.41
CA ILE A 146 -3.48 -35.16 -0.28
C ILE A 146 -2.51 -34.41 0.62
N ASP A 147 -1.34 -34.07 0.09
CA ASP A 147 -0.32 -33.33 0.85
C ASP A 147 -0.99 -32.19 1.61
N ARG A 148 -0.67 -32.10 2.89
CA ARG A 148 -1.22 -31.08 3.73
C ARG A 148 -0.89 -29.69 3.17
N LYS A 149 0.33 -29.51 2.66
CA LYS A 149 0.70 -28.22 2.10
C LYS A 149 -0.24 -27.85 0.95
N VAL A 150 -0.56 -28.84 0.12
CA VAL A 150 -1.48 -28.63 -0.98
C VAL A 150 -2.88 -28.47 -0.43
N CYS A 151 -3.19 -29.15 0.66
CA CYS A 151 -4.54 -29.02 1.19
C CYS A 151 -4.80 -27.60 1.69
N ASN A 152 -3.74 -26.81 1.84
CA ASN A 152 -3.87 -25.41 2.29
C ASN A 152 -3.58 -24.38 1.20
N ASP A 153 -3.23 -24.83 -0.01
CA ASP A 153 -2.91 -23.90 -1.09
C ASP A 153 -4.15 -23.11 -1.53
N ARG A 154 -3.91 -22.00 -2.24
CA ARG A 154 -4.99 -21.13 -2.71
C ARG A 154 -6.09 -21.88 -3.44
N ASN A 155 -5.71 -22.90 -4.20
CA ASN A 155 -6.67 -23.69 -4.94
C ASN A 155 -7.45 -24.66 -4.06
N HIS A 156 -7.35 -24.48 -2.75
CA HIS A 156 -8.06 -25.32 -1.79
C HIS A 156 -8.63 -24.52 -0.62
N TYR A 157 -8.48 -25.03 0.60
CA TYR A 157 -9.00 -24.35 1.80
C TYR A 157 -8.34 -22.98 2.00
N ASN A 158 -7.22 -22.77 1.33
CA ASN A 158 -6.51 -21.49 1.42
C ASN A 158 -6.49 -20.95 2.85
N PHE A 159 -5.70 -21.62 3.69
CA PHE A 159 -5.55 -21.27 5.10
C PHE A 159 -6.79 -20.74 5.79
N ASN A 160 -7.94 -21.31 5.50
CA ASN A 160 -9.18 -20.88 6.14
C ASN A 160 -10.37 -21.71 5.69
N PRO A 161 -10.70 -22.78 6.44
CA PRO A 161 -10.04 -23.24 7.67
C PRO A 161 -8.63 -23.69 7.36
N VAL A 162 -7.78 -23.65 8.38
CA VAL A 162 -6.39 -24.09 8.26
C VAL A 162 -6.36 -25.54 8.70
N ILE A 163 -5.67 -26.39 7.95
CA ILE A 163 -5.55 -27.82 8.26
C ILE A 163 -4.21 -28.05 8.97
N GLY A 164 -4.28 -28.31 10.27
CA GLY A 164 -3.09 -28.52 11.07
C GLY A 164 -2.49 -29.91 11.04
N MET A 165 -1.32 -30.03 11.67
CA MET A 165 -0.58 -31.29 11.74
C MET A 165 -1.40 -32.40 12.39
N ASN A 166 -2.52 -32.04 12.99
CA ASN A 166 -3.37 -33.04 13.61
C ASN A 166 -4.58 -33.36 12.75
N MET A 167 -4.48 -33.03 11.46
CA MET A 167 -5.54 -33.30 10.51
C MET A 167 -4.91 -33.73 9.20
N VAL A 168 -5.56 -34.66 8.50
CA VAL A 168 -5.08 -35.12 7.21
C VAL A 168 -6.19 -34.88 6.20
N CYS A 169 -5.79 -34.82 4.93
CA CYS A 169 -6.67 -34.65 3.80
C CYS A 169 -6.53 -35.87 2.89
N ALA A 170 -7.66 -36.35 2.42
CA ALA A 170 -7.70 -37.51 1.54
C ALA A 170 -8.86 -37.29 0.59
N GLY A 171 -8.83 -38.02 -0.53
CA GLY A 171 -9.85 -37.91 -1.53
C GLY A 171 -9.26 -38.09 -2.90
N SER A 172 -9.40 -37.08 -3.74
CA SER A 172 -8.89 -37.15 -5.11
C SER A 172 -8.63 -35.75 -5.61
N LEU A 173 -7.58 -35.57 -6.40
CA LEU A 173 -7.30 -34.24 -6.93
C LEU A 173 -8.39 -33.81 -7.92
N ARG A 174 -8.84 -34.77 -8.74
CA ARG A 174 -9.88 -34.51 -9.72
C ARG A 174 -11.27 -34.50 -9.07
N GLY A 175 -11.33 -34.90 -7.81
CA GLY A 175 -12.60 -34.92 -7.12
C GLY A 175 -13.51 -36.08 -7.51
N GLY A 176 -14.69 -36.11 -6.91
CA GLY A 176 -15.65 -37.16 -7.20
C GLY A 176 -15.75 -38.26 -6.16
N ARG A 177 -14.65 -38.50 -5.47
CA ARG A 177 -14.57 -39.54 -4.44
C ARG A 177 -14.32 -38.86 -3.09
N ASP A 178 -15.32 -38.81 -2.24
CA ASP A 178 -15.14 -38.12 -0.97
C ASP A 178 -16.20 -38.54 0.04
N SER A 179 -15.95 -38.28 1.32
CA SER A 179 -16.94 -38.62 2.34
C SER A 179 -17.96 -37.50 2.36
N CYS A 180 -19.16 -37.74 2.88
CA CYS A 180 -20.20 -36.71 2.91
C CYS A 180 -20.99 -36.60 4.19
N ASN A 181 -21.90 -35.63 4.24
CA ASN A 181 -22.75 -35.45 5.42
C ASN A 181 -23.29 -36.81 5.82
N GLY A 182 -23.24 -37.13 7.11
CA GLY A 182 -23.72 -38.42 7.56
C GLY A 182 -22.56 -39.37 7.79
N ASP A 183 -21.47 -39.15 7.05
CA ASP A 183 -20.28 -39.97 7.18
C ASP A 183 -19.37 -39.45 8.29
N SER A 184 -19.78 -38.35 8.95
CA SER A 184 -18.99 -37.80 10.04
C SER A 184 -18.82 -38.86 11.11
N GLY A 185 -17.64 -38.92 11.71
CA GLY A 185 -17.42 -39.93 12.74
C GLY A 185 -16.86 -41.21 12.13
N SER A 186 -17.08 -41.40 10.84
CA SER A 186 -16.57 -42.61 10.20
C SER A 186 -15.05 -42.65 10.21
N PRO A 187 -14.48 -43.84 10.46
CA PRO A 187 -13.02 -44.06 10.52
C PRO A 187 -12.37 -44.07 9.13
N LEU A 188 -11.18 -43.46 9.04
CA LEU A 188 -10.41 -43.41 7.81
C LEU A 188 -9.40 -44.55 7.88
N LEU A 189 -9.45 -45.44 6.89
CA LEU A 189 -8.55 -46.59 6.84
C LEU A 189 -7.52 -46.42 5.72
N CYS A 190 -6.24 -46.52 6.06
CA CYS A 190 -5.15 -46.43 5.09
C CYS A 190 -4.25 -47.65 5.22
N GLU A 191 -3.94 -48.28 4.08
CA GLU A 191 -3.09 -49.44 4.08
C GLU A 191 -3.61 -50.51 5.08
N GLY A 192 -4.89 -50.44 5.38
CA GLY A 192 -5.47 -51.39 6.32
C GLY A 192 -5.34 -50.96 7.77
N VAL A 193 -4.92 -49.72 8.00
CA VAL A 193 -4.75 -49.21 9.37
C VAL A 193 -5.61 -47.97 9.69
N PHE A 194 -6.19 -47.99 10.88
CA PHE A 194 -7.02 -46.88 11.35
C PHE A 194 -6.11 -45.66 11.47
N ARG A 195 -6.30 -44.67 10.59
CA ARG A 195 -5.44 -43.48 10.63
C ARG A 195 -6.13 -42.17 10.94
N GLY A 196 -7.46 -42.12 10.90
CA GLY A 196 -8.14 -40.87 11.17
C GLY A 196 -9.65 -40.93 11.26
N VAL A 197 -10.26 -39.85 11.73
CA VAL A 197 -11.70 -39.77 11.87
C VAL A 197 -12.30 -38.67 11.00
N THR A 198 -13.35 -39.00 10.25
CA THR A 198 -14.01 -38.03 9.35
C THR A 198 -14.51 -36.81 10.10
N SER A 199 -14.15 -35.62 9.62
CA SER A 199 -14.57 -34.42 10.30
C SER A 199 -15.36 -33.43 9.47
N PHE A 200 -14.81 -33.01 8.33
CA PHE A 200 -15.53 -32.06 7.48
C PHE A 200 -14.96 -31.92 6.08
N GLY A 201 -15.69 -31.16 5.28
CA GLY A 201 -15.31 -30.90 3.91
C GLY A 201 -15.78 -29.49 3.62
N LEU A 202 -16.56 -29.32 2.57
CA LEU A 202 -17.14 -28.03 2.19
C LEU A 202 -18.65 -28.18 2.18
N GLU A 203 -19.31 -27.42 3.05
CA GLU A 203 -20.77 -27.45 3.16
C GLU A 203 -21.50 -27.74 1.84
N ASN A 204 -22.17 -28.89 1.79
CA ASN A 204 -22.92 -29.31 0.61
C ASN A 204 -22.08 -29.25 -0.66
N LYS A 205 -20.85 -29.73 -0.57
CA LYS A 205 -19.93 -29.76 -1.71
C LYS A 205 -18.91 -30.89 -1.53
N CYS A 206 -19.32 -32.01 -0.93
CA CYS A 206 -18.38 -33.10 -0.74
C CYS A 206 -18.07 -33.73 -2.10
N GLY A 207 -16.77 -33.88 -2.37
CA GLY A 207 -16.36 -34.44 -3.65
C GLY A 207 -15.73 -33.36 -4.51
N ASP A 208 -15.93 -32.11 -4.12
CA ASP A 208 -15.39 -30.97 -4.85
C ASP A 208 -13.86 -30.94 -4.66
N PRO A 209 -13.09 -30.96 -5.77
CA PRO A 209 -11.62 -30.94 -5.72
C PRO A 209 -11.07 -29.91 -4.76
N ARG A 210 -11.68 -28.73 -4.79
CA ARG A 210 -11.28 -27.61 -3.96
C ARG A 210 -11.35 -27.91 -2.46
N GLY A 211 -12.24 -28.82 -2.06
CA GLY A 211 -12.38 -29.16 -0.65
C GLY A 211 -12.30 -30.63 -0.30
N PRO A 212 -11.10 -31.24 -0.38
CA PRO A 212 -10.96 -32.66 -0.05
C PRO A 212 -11.29 -32.91 1.42
N GLY A 213 -11.75 -34.12 1.71
CA GLY A 213 -12.12 -34.49 3.08
C GLY A 213 -11.07 -34.27 4.15
N VAL A 214 -11.48 -33.69 5.26
CA VAL A 214 -10.53 -33.47 6.33
C VAL A 214 -10.80 -34.46 7.49
N TYR A 215 -9.75 -35.19 7.88
CA TYR A 215 -9.87 -36.19 8.94
C TYR A 215 -8.97 -35.94 10.14
N ILE A 216 -9.52 -36.07 11.33
CA ILE A 216 -8.67 -35.87 12.49
C ILE A 216 -7.64 -36.99 12.45
N LEU A 217 -6.36 -36.62 12.54
CA LEU A 217 -5.28 -37.60 12.52
C LEU A 217 -5.25 -38.28 13.87
N LEU A 218 -5.10 -39.60 13.90
CA LEU A 218 -5.01 -40.27 15.18
C LEU A 218 -3.55 -40.19 15.60
N SER A 219 -3.13 -39.01 16.06
CA SER A 219 -1.77 -38.75 16.49
C SER A 219 -1.55 -39.29 17.92
N LYS A 220 -0.37 -39.08 18.48
CA LYS A 220 -0.09 -39.57 19.83
C LYS A 220 -0.99 -38.90 20.87
N LYS A 221 -1.03 -37.57 20.84
CA LYS A 221 -1.86 -36.81 21.77
C LYS A 221 -3.30 -37.32 21.77
N HIS A 222 -3.84 -37.57 20.59
CA HIS A 222 -5.20 -38.06 20.45
C HIS A 222 -5.32 -39.48 20.95
N LEU A 223 -4.45 -40.37 20.46
CA LEU A 223 -4.48 -41.76 20.90
C LEU A 223 -4.37 -41.88 22.41
N ASN A 224 -3.48 -41.10 23.01
CA ASN A 224 -3.33 -41.14 24.46
C ASN A 224 -4.69 -40.80 25.09
N TRP A 225 -5.31 -39.70 24.68
CA TRP A 225 -6.60 -39.33 25.24
C TRP A 225 -7.61 -40.48 25.19
N ILE A 226 -7.59 -41.20 24.07
CA ILE A 226 -8.46 -42.33 23.87
C ILE A 226 -8.12 -43.44 24.90
N ILE A 227 -6.87 -43.92 24.86
CA ILE A 227 -6.42 -44.97 25.77
C ILE A 227 -6.53 -44.58 27.24
N MET A 228 -6.32 -43.31 27.53
CA MET A 228 -6.40 -42.80 28.89
C MET A 228 -7.84 -42.68 29.35
N THR A 229 -8.74 -42.39 28.42
CA THR A 229 -10.15 -42.24 28.75
C THR A 229 -10.84 -43.56 29.10
N ILE A 230 -10.62 -44.58 28.27
CA ILE A 230 -11.21 -45.89 28.51
C ILE A 230 -10.88 -46.41 29.91
N LYS A 231 -9.58 -46.55 30.20
CA LYS A 231 -9.15 -47.05 31.49
C LYS A 231 -9.87 -46.34 32.65
N GLY A 232 -10.06 -45.03 32.52
CA GLY A 232 -10.73 -44.27 33.55
C GLY A 232 -12.12 -44.81 33.82
N ALA A 233 -12.49 -44.87 35.10
CA ALA A 233 -13.80 -45.38 35.48
C ALA A 233 -14.60 -44.32 36.24
N VAL A 234 -13.91 -43.48 36.98
CA VAL A 234 -14.57 -42.42 37.74
C VAL A 234 -13.89 -41.08 37.49
N ILE B 1 14.69 -8.55 22.73
CA ILE B 1 14.21 -7.72 21.60
C ILE B 1 15.38 -7.40 20.70
N ILE B 2 15.18 -7.63 19.40
CA ILE B 2 16.23 -7.34 18.42
C ILE B 2 15.73 -6.30 17.44
N GLY B 3 16.58 -5.33 17.14
CA GLY B 3 16.23 -4.26 16.22
C GLY B 3 15.33 -3.20 16.84
N GLY B 4 15.34 -3.10 18.16
CA GLY B 4 14.52 -2.11 18.82
C GLY B 4 15.33 -1.07 19.56
N ASN B 5 14.72 -0.46 20.57
CA ASN B 5 15.41 0.56 21.36
C ASN B 5 14.99 0.49 22.82
N GLU B 6 15.84 1.02 23.70
CA GLU B 6 15.55 1.04 25.13
C GLU B 6 14.42 2.04 25.37
N VAL B 7 13.32 1.60 25.97
CA VAL B 7 12.20 2.50 26.23
C VAL B 7 12.52 3.45 27.37
N THR B 8 11.66 4.44 27.56
CA THR B 8 11.86 5.38 28.65
C THR B 8 11.51 4.62 29.92
N PRO B 9 12.40 4.69 30.93
CA PRO B 9 12.17 4.00 32.20
C PRO B 9 10.75 4.14 32.68
N HIS B 10 10.06 3.02 32.77
CA HIS B 10 8.69 2.93 33.25
C HIS B 10 7.64 3.53 32.33
N SER B 11 7.93 3.57 31.04
CA SER B 11 6.99 4.12 30.07
C SER B 11 6.04 3.03 29.56
N ARG B 12 6.18 1.82 30.11
CA ARG B 12 5.32 0.69 29.74
C ARG B 12 4.99 -0.02 31.04
N PRO B 13 4.39 0.71 31.99
CA PRO B 13 3.99 0.20 33.31
C PRO B 13 3.25 -1.13 33.42
N TYR B 14 2.81 -1.68 32.30
CA TYR B 14 2.09 -2.95 32.30
C TYR B 14 3.02 -4.15 32.14
N MET B 15 4.25 -3.89 31.74
CA MET B 15 5.22 -4.95 31.54
C MET B 15 5.66 -5.69 32.81
N VAL B 16 5.69 -7.00 32.70
CA VAL B 16 6.09 -7.81 33.82
C VAL B 16 7.38 -8.53 33.54
N LEU B 17 8.33 -8.42 34.46
CA LEU B 17 9.61 -9.09 34.30
C LEU B 17 9.52 -10.39 35.10
N LEU B 18 9.72 -11.51 34.42
CA LEU B 18 9.68 -12.81 35.08
C LEU B 18 11.08 -13.37 35.15
N SER B 19 11.62 -13.38 36.37
CA SER B 19 12.95 -13.91 36.62
C SER B 19 12.72 -15.36 37.03
N LEU B 20 12.85 -16.27 36.07
CA LEU B 20 12.64 -17.69 36.32
C LEU B 20 13.74 -18.28 37.18
N ASP B 21 14.97 -18.09 36.72
CA ASP B 21 16.14 -18.57 37.44
C ASP B 21 17.33 -17.72 37.07
N ARG B 22 18.52 -18.26 37.26
CA ARG B 22 19.76 -17.54 36.97
C ARG B 22 20.12 -17.61 35.49
N LYS B 23 19.52 -18.55 34.78
CA LYS B 23 19.83 -18.73 33.36
C LYS B 23 18.72 -18.29 32.40
N THR B 24 17.51 -18.09 32.92
CA THR B 24 16.41 -17.73 32.04
C THR B 24 15.39 -16.77 32.63
N ILE B 25 14.85 -15.89 31.79
CA ILE B 25 13.82 -14.96 32.21
C ILE B 25 12.75 -14.92 31.13
N CYS B 26 11.56 -14.46 31.49
CA CYS B 26 10.45 -14.35 30.55
C CYS B 26 9.79 -13.01 30.77
N ALA B 27 8.75 -12.71 30.00
CA ALA B 27 8.02 -11.46 30.16
C ALA B 27 6.55 -11.80 30.37
N GLY B 28 5.77 -10.79 30.74
CA GLY B 28 4.36 -11.00 30.97
C GLY B 28 3.65 -9.66 30.95
N ALA B 29 2.35 -9.72 31.23
CA ALA B 29 1.52 -8.53 31.25
C ALA B 29 0.60 -8.58 32.47
N LEU B 30 0.47 -7.46 33.17
CA LEU B 30 -0.41 -7.38 34.32
C LEU B 30 -1.81 -7.10 33.79
N ILE B 31 -2.67 -8.10 33.80
CA ILE B 31 -4.03 -7.91 33.32
C ILE B 31 -5.02 -7.68 34.44
N ALA B 32 -4.51 -7.70 35.67
CA ALA B 32 -5.35 -7.48 36.84
C ALA B 32 -4.42 -7.25 38.01
N LYS B 33 -4.94 -6.69 39.10
CA LYS B 33 -4.09 -6.42 40.25
C LYS B 33 -3.30 -7.64 40.68
N ASP B 34 -3.98 -8.79 40.72
CA ASP B 34 -3.32 -10.02 41.13
C ASP B 34 -3.27 -11.08 40.06
N TRP B 35 -3.16 -10.66 38.80
CA TRP B 35 -3.09 -11.59 37.68
C TRP B 35 -2.11 -11.18 36.59
N VAL B 36 -1.22 -12.10 36.23
CA VAL B 36 -0.24 -11.86 35.19
C VAL B 36 -0.42 -12.89 34.09
N LEU B 37 -0.46 -12.42 32.85
CA LEU B 37 -0.61 -13.28 31.68
C LEU B 37 0.77 -13.45 31.06
N THR B 38 1.19 -14.69 30.87
CA THR B 38 2.48 -14.98 30.28
C THR B 38 2.36 -16.21 29.39
N ALA B 39 3.49 -16.73 28.93
CA ALA B 39 3.50 -17.92 28.08
C ALA B 39 3.51 -19.20 28.95
N ALA B 40 2.87 -20.24 28.45
CA ALA B 40 2.82 -21.49 29.19
C ALA B 40 4.20 -22.16 29.24
N HIS B 41 4.98 -22.02 28.17
CA HIS B 41 6.30 -22.65 28.17
C HIS B 41 7.33 -21.97 29.09
N CYS B 42 6.96 -20.85 29.71
CA CYS B 42 7.86 -20.16 30.63
C CYS B 42 7.77 -20.88 31.98
N ASN B 43 8.78 -21.70 32.31
CA ASN B 43 8.78 -22.47 33.57
C ASN B 43 9.18 -21.67 34.79
N LEU B 44 8.38 -21.77 35.85
CA LEU B 44 8.66 -21.09 37.12
C LEU B 44 9.01 -22.08 38.21
N ASN B 45 9.87 -21.67 39.14
CA ASN B 45 10.27 -22.51 40.26
C ASN B 45 10.35 -21.67 41.53
N LYS B 46 11.00 -22.21 42.55
CA LYS B 46 11.14 -21.51 43.83
C LYS B 46 12.12 -20.35 43.72
N ARG B 47 12.94 -20.37 42.67
CA ARG B 47 13.92 -19.31 42.45
C ARG B 47 13.39 -18.22 41.54
N SER B 48 12.21 -18.42 40.97
CA SER B 48 11.60 -17.45 40.07
C SER B 48 11.07 -16.20 40.81
N GLN B 49 10.83 -15.13 40.06
CA GLN B 49 10.32 -13.87 40.61
C GLN B 49 9.48 -13.11 39.59
N VAL B 50 8.38 -12.53 40.07
CA VAL B 50 7.47 -11.76 39.24
C VAL B 50 7.69 -10.31 39.64
N ILE B 51 8.44 -9.56 38.82
CA ILE B 51 8.72 -8.15 39.12
C ILE B 51 7.92 -7.15 38.30
N LEU B 52 7.27 -6.22 39.00
CA LEU B 52 6.47 -5.18 38.36
C LEU B 52 7.17 -3.84 38.60
N GLY B 53 6.83 -2.84 37.78
CA GLY B 53 7.38 -1.50 37.88
C GLY B 53 8.90 -1.42 37.68
N ALA B 54 9.43 -2.35 36.90
CA ALA B 54 10.86 -2.41 36.68
C ALA B 54 11.35 -1.87 35.33
N HIS B 55 12.66 -1.62 35.25
CA HIS B 55 13.24 -1.18 34.00
C HIS B 55 14.51 -1.95 33.79
N SER B 56 15.33 -2.01 34.83
CA SER B 56 16.60 -2.73 34.82
C SER B 56 16.51 -3.97 35.68
N ILE B 57 17.05 -5.09 35.19
CA ILE B 57 17.01 -6.31 35.97
C ILE B 57 17.76 -6.09 37.28
N THR B 58 19.05 -5.77 37.17
CA THR B 58 19.92 -5.56 38.32
C THR B 58 19.61 -4.32 39.17
N ARG B 59 19.80 -3.14 38.60
CA ARG B 59 19.54 -1.91 39.32
C ARG B 59 18.44 -2.05 40.35
N GLU B 60 18.70 -1.53 41.54
CA GLU B 60 17.73 -1.58 42.63
C GLU B 60 16.77 -0.41 42.43
N GLU B 61 15.55 -0.67 41.98
CA GLU B 61 14.58 0.40 41.75
C GLU B 61 13.43 0.40 42.76
N PRO B 62 13.11 1.58 43.35
CA PRO B 62 12.03 1.70 44.32
C PRO B 62 10.65 1.46 43.73
N THR B 63 10.56 1.51 42.41
CA THR B 63 9.28 1.30 41.79
C THR B 63 8.99 -0.19 41.68
N LYS B 64 10.03 -1.01 41.64
CA LYS B 64 9.79 -2.44 41.50
C LYS B 64 8.91 -3.03 42.60
N GLN B 65 8.07 -3.97 42.19
CA GLN B 65 7.22 -4.66 43.13
C GLN B 65 7.44 -6.13 42.78
N ILE B 66 8.04 -6.85 43.74
CA ILE B 66 8.31 -8.26 43.55
C ILE B 66 7.16 -9.00 44.17
N MET B 67 6.40 -9.69 43.32
CA MET B 67 5.21 -10.41 43.74
C MET B 67 5.36 -11.94 43.74
N LEU B 68 4.45 -12.61 44.43
CA LEU B 68 4.50 -14.07 44.49
C LEU B 68 3.27 -14.67 43.82
N VAL B 69 3.49 -15.82 43.23
CA VAL B 69 2.46 -16.55 42.53
C VAL B 69 1.74 -17.45 43.50
N LYS B 70 0.46 -17.17 43.72
CA LYS B 70 -0.35 -17.96 44.62
C LYS B 70 -0.68 -19.29 43.94
N LYS B 71 -0.89 -19.27 42.63
CA LYS B 71 -1.22 -20.47 41.86
C LYS B 71 -1.05 -20.26 40.34
N GLU B 72 -0.53 -21.25 39.63
CA GLU B 72 -0.34 -21.15 38.19
C GLU B 72 -1.51 -21.77 37.43
N PHE B 73 -2.00 -21.03 36.42
CA PHE B 73 -3.11 -21.47 35.61
C PHE B 73 -2.73 -21.58 34.15
N PRO B 74 -2.08 -22.67 33.77
CA PRO B 74 -1.70 -22.82 32.37
C PRO B 74 -2.94 -23.12 31.53
N TYR B 75 -2.89 -22.77 30.26
CA TYR B 75 -4.02 -23.02 29.38
C TYR B 75 -4.21 -24.54 29.28
N PRO B 76 -5.33 -25.06 29.81
CA PRO B 76 -5.57 -26.51 29.75
C PRO B 76 -5.36 -27.19 28.38
N CYS B 77 -5.49 -26.43 27.29
CA CYS B 77 -5.30 -27.01 25.97
C CYS B 77 -3.93 -26.72 25.35
N TYR B 78 -3.01 -26.30 26.20
CA TYR B 78 -1.66 -26.01 25.75
C TYR B 78 -1.08 -27.29 25.14
N ASP B 79 -0.39 -27.13 24.01
CA ASP B 79 0.22 -28.27 23.34
C ASP B 79 1.68 -27.90 23.23
N PRO B 80 2.49 -28.30 24.22
CA PRO B 80 3.92 -27.99 24.22
C PRO B 80 4.68 -28.41 22.96
N ALA B 81 4.04 -29.23 22.12
CA ALA B 81 4.66 -29.72 20.90
C ALA B 81 4.74 -28.68 19.79
N THR B 82 3.70 -27.88 19.70
CA THR B 82 3.62 -26.85 18.67
C THR B 82 3.55 -25.46 19.30
N ARG B 83 3.30 -25.42 20.62
CA ARG B 83 3.20 -24.20 21.38
C ARG B 83 1.85 -23.53 21.13
N GLU B 84 0.85 -24.35 20.83
CA GLU B 84 -0.50 -23.87 20.59
C GLU B 84 -1.16 -23.56 21.92
N GLY B 85 -1.90 -22.46 21.97
CA GLY B 85 -2.51 -22.07 23.23
C GLY B 85 -1.43 -21.94 24.29
N ASP B 86 -0.27 -21.39 23.89
CA ASP B 86 0.88 -21.19 24.79
C ASP B 86 0.60 -20.01 25.69
N LEU B 87 -0.35 -20.20 26.60
CA LEU B 87 -0.75 -19.15 27.53
C LEU B 87 -0.82 -19.71 28.94
N LYS B 88 -0.44 -18.90 29.92
CA LYS B 88 -0.49 -19.28 31.33
C LYS B 88 -0.83 -18.06 32.17
N LEU B 89 -1.74 -18.23 33.13
CA LEU B 89 -2.15 -17.15 34.00
C LEU B 89 -1.53 -17.26 35.39
N LEU B 90 -0.95 -16.17 35.88
CA LEU B 90 -0.34 -16.17 37.19
C LEU B 90 -1.18 -15.41 38.23
N GLN B 91 -1.73 -16.14 39.21
CA GLN B 91 -2.51 -15.48 40.25
C GLN B 91 -1.51 -15.05 41.30
N LEU B 92 -1.55 -13.78 41.68
CA LEU B 92 -0.61 -13.29 42.67
C LEU B 92 -1.11 -13.48 44.10
N THR B 93 -0.18 -13.76 45.02
CA THR B 93 -0.58 -13.97 46.42
C THR B 93 -1.09 -12.69 47.06
N GLU B 94 -0.84 -11.56 46.41
CA GLU B 94 -1.30 -10.28 46.94
C GLU B 94 -1.56 -9.29 45.80
N LYS B 95 -2.53 -8.41 45.96
CA LYS B 95 -2.83 -7.45 44.91
C LYS B 95 -1.67 -6.48 44.68
N ALA B 96 -1.34 -6.23 43.41
CA ALA B 96 -0.27 -5.29 43.10
C ALA B 96 -0.79 -3.89 43.40
N LYS B 97 0.09 -3.01 43.87
CA LYS B 97 -0.29 -1.64 44.16
C LYS B 97 -0.24 -0.86 42.87
N ILE B 98 -1.43 -0.56 42.34
CA ILE B 98 -1.55 0.16 41.09
C ILE B 98 -1.19 1.63 41.26
N ASN B 99 -0.28 2.09 40.42
CA ASN B 99 0.15 3.47 40.44
C ASN B 99 0.53 3.95 39.03
N LYS B 100 1.46 4.89 38.95
CA LYS B 100 1.89 5.44 37.68
C LYS B 100 2.90 4.57 37.00
N TYR B 101 3.65 3.80 37.77
CA TYR B 101 4.67 2.96 37.19
C TYR B 101 4.30 1.50 37.05
N VAL B 102 3.17 1.14 37.67
CA VAL B 102 2.65 -0.23 37.66
C VAL B 102 1.16 -0.10 37.35
N THR B 103 0.77 -0.55 36.15
CA THR B 103 -0.61 -0.45 35.70
C THR B 103 -1.08 -1.71 35.01
N ILE B 104 -2.39 -1.78 34.82
CA ILE B 104 -3.04 -2.92 34.17
C ILE B 104 -3.20 -2.77 32.65
N LEU B 105 -2.99 -3.86 31.91
CA LEU B 105 -3.16 -3.89 30.47
C LEU B 105 -4.49 -4.60 30.21
N HIS B 106 -5.49 -3.84 29.75
CA HIS B 106 -6.82 -4.40 29.49
C HIS B 106 -6.90 -5.35 28.32
N LEU B 107 -7.68 -6.41 28.51
CA LEU B 107 -7.88 -7.43 27.49
C LEU B 107 -8.66 -6.89 26.29
N PRO B 108 -8.48 -7.52 25.12
CA PRO B 108 -9.16 -7.12 23.89
C PRO B 108 -10.66 -7.27 24.09
N LYS B 109 -11.42 -6.24 23.73
CA LYS B 109 -12.85 -6.36 23.87
C LYS B 109 -13.42 -7.42 22.94
N LYS B 110 -12.68 -7.75 21.88
CA LYS B 110 -13.14 -8.76 20.93
C LYS B 110 -11.95 -9.61 20.48
N GLY B 111 -12.20 -10.88 20.20
CA GLY B 111 -11.13 -11.77 19.79
C GLY B 111 -10.96 -11.98 18.30
N ASP B 112 -10.97 -10.89 17.54
CA ASP B 112 -10.81 -10.98 16.10
C ASP B 112 -9.33 -11.00 15.69
N ASP B 113 -9.04 -11.64 14.57
CA ASP B 113 -7.67 -11.74 14.08
C ASP B 113 -7.09 -10.38 13.74
N VAL B 114 -5.78 -10.33 13.51
CA VAL B 114 -5.11 -9.09 13.18
C VAL B 114 -4.74 -9.07 11.71
N LYS B 115 -5.21 -8.05 11.01
CA LYS B 115 -4.96 -7.93 9.58
C LYS B 115 -3.48 -7.72 9.25
N PRO B 116 -2.99 -8.39 8.20
CA PRO B 116 -1.61 -8.29 7.77
C PRO B 116 -1.26 -6.83 7.53
N GLY B 117 -0.04 -6.44 7.86
CA GLY B 117 0.36 -5.07 7.66
C GLY B 117 0.11 -4.23 8.89
N THR B 118 -0.66 -4.74 9.83
CA THR B 118 -0.90 -3.94 11.03
C THR B 118 0.41 -3.73 11.78
N MET B 119 0.56 -2.57 12.39
CA MET B 119 1.78 -2.29 13.12
C MET B 119 1.56 -2.69 14.58
N CYS B 120 2.58 -3.33 15.16
CA CYS B 120 2.51 -3.78 16.53
C CYS B 120 3.84 -3.49 17.25
N GLN B 121 3.83 -3.50 18.59
CA GLN B 121 5.07 -3.25 19.33
C GLN B 121 5.31 -4.44 20.26
N VAL B 122 6.55 -4.64 20.69
CA VAL B 122 6.87 -5.74 21.60
C VAL B 122 8.01 -5.31 22.52
N ALA B 123 7.77 -5.40 23.82
CA ALA B 123 8.79 -5.03 24.79
C ALA B 123 9.34 -6.25 25.52
N GLY B 124 10.52 -6.11 26.10
CA GLY B 124 11.12 -7.23 26.80
C GLY B 124 12.57 -7.07 27.19
N TRP B 125 13.03 -7.97 28.04
CA TRP B 125 14.40 -7.95 28.51
C TRP B 125 15.24 -9.04 27.88
N GLY B 126 14.75 -9.60 26.79
CA GLY B 126 15.48 -10.67 26.11
C GLY B 126 16.76 -10.20 25.46
N ARG B 127 17.46 -11.13 24.83
CA ARG B 127 18.71 -10.80 24.17
C ARG B 127 18.51 -9.92 22.92
N THR B 128 19.58 -9.24 22.53
CA THR B 128 19.52 -8.38 21.36
C THR B 128 20.46 -8.92 20.27
N HIS B 129 20.73 -8.10 19.26
CA HIS B 129 21.61 -8.50 18.17
C HIS B 129 23.04 -8.64 18.63
N ASN B 130 23.62 -7.53 19.05
CA ASN B 130 25.00 -7.52 19.51
C ASN B 130 25.10 -7.94 20.98
N SER B 131 24.61 -9.14 21.29
CA SER B 131 24.66 -9.66 22.64
C SER B 131 24.11 -11.08 22.67
N ALA B 132 24.51 -11.85 23.68
CA ALA B 132 24.06 -13.22 23.84
C ALA B 132 23.17 -13.36 25.07
N SER B 133 23.45 -12.53 26.08
CA SER B 133 22.68 -12.55 27.31
C SER B 133 21.50 -11.60 27.20
N TRP B 134 20.64 -11.60 28.20
CA TRP B 134 19.48 -10.74 28.20
C TRP B 134 19.85 -9.26 28.32
N SER B 135 18.89 -8.38 28.01
CA SER B 135 19.11 -6.95 28.11
C SER B 135 18.77 -6.51 29.52
N ASP B 136 19.68 -5.76 30.14
CA ASP B 136 19.46 -5.29 31.50
C ASP B 136 18.29 -4.30 31.56
N THR B 137 18.15 -3.48 30.53
CA THR B 137 17.07 -2.51 30.49
C THR B 137 15.98 -2.93 29.49
N LEU B 138 14.74 -2.63 29.83
CA LEU B 138 13.60 -2.96 29.00
C LEU B 138 13.81 -2.41 27.59
N ARG B 139 13.40 -3.17 26.57
CA ARG B 139 13.54 -2.72 25.20
C ARG B 139 12.28 -3.05 24.43
N GLU B 140 11.99 -2.28 23.40
CA GLU B 140 10.82 -2.50 22.58
C GLU B 140 11.13 -2.28 21.10
N VAL B 141 10.48 -3.06 20.25
CA VAL B 141 10.70 -2.92 18.83
C VAL B 141 9.36 -2.84 18.12
N ASN B 142 9.35 -2.12 17.03
CA ASN B 142 8.14 -1.97 16.24
C ASN B 142 8.18 -3.03 15.16
N ILE B 143 7.08 -3.76 15.00
CA ILE B 143 7.02 -4.80 13.97
C ILE B 143 5.69 -4.77 13.21
N THR B 144 5.53 -5.69 12.26
CA THR B 144 4.32 -5.76 11.43
C THR B 144 3.87 -7.21 11.28
N ILE B 145 2.58 -7.49 11.42
CA ILE B 145 2.18 -8.87 11.28
C ILE B 145 2.26 -9.34 9.83
N ILE B 146 2.80 -10.54 9.66
CA ILE B 146 2.96 -11.15 8.36
C ILE B 146 1.75 -12.01 8.14
N ASP B 147 1.26 -12.02 6.91
CA ASP B 147 0.10 -12.82 6.57
C ASP B 147 0.38 -14.27 6.99
N ARG B 148 -0.50 -14.88 7.76
CA ARG B 148 -0.24 -16.23 8.20
C ARG B 148 -0.02 -17.24 7.08
N LYS B 149 -0.45 -16.92 5.87
CA LYS B 149 -0.24 -17.84 4.75
C LYS B 149 1.24 -17.79 4.39
N VAL B 150 1.81 -16.60 4.54
CA VAL B 150 3.23 -16.34 4.25
C VAL B 150 4.08 -16.92 5.39
N CYS B 151 3.52 -16.84 6.58
CA CYS B 151 4.13 -17.35 7.79
C CYS B 151 4.36 -18.88 7.67
N ASN B 152 3.54 -19.52 6.83
CA ASN B 152 3.60 -20.95 6.60
C ASN B 152 4.35 -21.35 5.30
N ASP B 153 4.60 -20.40 4.39
CA ASP B 153 5.28 -20.72 3.12
C ASP B 153 6.75 -21.15 3.26
N ARG B 154 7.33 -21.59 2.15
CA ARG B 154 8.71 -22.06 2.12
C ARG B 154 9.74 -21.04 2.58
N ASN B 155 9.44 -19.74 2.42
CA ASN B 155 10.40 -18.74 2.86
C ASN B 155 10.33 -18.53 4.37
N HIS B 156 9.42 -19.24 5.02
CA HIS B 156 9.27 -19.09 6.47
C HIS B 156 9.18 -20.39 7.27
N TYR B 157 8.21 -20.52 8.16
CA TYR B 157 8.10 -21.72 8.98
C TYR B 157 7.85 -23.00 8.18
N ASN B 158 7.34 -22.85 6.96
CA ASN B 158 7.08 -23.96 6.05
C ASN B 158 6.47 -25.21 6.68
N PHE B 159 5.31 -25.05 7.30
CA PHE B 159 4.62 -26.16 7.94
C PHE B 159 5.48 -26.89 8.97
N ASN B 160 6.48 -26.19 9.53
CA ASN B 160 7.37 -26.77 10.53
C ASN B 160 7.83 -25.72 11.54
N PRO B 161 6.97 -25.36 12.49
CA PRO B 161 5.61 -25.85 12.67
C PRO B 161 4.56 -25.08 11.89
N VAL B 162 3.32 -25.53 12.04
CA VAL B 162 2.20 -24.88 11.40
C VAL B 162 1.69 -23.76 12.29
N ILE B 163 1.35 -22.64 11.66
CA ILE B 163 0.80 -21.48 12.37
C ILE B 163 -0.72 -21.55 12.16
N GLY B 164 -1.46 -21.90 13.21
CA GLY B 164 -2.91 -22.00 13.13
C GLY B 164 -3.62 -20.67 13.25
N MET B 165 -4.94 -20.68 13.15
CA MET B 165 -5.76 -19.45 13.22
C MET B 165 -5.82 -18.78 14.58
N ASN B 166 -5.19 -19.41 15.58
CA ASN B 166 -5.12 -18.85 16.93
C ASN B 166 -3.69 -18.34 17.17
N MET B 167 -2.96 -18.10 16.09
CA MET B 167 -1.60 -17.57 16.20
C MET B 167 -1.37 -16.48 15.16
N VAL B 168 -0.50 -15.54 15.48
CA VAL B 168 -0.17 -14.49 14.53
C VAL B 168 1.34 -14.44 14.35
N CYS B 169 1.70 -13.99 13.17
CA CYS B 169 3.09 -13.84 12.80
C CYS B 169 3.32 -12.35 12.82
N ALA B 170 4.54 -11.94 13.14
CA ALA B 170 4.85 -10.52 13.11
C ALA B 170 6.36 -10.38 13.17
N GLY B 171 6.85 -9.30 12.57
CA GLY B 171 8.27 -9.05 12.55
C GLY B 171 8.66 -8.16 11.39
N SER B 172 9.37 -8.73 10.41
CA SER B 172 9.84 -8.00 9.22
C SER B 172 10.23 -9.00 8.15
N LEU B 173 9.77 -8.79 6.92
CA LEU B 173 10.14 -9.70 5.85
C LEU B 173 11.64 -9.67 5.63
N ARG B 174 12.29 -8.59 6.05
CA ARG B 174 13.72 -8.46 5.91
C ARG B 174 14.41 -8.97 7.17
N GLY B 175 13.67 -8.98 8.29
CA GLY B 175 14.23 -9.43 9.54
C GLY B 175 14.87 -8.29 10.30
N GLY B 176 15.54 -8.61 11.41
CA GLY B 176 16.19 -7.58 12.21
C GLY B 176 15.28 -7.00 13.27
N ARG B 177 13.97 -7.04 13.02
CA ARG B 177 12.97 -6.51 13.95
C ARG B 177 12.24 -7.71 14.57
N ASP B 178 12.52 -7.99 15.84
CA ASP B 178 11.89 -9.15 16.44
C ASP B 178 12.13 -9.31 17.94
N SER B 179 11.39 -10.23 18.54
CA SER B 179 11.53 -10.55 19.96
C SER B 179 12.42 -11.81 20.05
N CYS B 180 13.25 -11.89 21.09
CA CYS B 180 14.15 -13.04 21.23
C CYS B 180 13.92 -13.89 22.47
N ASN B 181 14.94 -14.66 22.82
CA ASN B 181 14.87 -15.50 24.00
C ASN B 181 14.85 -14.57 25.21
N GLY B 182 13.84 -14.72 26.05
CA GLY B 182 13.72 -13.89 27.21
C GLY B 182 12.50 -12.99 27.10
N ASP B 183 12.05 -12.78 25.86
CA ASP B 183 10.88 -11.95 25.63
C ASP B 183 9.62 -12.82 25.62
N SER B 184 9.78 -14.14 25.69
CA SER B 184 8.60 -15.00 25.67
C SER B 184 7.58 -14.57 26.70
N GLY B 185 6.31 -14.56 26.30
CA GLY B 185 5.24 -14.16 27.19
C GLY B 185 4.95 -12.67 27.14
N SER B 186 5.89 -11.92 26.56
CA SER B 186 5.69 -10.48 26.43
C SER B 186 4.39 -10.17 25.70
N PRO B 187 3.60 -9.22 26.21
CA PRO B 187 2.35 -8.90 25.54
C PRO B 187 2.53 -8.19 24.17
N LEU B 188 1.88 -8.74 23.15
CA LEU B 188 1.95 -8.16 21.81
C LEU B 188 0.85 -7.12 21.63
N LEU B 189 1.24 -5.85 21.44
CA LEU B 189 0.29 -4.75 21.23
C LEU B 189 0.28 -4.28 19.77
N CYS B 190 -0.91 -4.24 19.19
CA CYS B 190 -1.08 -3.81 17.81
C CYS B 190 -1.99 -2.61 17.79
N GLU B 191 -1.48 -1.51 17.28
CA GLU B 191 -2.25 -0.29 17.23
C GLU B 191 -2.73 0.11 18.62
N GLY B 192 -1.90 -0.18 19.62
CA GLY B 192 -2.20 0.19 20.99
C GLY B 192 -3.16 -0.70 21.75
N VAL B 193 -3.43 -1.89 21.22
CA VAL B 193 -4.33 -2.83 21.87
C VAL B 193 -3.70 -4.22 22.01
N PHE B 194 -3.79 -4.77 23.22
CA PHE B 194 -3.29 -6.10 23.57
C PHE B 194 -3.93 -7.11 22.62
N ARG B 195 -3.14 -7.79 21.80
CA ARG B 195 -3.67 -8.79 20.87
C ARG B 195 -3.03 -10.18 20.92
N GLY B 196 -1.85 -10.29 21.52
CA GLY B 196 -1.19 -11.59 21.58
C GLY B 196 -0.11 -11.75 22.62
N VAL B 197 0.37 -12.98 22.76
CA VAL B 197 1.42 -13.30 23.73
C VAL B 197 2.61 -13.86 22.98
N THR B 198 3.79 -13.30 23.24
CA THR B 198 4.98 -13.76 22.55
C THR B 198 5.18 -15.23 22.80
N SER B 199 5.24 -16.01 21.73
CA SER B 199 5.42 -17.43 21.93
C SER B 199 6.73 -17.99 21.42
N PHE B 200 7.04 -17.84 20.13
CA PHE B 200 8.29 -18.39 19.64
C PHE B 200 8.75 -17.93 18.26
N GLY B 201 9.99 -18.29 17.96
CA GLY B 201 10.60 -17.97 16.68
C GLY B 201 11.58 -19.09 16.38
N LEU B 202 12.55 -18.82 15.50
CA LEU B 202 13.55 -19.84 15.17
C LEU B 202 14.66 -19.82 16.23
N GLU B 203 14.95 -20.98 16.79
CA GLU B 203 15.98 -21.12 17.82
C GLU B 203 17.30 -20.51 17.36
N ASN B 204 17.85 -19.63 18.21
CA ASN B 204 19.10 -18.94 17.93
C ASN B 204 19.07 -18.10 16.66
N LYS B 205 17.95 -18.14 15.96
CA LYS B 205 17.79 -17.38 14.72
C LYS B 205 16.80 -16.23 14.89
N CYS B 206 16.96 -15.49 15.98
CA CYS B 206 16.11 -14.34 16.27
C CYS B 206 16.41 -13.22 15.28
N GLY B 207 15.38 -12.71 14.62
CA GLY B 207 15.56 -11.64 13.66
C GLY B 207 15.78 -12.19 12.26
N ASP B 208 15.94 -13.49 12.17
CA ASP B 208 16.13 -14.13 10.87
C ASP B 208 14.82 -14.08 10.08
N PRO B 209 14.87 -13.65 8.81
CA PRO B 209 13.68 -13.55 7.95
C PRO B 209 12.77 -14.79 7.94
N ARG B 210 13.36 -15.97 7.99
CA ARG B 210 12.59 -17.22 7.96
C ARG B 210 11.83 -17.50 9.26
N GLY B 211 12.24 -16.86 10.36
CA GLY B 211 11.58 -17.08 11.63
C GLY B 211 10.87 -15.90 12.25
N PRO B 212 9.95 -15.27 11.53
CA PRO B 212 9.29 -14.13 12.17
C PRO B 212 8.59 -14.53 13.47
N GLY B 213 8.50 -13.60 14.41
CA GLY B 213 7.85 -13.89 15.67
C GLY B 213 6.45 -14.46 15.54
N VAL B 214 6.11 -15.35 16.47
CA VAL B 214 4.81 -16.02 16.53
C VAL B 214 4.18 -15.71 17.88
N TYR B 215 2.95 -15.19 17.85
CA TYR B 215 2.22 -14.77 19.05
C TYR B 215 0.85 -15.46 19.16
N ILE B 216 0.46 -15.85 20.37
CA ILE B 216 -0.84 -16.48 20.58
C ILE B 216 -1.86 -15.36 20.52
N LEU B 217 -2.79 -15.50 19.59
CA LEU B 217 -3.83 -14.50 19.39
C LEU B 217 -4.83 -14.58 20.52
N LEU B 218 -5.24 -13.42 21.01
CA LEU B 218 -6.24 -13.38 22.06
C LEU B 218 -7.58 -13.49 21.35
N SER B 219 -7.86 -14.70 20.87
CA SER B 219 -9.12 -14.96 20.17
C SER B 219 -10.27 -15.09 21.16
N LYS B 220 -11.49 -15.24 20.65
CA LYS B 220 -12.67 -15.37 21.52
C LYS B 220 -12.53 -16.53 22.49
N LYS B 221 -12.01 -17.65 21.99
CA LYS B 221 -11.81 -18.82 22.79
C LYS B 221 -10.89 -18.49 23.97
N HIS B 222 -9.65 -18.13 23.66
CA HIS B 222 -8.67 -17.78 24.69
C HIS B 222 -9.20 -16.73 25.65
N LEU B 223 -9.88 -15.72 25.11
CA LEU B 223 -10.44 -14.66 25.94
C LEU B 223 -11.46 -15.20 26.94
N ASN B 224 -12.37 -16.03 26.46
CA ASN B 224 -13.38 -16.60 27.33
C ASN B 224 -12.73 -17.42 28.47
N TRP B 225 -11.63 -18.14 28.18
CA TRP B 225 -10.98 -18.92 29.22
C TRP B 225 -10.33 -17.99 30.26
N ILE B 226 -9.58 -17.00 29.77
CA ILE B 226 -8.93 -16.06 30.66
C ILE B 226 -9.95 -15.44 31.61
N ILE B 227 -11.05 -14.90 31.09
CA ILE B 227 -12.06 -14.27 31.93
C ILE B 227 -12.71 -15.24 32.90
N MET B 228 -12.90 -16.47 32.44
CA MET B 228 -13.51 -17.50 33.25
C MET B 228 -12.60 -17.88 34.42
N THR B 229 -11.28 -17.83 34.19
CA THR B 229 -10.31 -18.17 35.23
C THR B 229 -10.16 -17.06 36.28
N ILE B 230 -10.18 -15.80 35.85
CA ILE B 230 -10.05 -14.72 36.81
C ILE B 230 -11.19 -14.74 37.83
N LYS B 231 -12.41 -14.98 37.35
CA LYS B 231 -13.59 -15.00 38.22
C LYS B 231 -13.87 -16.37 38.83
N GLY B 232 -13.34 -17.41 38.20
CA GLY B 232 -13.56 -18.77 38.67
C GLY B 232 -12.88 -19.06 39.99
N ALA B 233 -11.75 -18.41 40.24
CA ALA B 233 -11.00 -18.58 41.48
C ALA B 233 -11.48 -17.61 42.55
N VAL B 234 -11.85 -18.13 43.71
CA VAL B 234 -12.34 -17.33 44.83
C VAL B 234 -13.09 -16.07 44.40
N ILE C 1 -51.54 39.48 -7.66
CA ILE C 1 -50.98 40.83 -7.35
C ILE C 1 -51.99 41.61 -6.53
N ILE C 2 -51.53 42.18 -5.43
CA ILE C 2 -52.40 42.96 -4.58
C ILE C 2 -51.88 44.39 -4.53
N GLY C 3 -52.80 45.35 -4.63
CA GLY C 3 -52.44 46.74 -4.59
C GLY C 3 -51.88 47.25 -5.91
N GLY C 4 -52.17 46.55 -6.99
CA GLY C 4 -51.66 46.98 -8.29
C GLY C 4 -52.77 47.38 -9.26
N ASN C 5 -52.49 47.28 -10.54
CA ASN C 5 -53.47 47.63 -11.57
C ASN C 5 -53.34 46.71 -12.78
N GLU C 6 -54.42 46.60 -13.54
CA GLU C 6 -54.42 45.78 -14.75
C GLU C 6 -53.54 46.47 -15.79
N VAL C 7 -52.52 45.78 -16.30
CA VAL C 7 -51.65 46.37 -17.30
C VAL C 7 -52.33 46.45 -18.64
N THR C 8 -51.71 47.16 -19.58
CA THR C 8 -52.25 47.26 -20.91
C THR C 8 -52.06 45.90 -21.57
N PRO C 9 -53.11 45.35 -22.16
CA PRO C 9 -53.03 44.05 -22.82
C PRO C 9 -51.77 43.91 -23.65
N HIS C 10 -50.94 42.95 -23.27
CA HIS C 10 -49.69 42.64 -23.95
C HIS C 10 -48.60 43.70 -23.83
N SER C 11 -48.64 44.47 -22.76
CA SER C 11 -47.62 45.51 -22.55
C SER C 11 -46.42 44.94 -21.78
N ARG C 12 -46.45 43.64 -21.50
CA ARG C 12 -45.36 42.96 -20.78
C ARG C 12 -45.16 41.63 -21.47
N PRO C 13 -44.90 41.66 -22.79
CA PRO C 13 -44.70 40.48 -23.64
C PRO C 13 -43.79 39.36 -23.14
N TYR C 14 -43.04 39.60 -22.08
CA TYR C 14 -42.14 38.58 -21.53
C TYR C 14 -42.81 37.69 -20.48
N MET C 15 -43.98 38.11 -20.01
CA MET C 15 -44.71 37.34 -19.00
C MET C 15 -45.24 36.00 -19.48
N VAL C 16 -45.06 34.99 -18.63
CA VAL C 16 -45.52 33.66 -18.95
C VAL C 16 -46.58 33.24 -17.98
N LEU C 17 -47.70 32.76 -18.53
CA LEU C 17 -48.79 32.30 -17.70
C LEU C 17 -48.64 30.78 -17.62
N LEU C 18 -48.52 30.26 -16.39
CA LEU C 18 -48.39 28.82 -16.20
C LEU C 18 -49.66 28.29 -15.57
N SER C 19 -50.42 27.56 -16.38
CA SER C 19 -51.65 26.96 -15.94
C SER C 19 -51.29 25.54 -15.50
N LEU C 20 -51.06 25.38 -14.20
CA LEU C 20 -50.67 24.09 -13.63
C LEU C 20 -51.82 23.11 -13.68
N ASP C 21 -52.96 23.50 -13.11
CA ASP C 21 -54.14 22.67 -13.10
C ASP C 21 -55.36 23.55 -13.00
N ARG C 22 -56.46 22.97 -12.53
CA ARG C 22 -57.71 23.70 -12.39
C ARG C 22 -57.76 24.53 -11.11
N LYS C 23 -56.89 24.20 -10.17
CA LYS C 23 -56.89 24.90 -8.88
C LYS C 23 -55.69 25.83 -8.67
N THR C 24 -54.67 25.70 -9.49
CA THR C 24 -53.50 26.53 -9.30
C THR C 24 -52.78 26.97 -10.56
N ILE C 25 -52.24 28.19 -10.53
CA ILE C 25 -51.48 28.70 -11.65
C ILE C 25 -50.25 29.41 -11.09
N CYS C 26 -49.24 29.59 -11.94
CA CYS C 26 -48.00 30.27 -11.56
C CYS C 26 -47.62 31.21 -12.67
N ALA C 27 -46.52 31.94 -12.49
CA ALA C 27 -46.06 32.87 -13.52
C ALA C 27 -44.61 32.50 -13.86
N GLY C 28 -44.10 33.11 -14.92
CA GLY C 28 -42.75 32.84 -15.35
C GLY C 28 -42.27 33.94 -16.28
N ALA C 29 -41.05 33.77 -16.78
CA ALA C 29 -40.45 34.73 -17.69
C ALA C 29 -39.80 33.99 -18.85
N LEU C 30 -40.00 34.48 -20.06
CA LEU C 30 -39.40 33.87 -21.24
C LEU C 30 -37.99 34.43 -21.35
N ILE C 31 -36.99 33.62 -21.01
CA ILE C 31 -35.61 34.10 -21.08
C ILE C 31 -34.92 33.63 -22.35
N ALA C 32 -35.65 32.88 -23.17
CA ALA C 32 -35.11 32.37 -24.42
C ALA C 32 -36.28 31.84 -25.23
N LYS C 33 -36.08 31.67 -26.53
CA LYS C 33 -37.16 31.19 -27.37
C LYS C 33 -37.80 29.93 -26.82
N ASP C 34 -36.97 28.99 -26.39
CA ASP C 34 -37.49 27.74 -25.84
C ASP C 34 -37.15 27.52 -24.36
N TRP C 35 -37.09 28.61 -23.59
CA TRP C 35 -36.78 28.51 -22.17
C TRP C 35 -37.58 29.47 -21.30
N VAL C 36 -38.22 28.92 -20.27
CA VAL C 36 -39.01 29.71 -19.35
C VAL C 36 -38.45 29.55 -17.94
N LEU C 37 -38.24 30.66 -17.25
CA LEU C 37 -37.72 30.66 -15.89
C LEU C 37 -38.90 30.87 -14.94
N THR C 38 -39.06 29.96 -13.98
CA THR C 38 -40.14 30.06 -13.02
C THR C 38 -39.65 29.58 -11.67
N ALA C 39 -40.57 29.40 -10.72
CA ALA C 39 -40.22 28.95 -9.38
C ALA C 39 -40.18 27.43 -9.32
N ALA C 40 -39.28 26.88 -8.51
CA ALA C 40 -39.19 25.44 -8.39
C ALA C 40 -40.41 24.85 -7.69
N HIS C 41 -41.01 25.58 -6.76
CA HIS C 41 -42.16 25.05 -6.06
C HIS C 41 -43.44 25.04 -6.89
N CYS C 42 -43.37 25.56 -8.11
CA CYS C 42 -44.55 25.56 -8.97
C CYS C 42 -44.60 24.18 -9.65
N ASN C 43 -45.51 23.31 -9.20
CA ASN C 43 -45.62 21.96 -9.75
C ASN C 43 -46.39 21.86 -11.06
N LEU C 44 -45.80 21.17 -12.03
CA LEU C 44 -46.44 20.98 -13.34
C LEU C 44 -46.82 19.52 -13.55
N ASN C 45 -47.90 19.28 -14.29
CA ASN C 45 -48.36 17.93 -14.59
C ASN C 45 -48.70 17.82 -16.07
N LYS C 46 -49.00 16.60 -16.52
CA LYS C 46 -49.32 16.34 -17.93
C LYS C 46 -50.28 17.33 -18.58
N ARG C 47 -51.12 17.96 -17.77
CA ARG C 47 -52.10 18.92 -18.26
C ARG C 47 -51.67 20.36 -18.03
N SER C 48 -50.38 20.57 -17.81
CA SER C 48 -49.88 21.91 -17.57
C SER C 48 -49.41 22.50 -18.89
N GLN C 49 -49.78 23.75 -19.13
CA GLN C 49 -49.40 24.44 -20.36
C GLN C 49 -48.65 25.71 -20.03
N VAL C 50 -47.74 26.09 -20.93
CA VAL C 50 -46.96 27.31 -20.77
C VAL C 50 -47.58 28.27 -21.76
N ILE C 51 -48.33 29.25 -21.25
CA ILE C 51 -49.02 30.21 -22.11
C ILE C 51 -48.28 31.53 -22.29
N LEU C 52 -47.85 31.79 -23.52
CA LEU C 52 -47.14 33.03 -23.83
C LEU C 52 -48.08 34.01 -24.52
N GLY C 53 -47.68 35.28 -24.50
CA GLY C 53 -48.46 36.33 -25.12
C GLY C 53 -49.90 36.36 -24.65
N ALA C 54 -50.12 36.23 -23.34
CA ALA C 54 -51.47 36.21 -22.79
C ALA C 54 -51.76 37.46 -22.00
N HIS C 55 -53.03 37.67 -21.68
CA HIS C 55 -53.43 38.82 -20.87
C HIS C 55 -54.61 38.37 -20.03
N SER C 56 -55.40 37.47 -20.60
CA SER C 56 -56.57 36.92 -19.92
C SER C 56 -56.51 35.40 -19.90
N ILE C 57 -56.89 34.80 -18.77
CA ILE C 57 -56.91 33.35 -18.63
C ILE C 57 -58.00 32.74 -19.51
N THR C 58 -59.23 33.17 -19.26
CA THR C 58 -60.40 32.68 -19.99
C THR C 58 -60.55 33.09 -21.45
N ARG C 59 -60.77 34.38 -21.69
CA ARG C 59 -60.94 34.90 -23.05
C ARG C 59 -59.92 34.40 -24.07
N GLU C 60 -60.38 34.19 -25.30
CA GLU C 60 -59.53 33.72 -26.39
C GLU C 60 -58.70 34.89 -26.92
N GLU C 61 -57.49 34.62 -27.40
CA GLU C 61 -56.63 35.68 -27.90
C GLU C 61 -55.69 35.13 -28.98
N PRO C 62 -55.60 35.82 -30.13
CA PRO C 62 -54.71 35.34 -31.20
C PRO C 62 -53.24 35.55 -30.87
N THR C 63 -52.98 36.20 -29.74
CA THR C 63 -51.60 36.43 -29.36
C THR C 63 -51.07 35.27 -28.53
N LYS C 64 -51.97 34.53 -27.89
CA LYS C 64 -51.56 33.39 -27.05
C LYS C 64 -50.88 32.27 -27.83
N GLN C 65 -49.76 31.79 -27.30
CA GLN C 65 -49.01 30.69 -27.90
C GLN C 65 -48.88 29.58 -26.86
N ILE C 66 -49.89 28.73 -26.76
CA ILE C 66 -49.85 27.64 -25.78
C ILE C 66 -48.67 26.69 -26.02
N MET C 67 -47.79 26.58 -25.03
CA MET C 67 -46.63 25.70 -25.18
C MET C 67 -46.70 24.49 -24.25
N LEU C 68 -45.80 23.53 -24.47
CA LEU C 68 -45.72 22.34 -23.64
C LEU C 68 -44.29 22.12 -23.18
N VAL C 69 -44.12 21.86 -21.89
CA VAL C 69 -42.80 21.63 -21.33
C VAL C 69 -42.25 20.30 -21.81
N LYS C 70 -41.01 20.33 -22.29
CA LYS C 70 -40.33 19.12 -22.76
C LYS C 70 -39.64 18.42 -21.59
N LYS C 71 -39.29 19.18 -20.55
CA LYS C 71 -38.63 18.64 -19.36
C LYS C 71 -38.33 19.76 -18.35
N GLU C 72 -38.50 19.46 -17.06
CA GLU C 72 -38.25 20.46 -16.03
C GLU C 72 -36.80 20.44 -15.57
N PHE C 73 -36.26 21.62 -15.31
CA PHE C 73 -34.88 21.75 -14.83
C PHE C 73 -34.84 22.52 -13.51
N PRO C 74 -35.31 21.89 -12.44
CA PRO C 74 -35.32 22.55 -11.13
C PRO C 74 -33.91 22.83 -10.65
N TYR C 75 -33.77 23.87 -9.83
CA TYR C 75 -32.46 24.20 -9.28
C TYR C 75 -31.99 23.02 -8.43
N PRO C 76 -30.92 22.34 -8.85
CA PRO C 76 -30.36 21.19 -8.12
C PRO C 76 -30.17 21.38 -6.61
N CYS C 77 -29.96 22.63 -6.18
CA CYS C 77 -29.76 22.95 -4.77
C CYS C 77 -30.90 23.69 -4.12
N TYR C 78 -32.10 23.40 -4.60
CA TYR C 78 -33.30 24.03 -4.07
C TYR C 78 -33.78 23.34 -2.80
N ASP C 79 -34.05 24.14 -1.79
CA ASP C 79 -34.50 23.66 -0.49
C ASP C 79 -35.97 24.05 -0.22
N PRO C 80 -36.92 23.14 -0.46
CA PRO C 80 -38.33 23.45 -0.21
C PRO C 80 -38.69 23.93 1.19
N ALA C 81 -37.83 23.65 2.17
CA ALA C 81 -38.11 24.05 3.54
C ALA C 81 -37.94 25.55 3.73
N THR C 82 -36.76 26.04 3.36
CA THR C 82 -36.45 27.46 3.48
C THR C 82 -36.68 28.21 2.17
N ARG C 83 -37.28 27.55 1.19
CA ARG C 83 -37.55 28.15 -0.12
C ARG C 83 -36.27 28.67 -0.79
N GLU C 84 -35.12 28.26 -0.26
CA GLU C 84 -33.86 28.71 -0.83
C GLU C 84 -33.69 28.10 -2.22
N GLY C 85 -33.08 28.87 -3.13
CA GLY C 85 -32.87 28.40 -4.48
C GLY C 85 -34.15 28.02 -5.22
N ASP C 86 -35.25 28.67 -4.85
CA ASP C 86 -36.55 28.41 -5.45
C ASP C 86 -36.50 28.90 -6.90
N LEU C 87 -36.19 28.00 -7.82
CA LEU C 87 -36.06 28.33 -9.23
C LEU C 87 -36.18 27.06 -10.07
N LYS C 88 -36.84 27.16 -11.21
CA LYS C 88 -37.00 26.02 -12.11
C LYS C 88 -36.98 26.53 -13.55
N LEU C 89 -36.21 25.85 -14.38
CA LEU C 89 -36.08 26.22 -15.78
C LEU C 89 -36.87 25.24 -16.64
N LEU C 90 -37.87 25.75 -17.36
CA LEU C 90 -38.69 24.90 -18.21
C LEU C 90 -38.27 24.94 -19.68
N GLN C 91 -37.93 23.78 -20.23
CA GLN C 91 -37.57 23.70 -21.63
C GLN C 91 -38.83 23.37 -22.40
N LEU C 92 -39.09 24.10 -23.48
CA LEU C 92 -40.29 23.87 -24.28
C LEU C 92 -40.10 22.93 -25.46
N THR C 93 -41.13 22.11 -25.72
CA THR C 93 -41.12 21.15 -26.81
C THR C 93 -40.91 21.86 -28.13
N GLU C 94 -41.50 23.05 -28.29
CA GLU C 94 -41.33 23.80 -29.53
C GLU C 94 -40.79 25.19 -29.22
N LYS C 95 -40.10 25.80 -30.20
CA LYS C 95 -39.54 27.13 -30.02
C LYS C 95 -40.68 28.15 -30.09
N ALA C 96 -40.51 29.28 -29.42
CA ALA C 96 -41.53 30.31 -29.42
C ALA C 96 -41.36 31.31 -30.54
N LYS C 97 -42.48 31.76 -31.10
CA LYS C 97 -42.46 32.73 -32.17
C LYS C 97 -42.37 34.11 -31.55
N ILE C 98 -41.19 34.68 -31.61
CA ILE C 98 -40.96 35.99 -31.05
C ILE C 98 -41.62 37.06 -31.91
N ASN C 99 -42.32 37.98 -31.25
CA ASN C 99 -43.00 39.07 -31.94
C ASN C 99 -43.28 40.20 -30.94
N LYS C 100 -44.01 41.22 -31.37
CA LYS C 100 -44.31 42.35 -30.52
C LYS C 100 -45.05 41.96 -29.24
N TYR C 101 -45.71 40.80 -29.25
CA TYR C 101 -46.47 40.36 -28.08
C TYR C 101 -45.82 39.27 -27.25
N VAL C 102 -44.78 38.64 -27.80
CA VAL C 102 -44.06 37.57 -27.12
C VAL C 102 -42.57 37.88 -27.22
N THR C 103 -42.00 38.44 -26.16
CA THR C 103 -40.58 38.80 -26.15
C THR C 103 -39.78 38.07 -25.10
N ILE C 104 -38.47 38.28 -25.14
CA ILE C 104 -37.54 37.65 -24.21
C ILE C 104 -36.97 38.65 -23.20
N LEU C 105 -37.05 38.31 -21.93
CA LEU C 105 -36.52 39.16 -20.87
C LEU C 105 -35.06 38.75 -20.75
N HIS C 106 -34.15 39.72 -20.87
CA HIS C 106 -32.74 39.42 -20.78
C HIS C 106 -32.27 39.12 -19.36
N LEU C 107 -31.27 38.26 -19.25
CA LEU C 107 -30.72 37.91 -17.95
C LEU C 107 -29.78 39.01 -17.50
N PRO C 108 -29.65 39.21 -16.18
CA PRO C 108 -28.77 40.23 -15.65
C PRO C 108 -27.35 40.06 -16.14
N LYS C 109 -26.70 41.18 -16.43
CA LYS C 109 -25.32 41.19 -16.89
C LYS C 109 -24.42 40.79 -15.72
N LYS C 110 -24.72 41.30 -14.53
CA LYS C 110 -23.93 41.01 -13.35
C LYS C 110 -24.82 40.47 -12.23
N GLY C 111 -24.22 39.78 -11.27
CA GLY C 111 -24.99 39.24 -10.16
C GLY C 111 -25.09 40.24 -9.02
N ASP C 112 -25.62 41.42 -9.32
CA ASP C 112 -25.77 42.47 -8.33
C ASP C 112 -26.93 42.22 -7.39
N ASP C 113 -26.95 43.00 -6.31
CA ASP C 113 -28.00 42.91 -5.32
C ASP C 113 -28.67 44.28 -5.30
N VAL C 114 -29.96 44.31 -5.64
CA VAL C 114 -30.70 45.56 -5.67
C VAL C 114 -30.57 46.32 -4.36
N LYS C 115 -30.21 47.59 -4.45
CA LYS C 115 -30.05 48.43 -3.26
C LYS C 115 -31.40 48.81 -2.65
N PRO C 116 -31.47 48.88 -1.31
CA PRO C 116 -32.73 49.24 -0.65
C PRO C 116 -33.23 50.60 -1.14
N GLY C 117 -34.53 50.67 -1.41
CA GLY C 117 -35.12 51.90 -1.88
C GLY C 117 -35.43 51.82 -3.37
N THR C 118 -34.63 51.08 -4.12
CA THR C 118 -34.83 50.91 -5.56
C THR C 118 -36.30 50.59 -5.91
N MET C 119 -36.77 51.04 -7.07
CA MET C 119 -38.15 50.76 -7.49
C MET C 119 -38.19 49.52 -8.38
N CYS C 120 -39.15 48.63 -8.13
CA CYS C 120 -39.26 47.44 -8.95
C CYS C 120 -40.73 47.16 -9.16
N GLN C 121 -41.03 46.18 -9.99
CA GLN C 121 -42.42 45.84 -10.23
C GLN C 121 -42.57 44.34 -10.46
N VAL C 122 -43.77 43.84 -10.20
CA VAL C 122 -44.09 42.43 -10.39
C VAL C 122 -45.47 42.33 -11.03
N ALA C 123 -45.62 41.43 -12.00
CA ALA C 123 -46.90 41.23 -12.69
C ALA C 123 -47.38 39.78 -12.57
N GLY C 124 -48.69 39.56 -12.65
CA GLY C 124 -49.19 38.21 -12.56
C GLY C 124 -50.70 38.12 -12.47
N TRP C 125 -51.22 36.92 -12.60
CA TRP C 125 -52.66 36.71 -12.52
C TRP C 125 -53.09 36.25 -11.13
N GLY C 126 -52.22 36.44 -10.14
CA GLY C 126 -52.52 36.03 -8.78
C GLY C 126 -53.77 36.68 -8.21
N ARG C 127 -54.13 36.35 -6.97
CA ARG C 127 -55.33 36.94 -6.38
C ARG C 127 -55.12 38.40 -6.01
N THR C 128 -56.23 39.09 -5.74
CA THR C 128 -56.21 40.49 -5.38
C THR C 128 -56.92 40.70 -4.05
N HIS C 129 -57.20 41.96 -3.74
CA HIS C 129 -57.88 42.34 -2.50
C HIS C 129 -59.39 42.42 -2.75
N ASN C 130 -59.80 43.24 -3.70
CA ASN C 130 -61.22 43.39 -4.01
C ASN C 130 -61.91 42.03 -4.08
N SER C 131 -61.42 41.18 -4.98
CA SER C 131 -61.96 39.84 -5.14
C SER C 131 -61.02 38.84 -4.49
N ALA C 132 -61.37 37.57 -4.55
CA ALA C 132 -60.53 36.53 -3.96
C ALA C 132 -60.02 35.57 -5.04
N SER C 133 -60.86 35.29 -6.03
CA SER C 133 -60.49 34.39 -7.11
C SER C 133 -59.36 34.98 -7.94
N TRP C 134 -58.43 34.14 -8.38
CA TRP C 134 -57.31 34.60 -9.20
C TRP C 134 -57.79 35.57 -10.27
N SER C 135 -57.00 36.61 -10.52
CA SER C 135 -57.32 37.62 -11.52
C SER C 135 -57.36 37.05 -12.93
N ASP C 136 -58.37 37.45 -13.70
CA ASP C 136 -58.49 36.98 -15.08
C ASP C 136 -57.48 37.68 -16.00
N THR C 137 -57.20 38.94 -15.71
CA THR C 137 -56.28 39.70 -16.53
C THR C 137 -54.95 39.99 -15.84
N LEU C 138 -53.91 40.19 -16.64
CA LEU C 138 -52.58 40.47 -16.09
C LEU C 138 -52.53 41.78 -15.32
N ARG C 139 -51.96 41.73 -14.12
CA ARG C 139 -51.82 42.94 -13.32
C ARG C 139 -50.36 43.17 -12.90
N GLU C 140 -50.08 44.34 -12.34
CA GLU C 140 -48.74 44.67 -11.91
C GLU C 140 -48.80 45.73 -10.83
N VAL C 141 -47.84 45.66 -9.91
CA VAL C 141 -47.77 46.57 -8.79
C VAL C 141 -46.35 47.13 -8.67
N ASN C 142 -46.27 48.39 -8.25
CA ASN C 142 -44.98 49.00 -8.08
C ASN C 142 -44.53 48.82 -6.63
N ILE C 143 -43.45 48.06 -6.44
CA ILE C 143 -42.95 47.85 -5.09
C ILE C 143 -41.49 48.26 -4.93
N THR C 144 -41.08 48.42 -3.67
CA THR C 144 -39.73 48.83 -3.35
C THR C 144 -38.99 47.77 -2.55
N ILE C 145 -37.69 47.67 -2.77
CA ILE C 145 -36.92 46.69 -2.04
C ILE C 145 -36.79 47.13 -0.60
N ILE C 146 -37.03 46.20 0.31
CA ILE C 146 -36.90 46.50 1.71
C ILE C 146 -35.48 46.08 2.05
N ASP C 147 -34.81 46.80 2.94
CA ASP C 147 -33.44 46.44 3.33
C ASP C 147 -33.48 45.03 3.90
N ARG C 148 -32.56 44.19 3.48
CA ARG C 148 -32.52 42.82 3.96
C ARG C 148 -32.47 42.72 5.50
N LYS C 149 -31.68 43.57 6.17
CA LYS C 149 -31.62 43.52 7.64
C LYS C 149 -33.00 43.84 8.21
N VAL C 150 -33.73 44.73 7.52
CA VAL C 150 -35.06 45.10 7.95
C VAL C 150 -36.09 44.00 7.82
N CYS C 151 -36.19 43.29 6.70
CA CYS C 151 -37.22 42.25 6.67
C CYS C 151 -36.75 40.96 7.35
N ASN C 152 -35.74 41.08 8.21
CA ASN C 152 -35.23 39.97 8.97
C ASN C 152 -35.35 40.36 10.44
N ASP C 153 -35.98 41.50 10.69
CA ASP C 153 -36.13 42.00 12.06
C ASP C 153 -37.44 41.62 12.75
N ARG C 154 -37.52 41.96 14.03
CA ARG C 154 -38.69 41.62 14.84
C ARG C 154 -40.04 41.98 14.25
N ASN C 155 -40.12 43.10 13.54
CA ASN C 155 -41.41 43.50 12.96
C ASN C 155 -41.73 42.77 11.65
N HIS C 156 -40.74 42.08 11.10
CA HIS C 156 -40.93 41.33 9.87
C HIS C 156 -40.69 39.86 10.15
N TYR C 157 -39.93 39.19 9.29
CA TYR C 157 -39.61 37.78 9.47
C TYR C 157 -38.54 37.69 10.57
N ASN C 158 -38.93 37.29 11.77
CA ASN C 158 -38.01 37.17 12.90
C ASN C 158 -36.99 36.03 12.71
N PHE C 159 -36.15 36.14 11.68
CA PHE C 159 -35.16 35.11 11.38
C PHE C 159 -35.80 33.75 11.33
N ASN C 160 -37.00 33.68 10.76
CA ASN C 160 -37.71 32.42 10.64
C ASN C 160 -39.06 32.65 9.93
N PRO C 161 -39.08 32.53 8.60
CA PRO C 161 -37.95 32.18 7.73
C PRO C 161 -36.88 33.27 7.72
N VAL C 162 -35.66 32.85 7.40
CA VAL C 162 -34.51 33.75 7.31
C VAL C 162 -34.29 34.07 5.85
N ILE C 163 -34.13 35.36 5.55
CA ILE C 163 -33.89 35.83 4.19
C ILE C 163 -32.38 35.99 3.98
N GLY C 164 -31.81 35.21 3.07
CA GLY C 164 -30.37 35.28 2.84
C GLY C 164 -29.91 36.21 1.73
N MET C 165 -28.60 36.19 1.50
CA MET C 165 -27.96 37.03 0.49
C MET C 165 -28.42 36.65 -0.91
N ASN C 166 -29.11 35.53 -1.02
CA ASN C 166 -29.60 35.12 -2.32
C ASN C 166 -31.08 35.39 -2.49
N MET C 167 -31.60 36.29 -1.66
CA MET C 167 -32.99 36.67 -1.75
C MET C 167 -33.10 38.17 -1.53
N VAL C 168 -34.17 38.78 -2.03
CA VAL C 168 -34.38 40.21 -1.82
C VAL C 168 -35.83 40.37 -1.44
N CYS C 169 -36.06 41.30 -0.52
CA CYS C 169 -37.41 41.59 -0.07
C CYS C 169 -37.89 42.84 -0.82
N ALA C 170 -39.13 42.83 -1.26
CA ALA C 170 -39.68 43.98 -1.96
C ALA C 170 -41.08 44.20 -1.43
N GLY C 171 -41.61 45.38 -1.68
CA GLY C 171 -42.95 45.70 -1.23
C GLY C 171 -43.05 47.13 -0.76
N SER C 172 -43.74 47.32 0.35
CA SER C 172 -43.94 48.64 0.92
C SER C 172 -43.93 48.57 2.43
N LEU C 173 -43.25 49.50 3.07
CA LEU C 173 -43.20 49.52 4.53
C LEU C 173 -44.63 49.54 5.09
N ARG C 174 -45.48 50.36 4.49
CA ARG C 174 -46.86 50.47 4.93
C ARG C 174 -47.69 49.25 4.51
N GLY C 175 -47.22 48.55 3.49
CA GLY C 175 -47.94 47.38 3.00
C GLY C 175 -48.99 47.69 1.96
N GLY C 176 -49.47 46.65 1.28
CA GLY C 176 -50.47 46.82 0.26
C GLY C 176 -49.99 46.38 -1.10
N ARG C 177 -48.80 46.83 -1.48
CA ARG C 177 -48.20 46.50 -2.76
C ARG C 177 -47.50 45.15 -2.60
N ASP C 178 -47.98 44.12 -3.31
CA ASP C 178 -47.35 42.81 -3.13
C ASP C 178 -47.80 41.74 -4.12
N SER C 179 -47.08 40.61 -4.14
CA SER C 179 -47.41 39.49 -5.01
C SER C 179 -48.13 38.44 -4.16
N CYS C 180 -48.99 37.63 -4.77
CA CYS C 180 -49.72 36.61 -4.02
C CYS C 180 -49.78 35.24 -4.72
N ASN C 181 -50.60 34.36 -4.14
CA ASN C 181 -50.82 33.01 -4.66
C ASN C 181 -51.15 33.10 -6.14
N GLY C 182 -50.23 32.62 -6.97
CA GLY C 182 -50.46 32.67 -8.39
C GLY C 182 -49.32 33.42 -9.05
N ASP C 183 -48.77 34.39 -8.32
CA ASP C 183 -47.67 35.18 -8.87
C ASP C 183 -46.32 34.49 -8.78
N SER C 184 -46.25 33.42 -8.01
CA SER C 184 -45.02 32.67 -7.85
C SER C 184 -44.42 32.38 -9.22
N GLY C 185 -43.12 32.60 -9.36
CA GLY C 185 -42.46 32.37 -10.64
C GLY C 185 -42.30 33.68 -11.40
N SER C 186 -43.14 34.66 -11.07
CA SER C 186 -43.08 35.96 -11.75
C SER C 186 -41.76 36.70 -11.62
N PRO C 187 -41.19 37.17 -12.74
CA PRO C 187 -39.91 37.88 -12.68
C PRO C 187 -40.03 39.21 -11.96
N LEU C 188 -39.01 39.54 -11.17
CA LEU C 188 -38.95 40.80 -10.45
C LEU C 188 -38.13 41.74 -11.33
N LEU C 189 -38.74 42.84 -11.78
CA LEU C 189 -38.05 43.82 -12.63
C LEU C 189 -37.71 45.05 -11.78
N CYS C 190 -36.49 45.51 -11.92
CA CYS C 190 -36.02 46.68 -11.17
C CYS C 190 -35.31 47.63 -12.12
N GLU C 191 -35.80 48.86 -12.20
CA GLU C 191 -35.22 49.86 -13.07
C GLU C 191 -34.95 49.27 -14.46
N GLY C 192 -35.84 48.39 -14.91
CA GLY C 192 -35.68 47.80 -16.22
C GLY C 192 -34.91 46.51 -16.32
N VAL C 193 -34.25 46.09 -15.23
CA VAL C 193 -33.46 44.84 -15.26
C VAL C 193 -34.06 43.69 -14.45
N PHE C 194 -33.94 42.49 -15.01
CA PHE C 194 -34.41 41.29 -14.36
C PHE C 194 -33.52 41.07 -13.13
N ARG C 195 -34.10 41.03 -11.94
CA ARG C 195 -33.28 40.82 -10.75
C ARG C 195 -33.74 39.67 -9.87
N GLY C 196 -34.99 39.22 -10.01
CA GLY C 196 -35.44 38.14 -9.15
C GLY C 196 -36.66 37.35 -9.55
N VAL C 197 -36.92 36.29 -8.80
CA VAL C 197 -38.06 35.43 -9.05
C VAL C 197 -38.94 35.36 -7.82
N THR C 198 -40.24 35.52 -8.03
CA THR C 198 -41.20 35.52 -6.95
C THR C 198 -41.21 34.19 -6.20
N SER C 199 -41.01 34.23 -4.90
CA SER C 199 -40.99 32.98 -4.16
C SER C 199 -42.10 32.74 -3.16
N PHE C 200 -42.12 33.55 -2.09
CA PHE C 200 -43.12 33.39 -1.05
C PHE C 200 -43.44 34.69 -0.31
N GLY C 201 -44.40 34.58 0.59
CA GLY C 201 -44.80 35.72 1.41
C GLY C 201 -45.29 35.18 2.73
N LEU C 202 -46.60 35.30 2.96
CA LEU C 202 -47.23 34.81 4.17
C LEU C 202 -48.60 34.22 3.85
N GLU C 203 -48.81 32.98 4.31
CA GLU C 203 -50.07 32.26 4.10
C GLU C 203 -51.27 33.18 4.27
N ASN C 204 -52.01 33.37 3.19
CA ASN C 204 -53.21 34.21 3.16
C ASN C 204 -52.99 35.57 3.80
N LYS C 205 -51.75 36.06 3.75
CA LYS C 205 -51.40 37.35 4.32
C LYS C 205 -50.70 38.22 3.28
N CYS C 206 -51.19 38.20 2.04
CA CYS C 206 -50.58 39.00 0.99
C CYS C 206 -50.72 40.49 1.27
N GLY C 207 -49.69 41.26 0.95
CA GLY C 207 -49.74 42.69 1.19
C GLY C 207 -49.52 43.09 2.64
N ASP C 208 -49.47 42.10 3.53
CA ASP C 208 -49.26 42.34 4.96
C ASP C 208 -47.88 42.98 5.17
N PRO C 209 -47.83 44.15 5.82
CA PRO C 209 -46.58 44.89 6.08
C PRO C 209 -45.46 44.01 6.63
N ARG C 210 -45.79 43.24 7.68
CA ARG C 210 -44.84 42.36 8.35
C ARG C 210 -44.22 41.31 7.43
N GLY C 211 -44.93 40.98 6.36
CA GLY C 211 -44.42 39.98 5.43
C GLY C 211 -44.22 40.43 3.99
N PRO C 212 -43.24 41.30 3.71
CA PRO C 212 -43.01 41.75 2.34
C PRO C 212 -42.65 40.56 1.47
N GLY C 213 -42.89 40.67 0.17
CA GLY C 213 -42.58 39.58 -0.74
C GLY C 213 -41.10 39.25 -0.85
N VAL C 214 -40.80 37.95 -0.86
CA VAL C 214 -39.44 37.47 -0.97
C VAL C 214 -39.12 36.96 -2.38
N TYR C 215 -38.00 37.42 -2.92
CA TYR C 215 -37.62 37.06 -4.27
C TYR C 215 -36.24 36.42 -4.36
N ILE C 216 -36.11 35.41 -5.21
CA ILE C 216 -34.81 34.77 -5.36
C ILE C 216 -33.98 35.70 -6.21
N LEU C 217 -32.94 36.25 -5.61
CA LEU C 217 -32.03 37.17 -6.29
C LEU C 217 -31.34 36.47 -7.44
N LEU C 218 -31.12 37.18 -8.55
CA LEU C 218 -30.40 36.59 -9.68
C LEU C 218 -28.91 36.90 -9.50
N SER C 219 -28.32 36.15 -8.58
CA SER C 219 -26.92 36.25 -8.22
C SER C 219 -26.07 35.52 -9.24
N LYS C 220 -24.75 35.56 -9.05
CA LYS C 220 -23.80 34.90 -9.94
C LYS C 220 -24.05 33.40 -10.02
N LYS C 221 -24.03 32.75 -8.85
CA LYS C 221 -24.25 31.31 -8.74
C LYS C 221 -25.52 30.87 -9.46
N HIS C 222 -26.55 31.71 -9.36
CA HIS C 222 -27.84 31.43 -9.99
C HIS C 222 -27.77 31.65 -11.50
N LEU C 223 -27.24 32.79 -11.91
CA LEU C 223 -27.09 33.13 -13.33
C LEU C 223 -26.25 32.09 -14.07
N ASN C 224 -25.14 31.68 -13.47
CA ASN C 224 -24.29 30.66 -14.10
C ASN C 224 -25.13 29.41 -14.31
N TRP C 225 -25.81 28.93 -13.27
CA TRP C 225 -26.62 27.74 -13.43
C TRP C 225 -27.47 27.83 -14.68
N ILE C 226 -28.26 28.90 -14.75
CA ILE C 226 -29.13 29.15 -15.89
C ILE C 226 -28.35 29.16 -17.19
N ILE C 227 -27.36 30.04 -17.31
CA ILE C 227 -26.56 30.13 -18.52
C ILE C 227 -26.03 28.77 -18.94
N MET C 228 -25.39 28.08 -18.00
CA MET C 228 -24.82 26.77 -18.28
C MET C 228 -25.88 25.70 -18.56
N THR C 229 -26.97 25.73 -17.81
CA THR C 229 -28.04 24.74 -18.02
C THR C 229 -28.60 24.76 -19.43
N ILE C 230 -28.77 25.96 -19.98
CA ILE C 230 -29.31 26.12 -21.31
C ILE C 230 -28.36 25.63 -22.40
N LYS C 231 -27.08 25.98 -22.28
CA LYS C 231 -26.10 25.55 -23.28
C LYS C 231 -26.16 24.04 -23.49
N GLY C 232 -26.36 23.30 -22.41
CA GLY C 232 -26.45 21.86 -22.52
C GLY C 232 -27.85 21.33 -22.37
N ALA C 233 -28.50 21.03 -23.50
CA ALA C 233 -29.85 20.49 -23.50
C ALA C 233 -30.28 20.13 -24.92
N VAL C 234 -30.85 18.94 -25.07
CA VAL C 234 -31.30 18.46 -26.37
C VAL C 234 -32.22 19.48 -27.02
N ILE D 1 -8.16 25.73 19.06
CA ILE D 1 -9.10 25.99 20.17
C ILE D 1 -8.54 27.07 21.06
N ILE D 2 -9.35 28.07 21.35
CA ILE D 2 -8.92 29.16 22.21
C ILE D 2 -9.80 29.21 23.45
N GLY D 3 -9.17 29.40 24.60
CA GLY D 3 -9.89 29.46 25.85
C GLY D 3 -10.31 28.09 26.38
N GLY D 4 -9.62 27.04 25.92
CA GLY D 4 -9.95 25.71 26.38
C GLY D 4 -8.84 25.06 27.16
N ASN D 5 -8.83 23.73 27.18
CA ASN D 5 -7.78 22.99 27.89
C ASN D 5 -7.41 21.72 27.14
N GLU D 6 -6.22 21.20 27.42
CA GLU D 6 -5.75 19.97 26.79
C GLU D 6 -6.55 18.82 27.37
N VAL D 7 -7.22 18.03 26.51
CA VAL D 7 -8.02 16.92 27.00
C VAL D 7 -7.12 15.76 27.43
N THR D 8 -7.72 14.77 28.08
CA THR D 8 -6.97 13.60 28.50
C THR D 8 -6.66 12.82 27.23
N PRO D 9 -5.38 12.44 27.05
CA PRO D 9 -4.98 11.69 25.86
C PRO D 9 -5.96 10.58 25.52
N HIS D 10 -6.56 10.70 24.34
CA HIS D 10 -7.52 9.73 23.81
C HIS D 10 -8.86 9.68 24.54
N SER D 11 -9.24 10.79 25.16
CA SER D 11 -10.51 10.84 25.87
C SER D 11 -11.64 11.27 24.93
N ARG D 12 -11.32 11.46 23.65
CA ARG D 12 -12.30 11.85 22.63
C ARG D 12 -11.98 11.02 21.39
N PRO D 13 -11.97 9.68 21.54
CA PRO D 13 -11.67 8.72 20.48
C PRO D 13 -12.32 8.91 19.10
N TYR D 14 -13.31 9.79 19.00
CA TYR D 14 -13.98 10.03 17.73
C TYR D 14 -13.31 11.13 16.89
N MET D 15 -12.42 11.88 17.52
CA MET D 15 -11.73 12.97 16.84
C MET D 15 -10.77 12.55 15.76
N VAL D 16 -10.86 13.24 14.62
CA VAL D 16 -9.99 12.92 13.51
C VAL D 16 -9.06 14.08 13.25
N LEU D 17 -7.78 13.76 13.13
CA LEU D 17 -6.78 14.78 12.84
C LEU D 17 -6.51 14.73 11.34
N LEU D 18 -6.74 15.85 10.65
CA LEU D 18 -6.52 15.90 9.22
C LEU D 18 -5.29 16.75 8.95
N SER D 19 -4.22 16.09 8.54
CA SER D 19 -2.97 16.76 8.21
C SER D 19 -3.03 17.00 6.71
N LEU D 20 -3.45 18.19 6.32
CA LEU D 20 -3.58 18.55 4.92
C LEU D 20 -2.22 18.68 4.25
N ASP D 21 -1.38 19.52 4.84
CA ASP D 21 -0.03 19.73 4.33
C ASP D 21 0.86 20.18 5.47
N ARG D 22 1.95 20.85 5.13
CA ARG D 22 2.90 21.32 6.11
C ARG D 22 2.48 22.64 6.75
N LYS D 23 1.56 23.33 6.09
CA LYS D 23 1.10 24.63 6.59
C LYS D 23 -0.31 24.64 7.15
N THR D 24 -1.08 23.59 6.89
CA THR D 24 -2.46 23.57 7.37
C THR D 24 -3.00 22.22 7.77
N ILE D 25 -3.84 22.22 8.80
CA ILE D 25 -4.48 21.00 9.26
C ILE D 25 -5.94 21.30 9.54
N CYS D 26 -6.77 20.27 9.59
CA CYS D 26 -8.19 20.41 9.87
C CYS D 26 -8.58 19.32 10.85
N ALA D 27 -9.86 19.29 11.23
CA ALA D 27 -10.35 18.27 12.14
C ALA D 27 -11.53 17.57 11.47
N GLY D 28 -11.97 16.48 12.09
CA GLY D 28 -13.07 15.72 11.53
C GLY D 28 -13.64 14.80 12.59
N ALA D 29 -14.63 14.01 12.19
CA ALA D 29 -15.28 13.07 13.08
C ALA D 29 -15.47 11.75 12.37
N LEU D 30 -15.17 10.66 13.05
CA LEU D 30 -15.34 9.34 12.47
C LEU D 30 -16.80 8.96 12.68
N ILE D 31 -17.59 8.99 11.61
CA ILE D 31 -19.01 8.65 11.73
C ILE D 31 -19.28 7.22 11.28
N ALA D 32 -18.23 6.53 10.85
CA ALA D 32 -18.36 5.15 10.40
C ALA D 32 -16.96 4.59 10.31
N LYS D 33 -16.83 3.27 10.27
CA LYS D 33 -15.51 2.67 10.19
C LYS D 33 -14.67 3.26 9.07
N ASP D 34 -15.27 3.42 7.89
CA ASP D 34 -14.56 3.98 6.75
C ASP D 34 -15.13 5.31 6.27
N TRP D 35 -15.63 6.12 7.19
CA TRP D 35 -16.19 7.42 6.83
C TRP D 35 -15.87 8.53 7.82
N VAL D 36 -15.31 9.62 7.32
CA VAL D 36 -14.97 10.76 8.15
C VAL D 36 -15.73 11.99 7.64
N LEU D 37 -16.36 12.70 8.58
CA LEU D 37 -17.11 13.91 8.26
C LEU D 37 -16.25 15.10 8.64
N THR D 38 -16.04 15.99 7.68
CA THR D 38 -15.24 17.18 7.92
C THR D 38 -15.85 18.37 7.16
N ALA D 39 -15.12 19.47 7.09
CA ALA D 39 -15.59 20.65 6.38
C ALA D 39 -15.22 20.58 4.91
N ALA D 40 -16.09 21.12 4.05
CA ALA D 40 -15.81 21.12 2.62
C ALA D 40 -14.63 22.02 2.28
N HIS D 41 -14.48 23.13 2.98
CA HIS D 41 -13.36 24.03 2.68
C HIS D 41 -11.98 23.50 3.09
N CYS D 42 -11.95 22.35 3.76
CA CYS D 42 -10.68 21.77 4.16
C CYS D 42 -10.11 21.02 2.94
N ASN D 43 -9.11 21.61 2.27
CA ASN D 43 -8.52 21.00 1.08
C ASN D 43 -7.51 19.89 1.35
N LEU D 44 -7.68 18.76 0.67
CA LEU D 44 -6.77 17.63 0.82
C LEU D 44 -5.97 17.40 -0.46
N ASN D 45 -4.74 16.91 -0.31
CA ASN D 45 -3.88 16.62 -1.45
C ASN D 45 -3.12 15.33 -1.21
N LYS D 46 -2.04 15.16 -1.98
CA LYS D 46 -1.17 13.99 -1.89
C LYS D 46 -0.36 13.98 -0.58
N ARG D 47 -0.10 15.15 -0.01
CA ARG D 47 0.64 15.26 1.24
C ARG D 47 -0.29 15.12 2.46
N SER D 48 -1.58 15.32 2.25
CA SER D 48 -2.56 15.23 3.33
C SER D 48 -2.55 13.88 4.06
N GLN D 49 -3.18 13.84 5.24
CA GLN D 49 -3.26 12.63 6.05
C GLN D 49 -4.41 12.60 7.04
N VAL D 50 -5.09 11.47 7.08
CA VAL D 50 -6.24 11.27 7.98
C VAL D 50 -5.73 10.44 9.15
N ILE D 51 -5.54 11.08 10.30
CA ILE D 51 -5.03 10.38 11.48
C ILE D 51 -6.06 10.17 12.58
N LEU D 52 -6.29 8.90 12.91
CA LEU D 52 -7.22 8.53 13.98
C LEU D 52 -6.43 8.11 15.22
N GLY D 53 -7.11 8.13 16.37
CA GLY D 53 -6.48 7.75 17.63
C GLY D 53 -5.28 8.60 18.02
N ALA D 54 -5.34 9.90 17.79
CA ALA D 54 -4.19 10.74 18.14
C ALA D 54 -4.43 11.71 19.28
N HIS D 55 -3.35 12.34 19.71
CA HIS D 55 -3.43 13.36 20.74
C HIS D 55 -2.39 14.38 20.34
N SER D 56 -1.20 13.90 19.99
CA SER D 56 -0.10 14.76 19.57
C SER D 56 0.09 14.63 18.06
N ILE D 57 0.34 15.75 17.40
CA ILE D 57 0.55 15.70 15.97
C ILE D 57 1.87 15.03 15.62
N THR D 58 2.95 15.49 16.25
CA THR D 58 4.29 14.98 15.99
C THR D 58 4.70 13.71 16.71
N ARG D 59 4.45 13.65 18.02
CA ARG D 59 4.82 12.48 18.81
C ARG D 59 4.24 11.21 18.20
N GLU D 60 5.06 10.17 18.13
CA GLU D 60 4.65 8.89 17.58
C GLU D 60 3.77 8.21 18.61
N GLU D 61 2.60 7.74 18.19
CA GLU D 61 1.66 7.10 19.09
C GLU D 61 1.17 5.76 18.53
N PRO D 62 1.30 4.68 19.30
CA PRO D 62 0.84 3.38 18.81
C PRO D 62 -0.67 3.33 18.55
N THR D 63 -1.40 4.26 19.15
CA THR D 63 -2.84 4.30 18.96
C THR D 63 -3.26 4.95 17.65
N LYS D 64 -2.35 5.71 17.05
CA LYS D 64 -2.68 6.40 15.80
C LYS D 64 -2.92 5.44 14.65
N GLN D 65 -3.78 5.85 13.71
CA GLN D 65 -4.05 5.05 12.53
C GLN D 65 -4.09 6.02 11.34
N ILE D 66 -3.06 5.96 10.50
CA ILE D 66 -2.98 6.81 9.32
C ILE D 66 -3.81 6.13 8.27
N MET D 67 -4.97 6.73 8.00
CA MET D 67 -5.91 6.19 7.04
C MET D 67 -5.81 6.94 5.70
N LEU D 68 -6.16 6.27 4.61
CA LEU D 68 -6.13 6.88 3.28
C LEU D 68 -7.53 7.10 2.75
N VAL D 69 -7.69 8.19 2.02
CA VAL D 69 -8.97 8.57 1.43
C VAL D 69 -9.12 8.00 0.03
N LYS D 70 -10.11 7.12 -0.12
CA LYS D 70 -10.40 6.47 -1.38
C LYS D 70 -11.09 7.44 -2.34
N LYS D 71 -12.03 8.21 -1.80
CA LYS D 71 -12.78 9.18 -2.58
C LYS D 71 -13.39 10.25 -1.67
N GLU D 72 -13.30 11.51 -2.09
CA GLU D 72 -13.87 12.59 -1.30
C GLU D 72 -15.30 12.85 -1.79
N PHE D 73 -16.21 13.02 -0.84
CA PHE D 73 -17.63 13.27 -1.12
C PHE D 73 -18.08 14.62 -0.56
N PRO D 74 -17.69 15.71 -1.23
CA PRO D 74 -18.09 17.05 -0.76
C PRO D 74 -19.58 17.27 -0.92
N TYR D 75 -20.15 18.12 -0.08
CA TYR D 75 -21.56 18.39 -0.16
C TYR D 75 -21.85 19.06 -1.50
N PRO D 76 -22.66 18.41 -2.35
CA PRO D 76 -23.00 18.95 -3.67
C PRO D 76 -23.56 20.37 -3.66
N CYS D 77 -24.15 20.82 -2.56
CA CYS D 77 -24.67 22.19 -2.48
C CYS D 77 -23.79 23.11 -1.65
N TYR D 78 -22.51 22.77 -1.58
CA TYR D 78 -21.54 23.55 -0.85
C TYR D 78 -21.37 24.91 -1.54
N ASP D 79 -21.59 25.99 -0.78
CA ASP D 79 -21.42 27.34 -1.31
C ASP D 79 -20.17 27.94 -0.71
N PRO D 80 -19.03 27.78 -1.39
CA PRO D 80 -17.77 28.32 -0.89
C PRO D 80 -17.75 29.83 -0.63
N ALA D 81 -18.75 30.54 -1.14
CA ALA D 81 -18.83 31.99 -0.95
C ALA D 81 -19.39 32.36 0.42
N THR D 82 -20.27 31.52 0.94
CA THR D 82 -20.87 31.78 2.23
C THR D 82 -20.55 30.67 3.21
N ARG D 83 -19.93 29.60 2.70
CA ARG D 83 -19.56 28.40 3.45
C ARG D 83 -20.82 27.73 3.96
N GLU D 84 -21.86 27.73 3.14
CA GLU D 84 -23.11 27.11 3.49
C GLU D 84 -22.99 25.64 3.05
N GLY D 85 -23.45 24.72 3.90
CA GLY D 85 -23.34 23.31 3.57
C GLY D 85 -21.88 22.92 3.47
N ASP D 86 -21.05 23.57 4.30
CA ASP D 86 -19.59 23.35 4.34
C ASP D 86 -19.31 21.97 4.93
N LEU D 87 -19.81 20.93 4.25
CA LEU D 87 -19.66 19.57 4.71
C LEU D 87 -19.10 18.66 3.62
N LYS D 88 -18.13 17.85 4.00
CA LYS D 88 -17.51 16.90 3.07
C LYS D 88 -17.34 15.57 3.80
N LEU D 89 -17.57 14.48 3.08
CA LEU D 89 -17.46 13.15 3.66
C LEU D 89 -16.22 12.45 3.10
N LEU D 90 -15.44 11.82 3.97
CA LEU D 90 -14.25 11.11 3.52
C LEU D 90 -14.44 9.59 3.61
N GLN D 91 -14.30 8.93 2.47
CA GLN D 91 -14.44 7.48 2.43
C GLN D 91 -13.03 6.97 2.45
N LEU D 92 -12.73 6.11 3.42
CA LEU D 92 -11.39 5.57 3.55
C LEU D 92 -11.19 4.32 2.72
N THR D 93 -9.97 4.08 2.29
CA THR D 93 -9.67 2.89 1.48
C THR D 93 -9.86 1.61 2.29
N GLU D 94 -9.78 1.72 3.59
CA GLU D 94 -9.96 0.58 4.49
C GLU D 94 -10.66 1.00 5.78
N LYS D 95 -11.45 0.14 6.38
CA LYS D 95 -12.18 0.38 7.61
C LYS D 95 -11.22 0.66 8.76
N ALA D 96 -11.58 1.58 9.64
CA ALA D 96 -10.74 1.89 10.78
C ALA D 96 -10.86 0.72 11.75
N LYS D 97 -9.87 0.56 12.64
CA LYS D 97 -9.93 -0.51 13.62
C LYS D 97 -10.51 0.09 14.89
N ILE D 98 -11.78 -0.25 15.17
CA ILE D 98 -12.49 0.24 16.34
C ILE D 98 -11.92 -0.31 17.64
N ASN D 99 -11.75 0.57 18.60
CA ASN D 99 -11.25 0.17 19.89
C ASN D 99 -11.48 1.28 20.90
N LYS D 100 -10.86 1.16 22.07
CA LYS D 100 -11.03 2.14 23.12
C LYS D 100 -10.60 3.52 22.73
N TYR D 101 -9.67 3.60 21.80
CA TYR D 101 -9.11 4.88 21.35
C TYR D 101 -9.63 5.37 19.99
N VAL D 102 -10.29 4.50 19.24
CA VAL D 102 -10.81 4.85 17.92
C VAL D 102 -12.25 4.40 17.80
N THR D 103 -13.16 5.34 18.10
CA THR D 103 -14.58 5.06 18.10
C THR D 103 -15.37 5.96 17.18
N ILE D 104 -16.60 5.53 16.93
CA ILE D 104 -17.50 6.25 16.07
C ILE D 104 -18.39 7.27 16.80
N LEU D 105 -18.57 8.44 16.19
CA LEU D 105 -19.45 9.46 16.76
C LEU D 105 -20.76 9.29 16.01
N HIS D 106 -21.81 8.93 16.73
CA HIS D 106 -23.11 8.71 16.12
C HIS D 106 -23.82 9.98 15.73
N LEU D 107 -24.45 9.92 14.57
CA LEU D 107 -25.21 11.02 14.04
C LEU D 107 -26.49 11.19 14.83
N PRO D 108 -27.06 12.40 14.80
CA PRO D 108 -28.30 12.76 15.49
C PRO D 108 -29.45 12.01 14.83
N LYS D 109 -30.45 11.60 15.61
CA LYS D 109 -31.59 10.90 15.02
C LYS D 109 -32.54 11.88 14.33
N LYS D 110 -32.64 13.08 14.88
CA LYS D 110 -33.50 14.11 14.32
C LYS D 110 -32.67 15.37 14.13
N GLY D 111 -32.82 16.00 12.97
CA GLY D 111 -32.05 17.20 12.69
C GLY D 111 -32.73 18.49 13.08
N ASP D 112 -32.79 18.76 14.37
CA ASP D 112 -33.41 19.99 14.85
C ASP D 112 -32.37 21.02 15.30
N ASP D 113 -32.75 22.29 15.23
CA ASP D 113 -31.88 23.37 15.62
C ASP D 113 -31.53 23.22 17.10
N VAL D 114 -30.52 23.95 17.56
CA VAL D 114 -30.07 23.87 18.95
C VAL D 114 -30.48 25.13 19.69
N LYS D 115 -31.38 24.97 20.66
CA LYS D 115 -31.87 26.10 21.44
C LYS D 115 -30.70 26.94 21.97
N PRO D 116 -30.85 28.29 21.97
CA PRO D 116 -29.84 29.24 22.44
C PRO D 116 -29.53 28.95 23.90
N GLY D 117 -28.26 29.04 24.28
CA GLY D 117 -27.93 28.79 25.67
C GLY D 117 -27.55 27.34 25.92
N THR D 118 -27.76 26.48 24.93
CA THR D 118 -27.39 25.10 25.15
C THR D 118 -25.88 25.08 25.24
N MET D 119 -25.37 24.21 26.09
CA MET D 119 -23.92 24.08 26.28
C MET D 119 -23.38 23.08 25.28
N CYS D 120 -22.22 23.39 24.71
CA CYS D 120 -21.61 22.54 23.70
C CYS D 120 -20.09 22.52 23.86
N GLN D 121 -19.41 21.57 23.23
CA GLN D 121 -17.96 21.51 23.33
C GLN D 121 -17.32 21.38 21.94
N VAL D 122 -16.07 21.81 21.80
CA VAL D 122 -15.36 21.73 20.52
C VAL D 122 -13.90 21.40 20.78
N ALA D 123 -13.40 20.36 20.13
CA ALA D 123 -12.00 19.97 20.31
C ALA D 123 -11.23 20.15 18.99
N GLY D 124 -9.91 20.19 19.07
CA GLY D 124 -9.13 20.34 17.87
C GLY D 124 -7.69 20.71 18.09
N TRP D 125 -6.89 20.59 17.03
CA TRP D 125 -5.47 20.89 17.10
C TRP D 125 -5.14 22.31 16.61
N GLY D 126 -6.18 23.11 16.43
CA GLY D 126 -5.99 24.47 15.96
C GLY D 126 -5.19 25.35 16.90
N ARG D 127 -4.99 26.60 16.53
CA ARG D 127 -4.23 27.54 17.36
C ARG D 127 -4.94 27.93 18.63
N THR D 128 -4.18 28.47 19.58
CA THR D 128 -4.72 28.90 20.85
C THR D 128 -4.46 30.39 21.06
N HIS D 129 -4.90 30.90 22.20
CA HIS D 129 -4.71 32.32 22.51
C HIS D 129 -3.24 32.66 22.65
N ASN D 130 -2.38 31.64 22.68
CA ASN D 130 -0.94 31.87 22.81
C ASN D 130 -0.37 32.58 21.58
N SER D 131 0.11 31.81 20.61
CA SER D 131 0.69 32.39 19.41
C SER D 131 1.14 31.29 18.46
N ALA D 132 1.35 30.10 19.02
CA ALA D 132 1.78 28.94 18.24
C ALA D 132 0.96 28.81 16.96
N SER D 133 1.60 28.31 15.91
CA SER D 133 0.92 28.11 14.63
C SER D 133 -0.33 27.28 14.87
N TRP D 134 -0.19 26.29 15.74
CA TRP D 134 -1.30 25.40 16.10
C TRP D 134 -0.92 24.55 17.31
N SER D 135 -1.93 23.94 17.92
CA SER D 135 -1.71 23.11 19.09
C SER D 135 -1.12 21.75 18.72
N ASP D 136 -0.21 21.26 19.55
CA ASP D 136 0.39 19.96 19.28
C ASP D 136 -0.45 18.86 19.92
N THR D 137 -1.05 19.16 21.06
CA THR D 137 -1.90 18.19 21.74
C THR D 137 -3.37 18.57 21.62
N LEU D 138 -4.24 17.57 21.50
CA LEU D 138 -5.66 17.82 21.36
C LEU D 138 -6.21 18.71 22.46
N ARG D 139 -6.88 19.80 22.09
CA ARG D 139 -7.48 20.69 23.09
C ARG D 139 -8.98 20.80 22.85
N GLU D 140 -9.72 21.21 23.88
CA GLU D 140 -11.17 21.35 23.80
C GLU D 140 -11.67 22.54 24.63
N VAL D 141 -12.78 23.13 24.21
CA VAL D 141 -13.33 24.27 24.90
C VAL D 141 -14.84 24.15 25.07
N ASN D 142 -15.33 24.65 26.20
CA ASN D 142 -16.75 24.63 26.52
C ASN D 142 -17.37 25.96 26.10
N ILE D 143 -18.37 25.90 25.24
CA ILE D 143 -19.05 27.09 24.77
C ILE D 143 -20.58 26.92 24.74
N THR D 144 -21.30 28.01 24.51
CA THR D 144 -22.76 27.99 24.49
C THR D 144 -23.25 28.57 23.16
N ILE D 145 -24.25 27.94 22.55
CA ILE D 145 -24.74 28.47 21.27
C ILE D 145 -25.39 29.85 21.39
N ILE D 146 -25.01 30.74 20.47
CA ILE D 146 -25.52 32.12 20.44
C ILE D 146 -26.75 32.12 19.55
N ASP D 147 -27.78 32.83 19.98
CA ASP D 147 -29.01 32.92 19.21
C ASP D 147 -28.67 33.33 17.79
N ARG D 148 -29.20 32.60 16.83
CA ARG D 148 -28.94 32.91 15.44
C ARG D 148 -29.21 34.39 15.11
N LYS D 149 -30.24 34.96 15.75
CA LYS D 149 -30.59 36.38 15.54
C LYS D 149 -29.46 37.27 15.99
N VAL D 150 -28.91 36.92 17.15
CA VAL D 150 -27.83 37.67 17.75
C VAL D 150 -26.51 37.64 16.98
N CYS D 151 -26.17 36.52 16.35
CA CYS D 151 -24.90 36.55 15.62
C CYS D 151 -25.02 37.03 14.20
N ASN D 152 -26.19 37.62 13.93
CA ASN D 152 -26.46 38.20 12.65
C ASN D 152 -26.56 39.70 12.97
N ASP D 153 -26.59 40.02 14.26
CA ASP D 153 -26.74 41.41 14.67
C ASP D 153 -25.51 42.31 14.48
N ARG D 154 -25.66 43.60 14.79
CA ARG D 154 -24.56 44.53 14.58
C ARG D 154 -23.32 44.19 15.40
N ASN D 155 -23.52 43.63 16.59
CA ASN D 155 -22.37 43.29 17.44
C ASN D 155 -21.67 42.02 16.95
N HIS D 156 -22.18 41.42 15.88
CA HIS D 156 -21.57 40.19 15.40
C HIS D 156 -21.30 40.10 13.89
N TYR D 157 -21.69 39.00 13.26
CA TYR D 157 -21.43 38.88 11.83
C TYR D 157 -22.13 39.93 10.99
N ASN D 158 -23.18 40.54 11.54
CA ASN D 158 -23.90 41.60 10.86
C ASN D 158 -24.10 41.38 9.36
N PHE D 159 -24.91 40.39 9.03
CA PHE D 159 -25.21 40.03 7.64
C PHE D 159 -23.99 39.96 6.73
N ASN D 160 -22.82 39.73 7.32
CA ASN D 160 -21.59 39.62 6.55
C ASN D 160 -20.68 38.54 7.11
N PRO D 161 -20.95 37.27 6.79
CA PRO D 161 -22.07 36.84 5.95
C PRO D 161 -23.30 36.60 6.78
N VAL D 162 -24.38 36.23 6.10
CA VAL D 162 -25.63 35.93 6.76
C VAL D 162 -25.55 34.49 7.29
N ILE D 163 -26.01 34.27 8.52
CA ILE D 163 -26.03 32.95 9.13
C ILE D 163 -27.43 32.38 8.93
N GLY D 164 -27.58 31.43 8.01
CA GLY D 164 -28.88 30.82 7.75
C GLY D 164 -29.39 29.85 8.81
N MET D 165 -30.48 29.16 8.51
CA MET D 165 -31.06 28.21 9.44
C MET D 165 -30.39 26.85 9.53
N ASN D 166 -29.43 26.61 8.65
CA ASN D 166 -28.69 25.35 8.68
C ASN D 166 -27.32 25.62 9.32
N MET D 167 -27.23 26.66 10.14
CA MET D 167 -25.99 26.98 10.84
C MET D 167 -26.34 27.39 12.23
N VAL D 168 -25.34 27.41 13.10
CA VAL D 168 -25.51 27.82 14.48
C VAL D 168 -24.22 28.47 14.89
N CYS D 169 -24.32 29.34 15.90
CA CYS D 169 -23.18 30.04 16.46
C CYS D 169 -23.00 29.57 17.89
N ALA D 170 -21.75 29.45 18.30
CA ALA D 170 -21.44 29.04 19.66
C ALA D 170 -20.12 29.67 20.08
N GLY D 171 -20.09 30.16 21.31
CA GLY D 171 -18.90 30.78 21.81
C GLY D 171 -19.18 31.42 23.15
N SER D 172 -19.01 32.72 23.19
CA SER D 172 -19.22 33.49 24.40
C SER D 172 -19.45 34.94 24.03
N LEU D 173 -20.45 35.55 24.63
CA LEU D 173 -20.72 36.95 24.34
C LEU D 173 -19.51 37.77 24.77
N ARG D 174 -18.66 37.21 25.63
CA ARG D 174 -17.45 37.90 26.10
C ARG D 174 -16.26 37.53 25.22
N GLY D 175 -16.30 36.35 24.63
CA GLY D 175 -15.19 35.89 23.81
C GLY D 175 -14.25 35.03 24.66
N GLY D 176 -13.16 34.57 24.05
CA GLY D 176 -12.20 33.74 24.76
C GLY D 176 -12.39 32.28 24.44
N ARG D 177 -13.63 31.80 24.59
CA ARG D 177 -13.96 30.42 24.31
C ARG D 177 -14.45 30.25 22.86
N ASP D 178 -13.63 29.62 22.02
CA ASP D 178 -14.01 29.47 20.63
C ASP D 178 -13.09 28.53 19.86
N SER D 179 -13.56 28.07 18.70
CA SER D 179 -12.76 27.20 17.85
C SER D 179 -11.99 28.07 16.87
N CYS D 180 -10.72 27.74 16.67
CA CYS D 180 -9.87 28.53 15.80
C CYS D 180 -9.52 27.85 14.47
N ASN D 181 -8.84 28.59 13.60
CA ASN D 181 -8.42 28.06 12.31
C ASN D 181 -7.65 26.77 12.55
N GLY D 182 -8.01 25.74 11.80
CA GLY D 182 -7.37 24.45 11.99
C GLY D 182 -8.36 23.53 12.67
N ASP D 183 -9.28 24.11 13.44
CA ASP D 183 -10.29 23.31 14.10
C ASP D 183 -11.45 23.05 13.14
N SER D 184 -11.34 23.56 11.92
CA SER D 184 -12.42 23.36 10.95
C SER D 184 -12.66 21.89 10.69
N GLY D 185 -13.94 21.52 10.65
CA GLY D 185 -14.27 20.14 10.42
C GLY D 185 -14.50 19.44 11.75
N SER D 186 -14.00 20.05 12.82
CA SER D 186 -14.18 19.44 14.10
C SER D 186 -15.67 19.33 14.43
N PRO D 187 -16.10 18.18 14.97
CA PRO D 187 -17.51 17.98 15.33
C PRO D 187 -17.94 18.86 16.51
N LEU D 188 -19.16 19.39 16.43
CA LEU D 188 -19.69 20.22 17.50
C LEU D 188 -20.66 19.32 18.27
N LEU D 189 -20.42 19.23 19.58
CA LEU D 189 -21.22 18.40 20.47
C LEU D 189 -22.01 19.25 21.45
N CYS D 190 -23.31 18.99 21.56
CA CYS D 190 -24.15 19.73 22.48
C CYS D 190 -24.99 18.75 23.29
N GLU D 191 -24.86 18.83 24.61
CA GLU D 191 -25.60 17.92 25.48
C GLU D 191 -25.04 16.51 25.27
N GLY D 192 -23.85 16.40 24.70
CA GLY D 192 -23.25 15.11 24.46
C GLY D 192 -23.62 14.47 23.13
N VAL D 193 -24.45 15.16 22.36
CA VAL D 193 -24.85 14.63 21.06
C VAL D 193 -24.31 15.51 19.92
N PHE D 194 -23.82 14.84 18.88
CA PHE D 194 -23.27 15.46 17.67
C PHE D 194 -24.32 16.34 17.03
N ARG D 195 -24.08 17.65 16.91
CA ARG D 195 -25.05 18.58 16.31
C ARG D 195 -24.56 19.46 15.15
N GLY D 196 -23.24 19.62 15.01
CA GLY D 196 -22.74 20.46 13.95
C GLY D 196 -21.28 20.26 13.59
N VAL D 197 -20.85 20.91 12.51
CA VAL D 197 -19.48 20.81 12.09
C VAL D 197 -18.87 22.20 12.04
N THR D 198 -17.67 22.32 12.59
CA THR D 198 -16.98 23.60 12.64
C THR D 198 -16.73 24.14 11.26
N SER D 199 -17.19 25.36 11.02
CA SER D 199 -16.98 25.91 9.71
C SER D 199 -16.14 27.19 9.63
N PHE D 200 -16.40 28.16 10.51
CA PHE D 200 -15.63 29.40 10.46
C PHE D 200 -15.96 30.47 11.51
N GLY D 201 -15.09 31.46 11.54
CA GLY D 201 -15.22 32.60 12.42
C GLY D 201 -14.46 33.75 11.78
N LEU D 202 -14.43 34.91 12.43
CA LEU D 202 -13.72 36.06 11.88
C LEU D 202 -12.23 35.80 11.74
N GLU D 203 -11.75 35.82 10.50
CA GLU D 203 -10.34 35.57 10.20
C GLU D 203 -9.35 36.24 11.14
N ASN D 204 -8.40 35.44 11.62
CA ASN D 204 -7.36 35.89 12.56
C ASN D 204 -7.91 36.50 13.82
N LYS D 205 -9.22 36.53 13.94
CA LYS D 205 -9.86 37.07 15.12
C LYS D 205 -10.60 35.98 15.88
N CYS D 206 -9.88 34.91 16.20
CA CYS D 206 -10.47 33.80 16.94
C CYS D 206 -10.67 34.26 18.37
N GLY D 207 -11.88 34.08 18.88
CA GLY D 207 -12.16 34.48 20.25
C GLY D 207 -12.71 35.88 20.36
N ASP D 208 -12.70 36.59 19.23
CA ASP D 208 -13.23 37.94 19.21
C ASP D 208 -14.74 37.83 19.41
N PRO D 209 -15.31 38.65 20.31
CA PRO D 209 -16.76 38.60 20.57
C PRO D 209 -17.64 38.77 19.32
N ARG D 210 -17.16 39.56 18.36
CA ARG D 210 -17.90 39.83 17.13
C ARG D 210 -17.87 38.64 16.19
N GLY D 211 -16.92 37.73 16.40
CA GLY D 211 -16.79 36.57 15.53
C GLY D 211 -17.01 35.22 16.18
N PRO D 212 -18.16 34.99 16.82
CA PRO D 212 -18.38 33.69 17.45
C PRO D 212 -18.29 32.55 16.45
N GLY D 213 -17.65 31.46 16.83
CA GLY D 213 -17.52 30.32 15.95
C GLY D 213 -18.84 29.83 15.36
N VAL D 214 -18.81 29.53 14.05
CA VAL D 214 -20.00 29.08 13.32
C VAL D 214 -19.90 27.59 12.94
N TYR D 215 -20.96 26.85 13.18
CA TYR D 215 -20.94 25.43 12.87
C TYR D 215 -22.11 24.99 11.99
N ILE D 216 -21.79 24.18 10.98
CA ILE D 216 -22.81 23.69 10.10
C ILE D 216 -23.71 22.77 10.89
N LEU D 217 -24.98 23.11 10.90
CA LEU D 217 -25.98 22.35 11.63
C LEU D 217 -26.34 21.05 10.92
N LEU D 218 -26.36 19.95 11.67
CA LEU D 218 -26.75 18.66 11.10
C LEU D 218 -28.27 18.58 11.06
N SER D 219 -28.88 19.40 10.20
CA SER D 219 -30.34 19.46 10.06
C SER D 219 -30.84 18.25 9.27
N LYS D 220 -32.15 18.17 9.07
CA LYS D 220 -32.73 17.04 8.33
C LYS D 220 -32.14 16.86 6.93
N LYS D 221 -31.98 17.96 6.21
CA LYS D 221 -31.43 17.93 4.86
C LYS D 221 -30.04 17.27 4.87
N HIS D 222 -29.13 17.84 5.66
CA HIS D 222 -27.77 17.37 5.80
C HIS D 222 -27.73 15.89 6.21
N LEU D 223 -28.44 15.54 7.28
CA LEU D 223 -28.48 14.16 7.74
C LEU D 223 -28.79 13.24 6.57
N ASN D 224 -29.95 13.44 5.95
CA ASN D 224 -30.36 12.64 4.79
C ASN D 224 -29.25 12.51 3.74
N TRP D 225 -28.56 13.61 3.42
CA TRP D 225 -27.51 13.53 2.41
C TRP D 225 -26.39 12.62 2.87
N ILE D 226 -25.96 12.82 4.11
CA ILE D 226 -24.91 12.04 4.72
C ILE D 226 -25.28 10.56 4.63
N ILE D 227 -26.46 10.22 5.14
CA ILE D 227 -26.91 8.84 5.14
C ILE D 227 -27.07 8.24 3.74
N MET D 228 -27.57 9.03 2.81
CA MET D 228 -27.73 8.53 1.44
C MET D 228 -26.37 8.35 0.77
N THR D 229 -25.39 9.17 1.13
CA THR D 229 -24.05 9.08 0.54
C THR D 229 -23.35 7.83 1.04
N ILE D 230 -23.52 7.53 2.32
CA ILE D 230 -22.90 6.36 2.89
C ILE D 230 -23.54 5.11 2.30
N LYS D 231 -24.86 5.04 2.34
CA LYS D 231 -25.59 3.89 1.80
C LYS D 231 -25.66 3.96 0.29
N GLY D 232 -24.69 4.62 -0.33
CA GLY D 232 -24.66 4.73 -1.78
C GLY D 232 -23.38 4.20 -2.37
N ALA D 233 -22.65 3.39 -1.60
CA ALA D 233 -21.37 2.82 -2.01
C ALA D 233 -20.36 3.92 -2.34
N VAL D 234 -19.49 3.65 -3.31
CA VAL D 234 -18.47 4.61 -3.72
C VAL D 234 -19.03 5.61 -4.72
N ILE E 1 10.31 -10.52 -9.41
CA ILE E 1 11.00 -11.09 -8.21
C ILE E 1 10.57 -12.54 -8.05
N ILE E 2 11.56 -13.42 -7.90
CA ILE E 2 11.28 -14.83 -7.71
C ILE E 2 11.81 -15.26 -6.35
N GLY E 3 11.00 -16.04 -5.64
CA GLY E 3 11.40 -16.52 -4.33
C GLY E 3 11.24 -15.48 -3.24
N GLY E 4 10.40 -14.47 -3.48
CA GLY E 4 10.20 -13.45 -2.47
C GLY E 4 8.78 -13.41 -1.93
N ASN E 5 8.37 -12.25 -1.44
CA ASN E 5 7.03 -12.09 -0.90
C ASN E 5 6.50 -10.69 -1.19
N GLU E 6 5.17 -10.56 -1.19
CA GLU E 6 4.53 -9.28 -1.43
C GLU E 6 4.80 -8.38 -0.22
N VAL E 7 5.40 -7.21 -0.44
CA VAL E 7 5.67 -6.31 0.67
C VAL E 7 4.40 -5.63 1.16
N THR E 8 4.51 -4.94 2.28
CA THR E 8 3.35 -4.23 2.82
C THR E 8 3.13 -3.03 1.91
N PRO E 9 1.88 -2.83 1.46
CA PRO E 9 1.57 -1.71 0.58
C PRO E 9 2.24 -0.42 1.02
N HIS E 10 3.11 0.10 0.17
CA HIS E 10 3.83 1.35 0.41
C HIS E 10 4.87 1.29 1.51
N SER E 11 5.42 0.11 1.76
CA SER E 11 6.44 -0.03 2.79
C SER E 11 7.84 0.20 2.21
N ARG E 12 7.90 0.55 0.93
CA ARG E 12 9.17 0.81 0.23
C ARG E 12 8.93 2.04 -0.65
N PRO E 13 8.50 3.14 -0.03
CA PRO E 13 8.19 4.41 -0.69
C PRO E 13 9.18 4.97 -1.72
N TYR E 14 10.37 4.40 -1.81
CA TYR E 14 11.38 4.87 -2.76
C TYR E 14 11.29 4.15 -4.11
N MET E 15 10.53 3.06 -4.15
CA MET E 15 10.39 2.29 -5.37
C MET E 15 9.63 2.99 -6.48
N VAL E 16 10.18 2.88 -7.69
CA VAL E 16 9.55 3.51 -8.82
C VAL E 16 9.10 2.46 -9.81
N LEU E 17 7.85 2.56 -10.23
CA LEU E 17 7.30 1.64 -11.20
C LEU E 17 7.39 2.31 -12.57
N LEU E 18 8.10 1.68 -13.49
CA LEU E 18 8.25 2.23 -14.83
C LEU E 18 7.45 1.40 -15.81
N SER E 19 6.35 1.99 -16.27
CA SER E 19 5.47 1.35 -17.24
C SER E 19 5.96 1.81 -18.61
N LEU E 20 6.81 1.00 -19.23
CA LEU E 20 7.37 1.32 -20.54
C LEU E 20 6.31 1.26 -21.63
N ASP E 21 5.63 0.12 -21.71
CA ASP E 21 4.56 -0.06 -22.69
C ASP E 21 3.61 -1.11 -22.18
N ARG E 22 2.88 -1.73 -23.10
CA ARG E 22 1.91 -2.75 -22.74
C ARG E 22 2.54 -4.12 -22.54
N LYS E 23 3.75 -4.29 -23.04
CA LYS E 23 4.43 -5.56 -22.94
C LYS E 23 5.61 -5.59 -21.98
N THR E 24 6.07 -4.42 -21.55
CA THR E 24 7.22 -4.40 -20.67
C THR E 24 7.23 -3.29 -19.62
N ILE E 25 7.76 -3.61 -18.44
CA ILE E 25 7.87 -2.61 -17.38
C ILE E 25 9.24 -2.78 -16.76
N CYS E 26 9.69 -1.75 -16.04
CA CYS E 26 10.98 -1.75 -15.37
C CYS E 26 10.80 -1.16 -13.99
N ALA E 27 11.87 -1.10 -13.20
CA ALA E 27 11.80 -0.52 -11.87
C ALA E 27 12.84 0.58 -11.78
N GLY E 28 12.78 1.35 -10.70
CA GLY E 28 13.72 2.43 -10.51
C GLY E 28 13.71 2.88 -9.07
N ALA E 29 14.49 3.90 -8.79
CA ALA E 29 14.60 4.45 -7.44
C ALA E 29 14.55 5.96 -7.51
N LEU E 30 13.79 6.57 -6.61
CA LEU E 30 13.70 8.03 -6.56
C LEU E 30 14.88 8.51 -5.74
N ILE E 31 15.88 9.09 -6.41
CA ILE E 31 17.05 9.58 -5.70
C ILE E 31 16.98 11.08 -5.46
N ALA E 32 15.91 11.69 -5.94
CA ALA E 32 15.72 13.13 -5.78
C ALA E 32 14.27 13.43 -6.14
N LYS E 33 13.78 14.59 -5.73
CA LYS E 33 12.41 14.94 -6.02
C LYS E 33 12.07 14.78 -7.50
N ASP E 34 12.97 15.26 -8.36
CA ASP E 34 12.74 15.16 -9.79
C ASP E 34 13.78 14.29 -10.53
N TRP E 35 14.27 13.25 -9.85
CA TRP E 35 15.25 12.36 -10.46
C TRP E 35 15.04 10.89 -10.10
N VAL E 36 14.98 10.06 -11.14
CA VAL E 36 14.80 8.63 -10.97
C VAL E 36 15.98 7.89 -11.59
N LEU E 37 16.56 6.97 -10.82
CA LEU E 37 17.70 6.17 -11.29
C LEU E 37 17.17 4.81 -11.71
N THR E 38 17.47 4.40 -12.93
CA THR E 38 17.02 3.11 -13.43
C THR E 38 18.11 2.53 -14.32
N ALA E 39 17.78 1.47 -15.06
CA ALA E 39 18.75 0.82 -15.93
C ALA E 39 18.74 1.46 -17.31
N ALA E 40 19.90 1.50 -17.95
CA ALA E 40 19.97 2.11 -19.27
C ALA E 40 19.24 1.26 -20.32
N HIS E 41 19.24 -0.06 -20.16
CA HIS E 41 18.57 -0.90 -21.14
C HIS E 41 17.04 -0.85 -21.05
N CYS E 42 16.50 -0.14 -20.08
CA CYS E 42 15.05 -0.02 -19.95
C CYS E 42 14.61 1.09 -20.92
N ASN E 43 14.03 0.71 -22.06
CA ASN E 43 13.59 1.68 -23.07
C ASN E 43 12.25 2.37 -22.76
N LEU E 44 12.25 3.69 -22.87
CA LEU E 44 11.03 4.47 -22.63
C LEU E 44 10.53 5.10 -23.93
N ASN E 45 9.21 5.27 -24.04
CA ASN E 45 8.60 5.89 -25.21
C ASN E 45 7.55 6.90 -24.79
N LYS E 46 6.95 7.58 -25.77
CA LYS E 46 5.94 8.61 -25.50
C LYS E 46 4.88 8.20 -24.47
N ARG E 47 4.52 6.93 -24.46
CA ARG E 47 3.52 6.42 -23.53
C ARG E 47 4.11 6.00 -22.17
N SER E 48 5.43 5.84 -22.09
CA SER E 48 6.03 5.43 -20.83
C SER E 48 5.63 6.34 -19.68
N GLN E 49 5.45 5.74 -18.51
CA GLN E 49 5.05 6.48 -17.33
C GLN E 49 5.89 6.08 -16.14
N VAL E 50 6.10 7.02 -15.24
CA VAL E 50 6.88 6.78 -14.05
C VAL E 50 5.92 6.80 -12.87
N ILE E 51 5.46 5.63 -12.44
CA ILE E 51 4.51 5.55 -11.34
C ILE E 51 5.20 5.56 -9.98
N LEU E 52 4.82 6.49 -9.12
CA LEU E 52 5.40 6.61 -7.80
C LEU E 52 4.33 6.36 -6.74
N GLY E 53 4.76 5.88 -5.57
CA GLY E 53 3.82 5.61 -4.49
C GLY E 53 2.86 4.51 -4.86
N ALA E 54 3.31 3.62 -5.74
CA ALA E 54 2.47 2.52 -6.19
C ALA E 54 2.78 1.21 -5.50
N HIS E 55 1.81 0.31 -5.50
CA HIS E 55 1.98 -1.01 -4.92
C HIS E 55 1.36 -1.98 -5.91
N SER E 56 0.21 -1.60 -6.45
CA SER E 56 -0.47 -2.41 -7.44
C SER E 56 -0.39 -1.70 -8.79
N ILE E 57 -0.11 -2.48 -9.83
CA ILE E 57 -0.01 -1.96 -11.18
C ILE E 57 -1.40 -1.53 -11.68
N THR E 58 -2.36 -2.44 -11.58
CA THR E 58 -3.73 -2.20 -12.03
C THR E 58 -4.62 -1.37 -11.10
N ARG E 59 -4.93 -1.90 -9.92
CA ARG E 59 -5.80 -1.21 -8.97
C ARG E 59 -5.49 0.27 -8.77
N GLU E 60 -6.56 1.05 -8.59
CA GLU E 60 -6.47 2.50 -8.39
C GLU E 60 -5.92 2.78 -6.98
N GLU E 61 -5.00 3.74 -6.87
CA GLU E 61 -4.43 4.08 -5.56
C GLU E 61 -4.24 5.58 -5.39
N PRO E 62 -4.73 6.14 -4.28
CA PRO E 62 -4.62 7.57 -4.00
C PRO E 62 -3.19 7.97 -3.64
N THR E 63 -2.32 6.98 -3.51
CA THR E 63 -0.93 7.27 -3.18
C THR E 63 -0.10 7.22 -4.46
N LYS E 64 -0.76 6.95 -5.58
CA LYS E 64 -0.07 6.88 -6.85
C LYS E 64 0.15 8.26 -7.50
N GLN E 65 1.41 8.65 -7.65
CA GLN E 65 1.78 9.93 -8.27
C GLN E 65 2.37 9.62 -9.63
N ILE E 66 1.55 9.67 -10.68
CA ILE E 66 2.03 9.37 -12.03
C ILE E 66 2.87 10.52 -12.60
N MET E 67 4.10 10.22 -13.01
CA MET E 67 4.96 11.25 -13.54
C MET E 67 5.35 10.98 -14.99
N LEU E 68 5.85 12.02 -15.65
CA LEU E 68 6.30 11.95 -17.05
C LEU E 68 7.77 12.30 -17.15
N VAL E 69 8.48 11.61 -18.03
CA VAL E 69 9.89 11.91 -18.17
C VAL E 69 10.16 13.13 -19.02
N LYS E 70 10.87 14.09 -18.43
CA LYS E 70 11.22 15.30 -19.12
C LYS E 70 12.38 15.05 -20.08
N LYS E 71 13.37 14.28 -19.64
CA LYS E 71 14.56 13.96 -20.43
C LYS E 71 15.32 12.74 -19.88
N GLU E 72 15.99 11.99 -20.76
CA GLU E 72 16.74 10.81 -20.33
C GLU E 72 18.25 11.07 -20.35
N PHE E 73 18.93 10.63 -19.30
CA PHE E 73 20.37 10.81 -19.18
C PHE E 73 21.04 9.44 -19.00
N PRO E 74 21.19 8.70 -20.10
CA PRO E 74 21.81 7.38 -20.02
C PRO E 74 23.30 7.49 -19.75
N TYR E 75 23.87 6.46 -19.13
CA TYR E 75 25.30 6.50 -18.85
C TYR E 75 26.00 6.58 -20.20
N PRO E 76 26.73 7.68 -20.44
CA PRO E 76 27.45 7.87 -21.71
C PRO E 76 28.36 6.72 -22.11
N CYS E 77 28.86 5.96 -21.16
CA CYS E 77 29.73 4.86 -21.53
C CYS E 77 29.11 3.48 -21.35
N TYR E 78 27.79 3.44 -21.41
CA TYR E 78 27.05 2.20 -21.28
C TYR E 78 27.34 1.31 -22.49
N ASP E 79 27.54 0.02 -22.25
CA ASP E 79 27.83 -0.91 -23.32
C ASP E 79 26.73 -1.98 -23.41
N PRO E 80 25.80 -1.82 -24.35
CA PRO E 80 24.73 -2.80 -24.48
C PRO E 80 25.18 -4.21 -24.81
N ALA E 81 26.47 -4.36 -25.10
CA ALA E 81 26.96 -5.71 -25.43
C ALA E 81 27.36 -6.47 -24.17
N THR E 82 27.92 -5.75 -23.21
CA THR E 82 28.35 -6.33 -21.97
C THR E 82 27.54 -5.80 -20.80
N ARG E 83 26.42 -5.13 -21.10
CA ARG E 83 25.57 -4.56 -20.08
C ARG E 83 26.37 -3.69 -19.12
N GLU E 84 27.62 -3.42 -19.46
CA GLU E 84 28.47 -2.60 -18.61
C GLU E 84 27.91 -1.19 -18.56
N GLY E 85 28.12 -0.51 -17.44
CA GLY E 85 27.60 0.84 -17.31
C GLY E 85 26.10 0.93 -17.56
N ASP E 86 25.37 -0.18 -17.41
CA ASP E 86 23.92 -0.20 -17.64
C ASP E 86 23.26 0.71 -16.60
N LEU E 87 23.10 1.98 -16.93
CA LEU E 87 22.48 2.94 -16.03
C LEU E 87 21.88 4.11 -16.84
N LYS E 88 20.74 4.62 -16.35
CA LYS E 88 20.02 5.71 -16.99
C LYS E 88 19.33 6.56 -15.94
N LEU E 89 19.69 7.84 -15.90
CA LEU E 89 19.13 8.76 -14.95
C LEU E 89 17.98 9.52 -15.59
N LEU E 90 16.77 9.30 -15.10
CA LEU E 90 15.59 9.96 -15.66
C LEU E 90 15.21 11.28 -15.00
N GLN E 91 15.02 12.31 -15.82
CA GLN E 91 14.62 13.62 -15.32
C GLN E 91 13.11 13.76 -15.47
N LEU E 92 12.45 14.21 -14.41
CA LEU E 92 11.00 14.38 -14.44
C LEU E 92 10.56 15.83 -14.64
N THR E 93 9.52 16.01 -15.46
CA THR E 93 8.99 17.34 -15.74
C THR E 93 8.46 17.95 -14.46
N GLU E 94 7.64 17.19 -13.74
CA GLU E 94 7.07 17.68 -12.49
C GLU E 94 7.88 17.12 -11.32
N LYS E 95 7.89 17.85 -10.21
CA LYS E 95 8.62 17.43 -9.01
C LYS E 95 7.69 16.65 -8.09
N ALA E 96 8.02 15.38 -7.87
CA ALA E 96 7.23 14.51 -7.01
C ALA E 96 6.98 15.15 -5.65
N LYS E 97 5.81 14.86 -5.08
CA LYS E 97 5.43 15.38 -3.78
C LYS E 97 5.87 14.39 -2.70
N ILE E 98 7.04 14.65 -2.15
CA ILE E 98 7.61 13.81 -1.11
C ILE E 98 6.65 13.71 0.06
N ASN E 99 6.19 12.51 0.34
CA ASN E 99 5.27 12.27 1.44
C ASN E 99 5.71 11.05 2.22
N LYS E 100 4.76 10.29 2.75
CA LYS E 100 5.05 9.09 3.53
C LYS E 100 5.07 7.82 2.67
N TYR E 101 4.54 7.92 1.46
CA TYR E 101 4.52 6.76 0.57
C TYR E 101 5.40 6.94 -0.66
N VAL E 102 6.05 8.10 -0.74
CA VAL E 102 6.94 8.45 -1.83
C VAL E 102 8.17 9.12 -1.20
N THR E 103 9.27 8.38 -1.10
CA THR E 103 10.47 8.91 -0.48
C THR E 103 11.69 8.88 -1.36
N ILE E 104 12.75 9.55 -0.91
CA ILE E 104 13.99 9.61 -1.65
C ILE E 104 15.02 8.61 -1.13
N LEU E 105 15.58 7.81 -2.03
CA LEU E 105 16.59 6.84 -1.64
C LEU E 105 17.94 7.53 -1.74
N HIS E 106 18.64 7.59 -0.62
CA HIS E 106 19.95 8.24 -0.57
C HIS E 106 21.03 7.44 -1.29
N LEU E 107 21.96 8.15 -1.93
CA LEU E 107 23.06 7.53 -2.65
C LEU E 107 24.15 7.12 -1.67
N PRO E 108 25.01 6.17 -2.07
CA PRO E 108 26.09 5.74 -1.19
C PRO E 108 27.04 6.89 -0.86
N LYS E 109 27.43 6.99 0.40
CA LYS E 109 28.36 8.03 0.81
C LYS E 109 29.70 7.82 0.08
N LYS E 110 30.06 6.55 -0.14
CA LYS E 110 31.31 6.24 -0.83
C LYS E 110 31.04 5.12 -1.82
N GLY E 111 31.76 5.10 -2.95
CA GLY E 111 31.55 4.05 -3.92
C GLY E 111 32.23 2.75 -3.56
N ASP E 112 31.94 2.25 -2.36
CA ASP E 112 32.51 1.00 -1.84
C ASP E 112 32.12 -0.20 -2.68
N ASP E 113 32.49 -1.38 -2.21
CA ASP E 113 32.11 -2.60 -2.90
C ASP E 113 31.50 -3.52 -1.85
N VAL E 114 30.37 -4.10 -2.19
CA VAL E 114 29.67 -4.98 -1.26
C VAL E 114 30.48 -6.26 -1.04
N LYS E 115 30.78 -6.52 0.22
CA LYS E 115 31.55 -7.70 0.58
C LYS E 115 30.71 -8.98 0.48
N PRO E 116 31.30 -10.07 -0.02
CA PRO E 116 30.59 -11.35 -0.15
C PRO E 116 29.92 -11.76 1.15
N GLY E 117 28.77 -12.42 1.04
CA GLY E 117 28.04 -12.85 2.21
C GLY E 117 27.03 -11.81 2.69
N THR E 118 27.24 -10.54 2.33
CA THR E 118 26.35 -9.45 2.75
C THR E 118 24.86 -9.64 2.39
N MET E 119 23.97 -9.25 3.30
CA MET E 119 22.54 -9.39 3.04
C MET E 119 21.95 -8.19 2.30
N CYS E 120 21.29 -8.45 1.18
CA CYS E 120 20.68 -7.37 0.43
C CYS E 120 19.29 -7.80 0.02
N GLN E 121 18.52 -6.86 -0.50
CA GLN E 121 17.17 -7.15 -0.95
C GLN E 121 16.86 -6.41 -2.24
N VAL E 122 15.86 -6.90 -2.97
CA VAL E 122 15.44 -6.29 -4.23
C VAL E 122 13.92 -6.38 -4.37
N ALA E 123 13.29 -5.25 -4.65
CA ALA E 123 11.85 -5.19 -4.80
C ALA E 123 11.45 -4.93 -6.27
N GLY E 124 10.29 -5.43 -6.68
CA GLY E 124 9.88 -5.21 -8.06
C GLY E 124 8.56 -5.87 -8.46
N TRP E 125 8.03 -5.46 -9.61
CA TRP E 125 6.78 -6.03 -10.10
C TRP E 125 7.07 -7.08 -11.17
N GLY E 126 8.30 -7.55 -11.22
CA GLY E 126 8.67 -8.54 -12.21
C GLY E 126 7.91 -9.85 -12.05
N ARG E 127 8.22 -10.81 -12.93
CA ARG E 127 7.54 -12.09 -12.90
C ARG E 127 8.03 -12.96 -11.74
N THR E 128 7.18 -13.92 -11.38
CA THR E 128 7.45 -14.84 -10.29
C THR E 128 7.72 -16.25 -10.83
N HIS E 129 7.65 -17.24 -9.95
CA HIS E 129 7.88 -18.63 -10.32
C HIS E 129 6.66 -19.22 -11.02
N ASN E 130 5.54 -19.31 -10.30
CA ASN E 130 4.31 -19.84 -10.85
C ASN E 130 3.34 -18.76 -11.31
N SER E 131 3.74 -18.02 -12.34
CA SER E 131 2.93 -16.95 -12.89
C SER E 131 3.43 -16.55 -14.28
N ALA E 132 2.52 -16.45 -15.24
CA ALA E 132 2.87 -16.09 -16.60
C ALA E 132 3.31 -14.64 -16.70
N SER E 133 2.39 -13.72 -16.47
CA SER E 133 2.70 -12.31 -16.54
C SER E 133 3.34 -11.80 -15.25
N TRP E 134 3.84 -10.56 -15.29
CA TRP E 134 4.47 -9.95 -14.14
C TRP E 134 3.51 -9.87 -12.97
N SER E 135 4.05 -9.56 -11.79
CA SER E 135 3.24 -9.45 -10.58
C SER E 135 2.52 -8.11 -10.51
N ASP E 136 1.27 -8.12 -10.06
CA ASP E 136 0.50 -6.89 -9.98
C ASP E 136 0.87 -6.03 -8.75
N THR E 137 1.41 -6.67 -7.73
CA THR E 137 1.78 -5.91 -6.54
C THR E 137 3.26 -5.99 -6.29
N LEU E 138 3.76 -5.04 -5.51
CA LEU E 138 5.18 -4.97 -5.19
C LEU E 138 5.65 -6.17 -4.36
N ARG E 139 6.79 -6.76 -4.76
CA ARG E 139 7.35 -7.88 -4.01
C ARG E 139 8.85 -7.66 -3.78
N GLU E 140 9.40 -8.34 -2.79
CA GLU E 140 10.80 -8.18 -2.48
C GLU E 140 11.36 -9.54 -2.04
N VAL E 141 12.66 -9.74 -2.24
CA VAL E 141 13.34 -10.99 -1.88
C VAL E 141 14.70 -10.73 -1.21
N ASN E 142 15.02 -11.54 -0.19
CA ASN E 142 16.29 -11.40 0.50
C ASN E 142 17.34 -12.20 -0.26
N ILE E 143 18.37 -11.53 -0.74
CA ILE E 143 19.44 -12.18 -1.50
C ILE E 143 20.80 -11.89 -0.88
N THR E 144 21.79 -12.67 -1.27
CA THR E 144 23.13 -12.50 -0.74
C THR E 144 24.20 -12.30 -1.80
N ILE E 145 25.05 -11.30 -1.57
CA ILE E 145 26.13 -11.00 -2.51
C ILE E 145 26.99 -12.24 -2.70
N ILE E 146 27.24 -12.56 -3.96
CA ILE E 146 28.04 -13.70 -4.33
C ILE E 146 29.43 -13.21 -4.76
N ASP E 147 30.49 -13.81 -4.22
CA ASP E 147 31.87 -13.42 -4.57
C ASP E 147 32.03 -13.31 -6.09
N ARG E 148 32.56 -12.20 -6.53
CA ARG E 148 32.77 -11.98 -7.94
C ARG E 148 33.61 -13.11 -8.60
N LYS E 149 34.67 -13.56 -7.94
CA LYS E 149 35.48 -14.65 -8.51
C LYS E 149 34.61 -15.87 -8.75
N VAL E 150 33.63 -16.09 -7.88
CA VAL E 150 32.76 -17.24 -8.07
C VAL E 150 31.73 -16.90 -9.14
N CYS E 151 31.33 -15.65 -9.21
CA CYS E 151 30.36 -15.25 -10.20
C CYS E 151 30.91 -15.39 -11.62
N ASN E 152 32.24 -15.54 -11.73
CA ASN E 152 32.90 -15.68 -13.03
C ASN E 152 33.38 -17.10 -13.32
N ASP E 153 33.29 -18.00 -12.34
CA ASP E 153 33.76 -19.38 -12.52
C ASP E 153 32.93 -20.24 -13.47
N ARG E 154 33.45 -21.41 -13.84
CA ARG E 154 32.74 -22.29 -14.78
C ARG E 154 31.35 -22.64 -14.28
N ASN E 155 31.23 -22.70 -12.95
CA ASN E 155 29.96 -23.01 -12.31
C ASN E 155 28.89 -22.01 -12.72
N HIS E 156 29.33 -20.81 -13.06
CA HIS E 156 28.41 -19.73 -13.42
C HIS E 156 28.62 -19.15 -14.81
N TYR E 157 28.65 -17.82 -14.90
CA TYR E 157 28.83 -17.11 -16.17
C TYR E 157 30.11 -17.55 -16.91
N ASN E 158 31.14 -17.92 -16.17
CA ASN E 158 32.38 -18.40 -16.78
C ASN E 158 32.97 -17.42 -17.80
N PHE E 159 33.20 -16.19 -17.38
CA PHE E 159 33.75 -15.16 -18.25
C PHE E 159 32.99 -15.03 -19.55
N ASN E 160 31.66 -15.00 -19.49
CA ASN E 160 30.87 -14.85 -20.70
C ASN E 160 29.37 -14.78 -20.42
N PRO E 161 28.87 -13.59 -20.06
CA PRO E 161 29.62 -12.34 -19.88
C PRO E 161 30.55 -12.37 -18.68
N VAL E 162 31.57 -11.51 -18.73
CA VAL E 162 32.54 -11.36 -17.66
C VAL E 162 31.95 -10.31 -16.74
N ILE E 163 31.95 -10.56 -15.43
CA ILE E 163 31.42 -9.61 -14.45
C ILE E 163 32.59 -8.81 -13.89
N GLY E 164 32.59 -7.50 -14.13
CA GLY E 164 33.70 -6.67 -13.68
C GLY E 164 33.60 -6.00 -12.33
N MET E 165 34.67 -5.30 -11.96
CA MET E 165 34.76 -4.60 -10.68
C MET E 165 33.64 -3.59 -10.49
N ASN E 166 32.98 -3.22 -11.59
CA ASN E 166 31.89 -2.28 -11.48
C ASN E 166 30.52 -2.94 -11.43
N MET E 167 30.50 -4.25 -11.24
CA MET E 167 29.24 -4.98 -11.12
C MET E 167 29.33 -5.91 -9.93
N VAL E 168 28.19 -6.18 -9.31
CA VAL E 168 28.14 -7.08 -8.18
C VAL E 168 27.10 -8.14 -8.52
N CYS E 169 27.28 -9.30 -7.92
CA CYS E 169 26.37 -10.43 -8.05
C CYS E 169 25.71 -10.63 -6.70
N ALA E 170 24.49 -11.14 -6.71
CA ALA E 170 23.74 -11.37 -5.48
C ALA E 170 22.74 -12.48 -5.73
N GLY E 171 22.07 -12.90 -4.66
CA GLY E 171 21.10 -13.97 -4.78
C GLY E 171 21.45 -15.05 -3.77
N SER E 172 21.42 -16.30 -4.22
CA SER E 172 21.74 -17.43 -3.34
C SER E 172 22.42 -18.54 -4.14
N LEU E 173 23.32 -19.28 -3.49
CA LEU E 173 24.04 -20.36 -4.16
C LEU E 173 23.12 -21.53 -4.52
N ARG E 174 22.01 -21.64 -3.79
CA ARG E 174 21.03 -22.69 -4.01
C ARG E 174 20.05 -22.30 -5.11
N GLY E 175 19.86 -20.99 -5.31
CA GLY E 175 18.94 -20.53 -6.34
C GLY E 175 17.54 -20.28 -5.80
N GLY E 176 16.65 -19.87 -6.68
CA GLY E 176 15.27 -19.59 -6.29
C GLY E 176 14.96 -18.16 -5.87
N ARG E 177 15.93 -17.50 -5.26
CA ARG E 177 15.76 -16.13 -4.79
C ARG E 177 16.51 -15.22 -5.76
N ASP E 178 15.78 -14.41 -6.51
CA ASP E 178 16.45 -13.58 -7.50
C ASP E 178 15.53 -12.51 -8.09
N SER E 179 16.06 -11.67 -8.99
CA SER E 179 15.27 -10.62 -9.65
C SER E 179 15.10 -11.02 -11.10
N CYS E 180 13.96 -10.66 -11.70
CA CYS E 180 13.73 -11.04 -13.09
C CYS E 180 13.39 -9.88 -14.02
N ASN E 181 12.91 -10.21 -15.22
CA ASN E 181 12.52 -9.20 -16.18
C ASN E 181 11.40 -8.32 -15.61
N GLY E 182 11.64 -7.03 -15.53
CA GLY E 182 10.64 -6.15 -14.97
C GLY E 182 11.26 -5.54 -13.74
N ASP E 183 12.21 -6.28 -13.14
CA ASP E 183 12.90 -5.77 -11.97
C ASP E 183 14.13 -4.96 -12.38
N SER E 184 14.46 -4.99 -13.67
CA SER E 184 15.61 -4.23 -14.21
C SER E 184 15.41 -2.78 -13.82
N GLY E 185 16.46 -2.15 -13.30
CA GLY E 185 16.34 -0.76 -12.90
C GLY E 185 16.13 -0.69 -11.39
N SER E 186 15.58 -1.76 -10.83
CA SER E 186 15.33 -1.82 -9.39
C SER E 186 16.62 -1.63 -8.59
N PRO E 187 16.58 -0.79 -7.54
CA PRO E 187 17.75 -0.54 -6.70
C PRO E 187 18.06 -1.70 -5.77
N LEU E 188 19.32 -2.09 -5.71
CA LEU E 188 19.76 -3.16 -4.83
C LEU E 188 20.07 -2.50 -3.50
N LEU E 189 19.49 -3.01 -2.42
CA LEU E 189 19.72 -2.46 -1.07
C LEU E 189 20.48 -3.44 -0.18
N CYS E 190 21.61 -2.99 0.34
CA CYS E 190 22.43 -3.83 1.20
C CYS E 190 22.59 -3.15 2.55
N GLU E 191 22.25 -3.88 3.61
CA GLU E 191 22.35 -3.32 4.95
C GLU E 191 21.66 -1.94 4.98
N GLY E 192 20.59 -1.77 4.21
CA GLY E 192 19.90 -0.49 4.20
C GLY E 192 20.56 0.60 3.38
N VAL E 193 21.52 0.23 2.55
CA VAL E 193 22.22 1.21 1.73
C VAL E 193 22.19 0.89 0.23
N PHE E 194 21.77 1.88 -0.53
CA PHE E 194 21.66 1.80 -1.98
C PHE E 194 23.05 1.48 -2.51
N ARG E 195 23.20 0.35 -3.18
CA ARG E 195 24.52 -0.02 -3.69
C ARG E 195 24.56 -0.58 -5.09
N GLY E 196 23.41 -0.68 -5.74
CA GLY E 196 23.43 -1.23 -7.09
C GLY E 196 22.13 -1.08 -7.86
N VAL E 197 22.23 -1.37 -9.15
CA VAL E 197 21.09 -1.29 -10.07
C VAL E 197 20.91 -2.60 -10.82
N THR E 198 19.74 -3.19 -10.69
CA THR E 198 19.45 -4.47 -11.35
C THR E 198 19.63 -4.34 -12.86
N SER E 199 20.51 -5.17 -13.40
CA SER E 199 20.83 -5.16 -14.82
C SER E 199 20.47 -6.40 -15.62
N PHE E 200 20.91 -7.57 -15.18
CA PHE E 200 20.59 -8.78 -15.92
C PHE E 200 20.80 -10.05 -15.14
N GLY E 201 20.51 -11.16 -15.83
CA GLY E 201 20.67 -12.47 -15.25
C GLY E 201 20.92 -13.40 -16.41
N LEU E 202 20.16 -14.49 -16.48
CA LEU E 202 20.27 -15.42 -17.57
C LEU E 202 18.95 -15.42 -18.32
N GLU E 203 19.06 -15.41 -19.64
CA GLU E 203 17.90 -15.42 -20.53
C GLU E 203 16.78 -16.34 -20.03
N ASN E 204 15.70 -15.73 -19.55
CA ASN E 204 14.55 -16.48 -19.07
C ASN E 204 14.88 -17.57 -18.06
N LYS E 205 15.93 -17.34 -17.26
CA LYS E 205 16.33 -18.29 -16.24
C LYS E 205 16.58 -17.55 -14.92
N CYS E 206 15.52 -16.91 -14.43
CA CYS E 206 15.59 -16.17 -13.19
C CYS E 206 15.71 -17.17 -12.05
N GLY E 207 16.58 -16.88 -11.09
CA GLY E 207 16.74 -17.79 -9.96
C GLY E 207 17.57 -19.04 -10.24
N ASP E 208 18.10 -19.12 -11.45
CA ASP E 208 18.92 -20.24 -11.85
C ASP E 208 20.30 -20.04 -11.25
N PRO E 209 20.71 -20.92 -10.30
CA PRO E 209 21.99 -20.88 -9.60
C PRO E 209 23.17 -20.44 -10.45
N ARG E 210 23.31 -21.06 -11.61
CA ARG E 210 24.40 -20.76 -12.53
C ARG E 210 24.33 -19.33 -13.06
N GLY E 211 23.26 -18.62 -12.74
CA GLY E 211 23.12 -17.26 -13.22
C GLY E 211 22.61 -16.25 -12.22
N PRO E 212 23.34 -16.00 -11.12
CA PRO E 212 22.86 -15.02 -10.12
C PRO E 212 22.66 -13.63 -10.72
N GLY E 213 21.77 -12.86 -10.08
CA GLY E 213 21.50 -11.52 -10.55
C GLY E 213 22.73 -10.63 -10.59
N VAL E 214 22.93 -9.96 -11.73
CA VAL E 214 24.05 -9.05 -11.89
C VAL E 214 23.55 -7.62 -11.70
N TYR E 215 24.26 -6.85 -10.88
CA TYR E 215 23.88 -5.48 -10.57
C TYR E 215 25.00 -4.48 -10.84
N ILE E 216 24.65 -3.27 -11.26
CA ILE E 216 25.66 -2.25 -11.49
C ILE E 216 26.04 -1.64 -10.15
N LEU E 217 27.28 -1.80 -9.74
CA LEU E 217 27.75 -1.25 -8.46
C LEU E 217 27.79 0.28 -8.53
N LEU E 218 27.24 0.95 -7.51
CA LEU E 218 27.28 2.41 -7.47
C LEU E 218 28.66 2.86 -6.96
N SER E 219 29.68 2.61 -7.77
CA SER E 219 31.06 2.97 -7.44
C SER E 219 31.32 4.48 -7.53
N LYS E 220 32.57 4.88 -7.30
CA LYS E 220 32.94 6.30 -7.35
C LYS E 220 32.59 6.94 -8.69
N LYS E 221 33.16 6.37 -9.75
CA LYS E 221 32.94 6.86 -11.11
C LYS E 221 31.46 7.02 -11.40
N HIS E 222 30.69 6.02 -11.00
CA HIS E 222 29.25 6.04 -11.22
C HIS E 222 28.57 7.14 -10.41
N LEU E 223 28.91 7.22 -9.12
CA LEU E 223 28.34 8.23 -8.25
C LEU E 223 28.71 9.62 -8.72
N ASN E 224 29.93 9.79 -9.21
CA ASN E 224 30.36 11.09 -9.70
C ASN E 224 29.48 11.49 -10.89
N TRP E 225 29.30 10.57 -11.83
CA TRP E 225 28.45 10.89 -12.98
C TRP E 225 27.06 11.27 -12.51
N ILE E 226 26.54 10.52 -11.54
CA ILE E 226 25.21 10.78 -11.00
C ILE E 226 25.12 12.21 -10.46
N ILE E 227 26.02 12.55 -9.54
CA ILE E 227 26.03 13.86 -8.92
C ILE E 227 26.29 14.95 -9.96
N MET E 228 27.07 14.61 -10.98
CA MET E 228 27.41 15.53 -12.04
C MET E 228 26.18 15.84 -12.90
N THR E 229 25.52 14.78 -13.37
CA THR E 229 24.35 14.92 -14.22
C THR E 229 23.20 15.70 -13.56
N ILE E 230 23.08 15.59 -12.26
CA ILE E 230 22.00 16.27 -11.54
C ILE E 230 22.38 17.72 -11.19
N LYS E 231 23.66 17.97 -10.97
CA LYS E 231 24.11 19.32 -10.65
C LYS E 231 23.82 20.32 -11.78
N GLY E 232 23.64 19.83 -12.99
CA GLY E 232 23.35 20.73 -14.10
C GLY E 232 23.48 20.08 -15.45
N ALA E 233 24.59 20.35 -16.14
CA ALA E 233 24.81 19.79 -17.46
C ALA E 233 26.30 19.58 -17.72
N VAL E 234 26.61 18.62 -18.60
CA VAL E 234 27.98 18.29 -18.97
C VAL E 234 28.98 18.50 -17.84
N ILE F 1 60.74 -4.27 -24.86
CA ILE F 1 60.51 -5.67 -25.27
C ILE F 1 61.51 -6.56 -24.55
N ILE F 2 61.00 -7.62 -23.95
CA ILE F 2 61.86 -8.57 -23.25
C ILE F 2 61.73 -9.93 -23.89
N GLY F 3 62.86 -10.60 -24.07
CA GLY F 3 62.86 -11.92 -24.68
C GLY F 3 62.71 -11.88 -26.18
N GLY F 4 63.02 -10.75 -26.80
CA GLY F 4 62.90 -10.64 -28.24
C GLY F 4 64.24 -10.42 -28.93
N ASN F 5 64.19 -9.82 -30.12
CA ASN F 5 65.41 -9.54 -30.88
C ASN F 5 65.28 -8.23 -31.63
N GLU F 6 66.42 -7.64 -31.97
CA GLU F 6 66.45 -6.39 -32.72
C GLU F 6 65.99 -6.69 -34.14
N VAL F 7 64.95 -5.99 -34.61
CA VAL F 7 64.46 -6.23 -35.97
C VAL F 7 65.38 -5.61 -37.00
N THR F 8 65.15 -5.95 -38.26
CA THR F 8 65.96 -5.39 -39.34
C THR F 8 65.55 -3.91 -39.45
N PRO F 9 66.54 -3.01 -39.48
CA PRO F 9 66.25 -1.59 -39.59
C PRO F 9 65.17 -1.29 -40.61
N HIS F 10 64.06 -0.74 -40.13
CA HIS F 10 62.92 -0.34 -40.95
C HIS F 10 62.13 -1.50 -41.56
N SER F 11 62.17 -2.66 -40.90
CA SER F 11 61.44 -3.81 -41.39
C SER F 11 60.01 -3.82 -40.84
N ARG F 12 59.66 -2.79 -40.07
CA ARG F 12 58.31 -2.65 -39.50
C ARG F 12 57.93 -1.19 -39.66
N PRO F 13 57.93 -0.69 -40.91
CA PRO F 13 57.61 0.69 -41.27
C PRO F 13 56.36 1.34 -40.66
N TYR F 14 55.50 0.56 -40.03
CA TYR F 14 54.29 1.10 -39.41
C TYR F 14 54.49 1.54 -37.96
N MET F 15 55.61 1.14 -37.38
CA MET F 15 55.92 1.48 -36.00
C MET F 15 56.17 2.96 -35.76
N VAL F 16 55.57 3.48 -34.69
CA VAL F 16 55.74 4.86 -34.34
C VAL F 16 56.47 4.98 -33.02
N LEU F 17 57.50 5.81 -33.00
CA LEU F 17 58.26 6.04 -31.79
C LEU F 17 57.73 7.32 -31.17
N LEU F 18 57.24 7.23 -29.94
CA LEU F 18 56.72 8.40 -29.25
C LEU F 18 57.68 8.79 -28.15
N SER F 19 58.36 9.91 -28.37
CA SER F 19 59.30 10.45 -27.41
C SER F 19 58.51 11.46 -26.59
N LEU F 20 58.00 11.02 -25.44
CA LEU F 20 57.19 11.85 -24.56
C LEU F 20 58.05 12.95 -23.91
N ASP F 21 59.11 12.51 -23.25
CA ASP F 21 60.02 13.44 -22.60
C ASP F 21 61.38 12.78 -22.50
N ARG F 22 62.18 13.26 -21.55
CA ARG F 22 63.53 12.74 -21.35
C ARG F 22 63.54 11.46 -20.52
N LYS F 23 62.46 11.22 -19.80
CA LYS F 23 62.37 10.05 -18.94
C LYS F 23 61.44 8.96 -19.44
N THR F 24 60.59 9.26 -20.41
CA THR F 24 59.65 8.26 -20.88
C THR F 24 59.32 8.31 -22.36
N ILE F 25 59.10 7.13 -22.95
CA ILE F 25 58.74 7.04 -24.35
C ILE F 25 57.64 5.99 -24.46
N CYS F 26 56.90 6.04 -25.56
CA CYS F 26 55.83 5.08 -25.82
C CYS F 26 55.93 4.65 -27.27
N ALA F 27 55.02 3.78 -27.70
CA ALA F 27 55.01 3.32 -29.08
C ALA F 27 53.62 3.59 -29.66
N GLY F 28 53.49 3.41 -30.96
CA GLY F 28 52.22 3.63 -31.61
C GLY F 28 52.22 2.99 -32.98
N ALA F 29 51.13 3.18 -33.70
CA ALA F 29 50.98 2.62 -35.03
C ALA F 29 50.38 3.68 -35.96
N LEU F 30 50.94 3.79 -37.16
CA LEU F 30 50.43 4.76 -38.13
C LEU F 30 49.26 4.09 -38.83
N ILE F 31 48.04 4.51 -38.51
CA ILE F 31 46.87 3.91 -39.13
C ILE F 31 46.34 4.75 -40.28
N ALA F 32 46.98 5.89 -40.52
CA ALA F 32 46.58 6.78 -41.58
C ALA F 32 47.72 7.77 -41.77
N LYS F 33 47.74 8.46 -42.91
CA LYS F 33 48.81 9.41 -43.16
C LYS F 33 48.99 10.39 -42.01
N ASP F 34 47.88 10.91 -41.49
CA ASP F 34 47.95 11.86 -40.40
C ASP F 34 47.29 11.38 -39.11
N TRP F 35 47.35 10.07 -38.87
CA TRP F 35 46.76 9.49 -37.67
C TRP F 35 47.59 8.39 -37.03
N VAL F 36 47.86 8.55 -35.75
CA VAL F 36 48.63 7.56 -34.99
C VAL F 36 47.78 7.02 -33.84
N LEU F 37 47.74 5.70 -33.72
CA LEU F 37 46.99 5.04 -32.66
C LEU F 37 47.98 4.63 -31.58
N THR F 38 47.74 5.06 -30.35
CA THR F 38 48.60 4.72 -29.24
C THR F 38 47.74 4.48 -27.99
N ALA F 39 48.39 4.39 -26.84
CA ALA F 39 47.68 4.16 -25.59
C ALA F 39 47.25 5.48 -24.96
N ALA F 40 46.11 5.47 -24.30
CA ALA F 40 45.63 6.69 -23.67
C ALA F 40 46.51 7.10 -22.49
N HIS F 41 47.06 6.13 -21.76
CA HIS F 41 47.90 6.48 -20.62
C HIS F 41 49.28 7.05 -21.00
N CYS F 42 49.60 7.07 -22.29
CA CYS F 42 50.87 7.64 -22.74
C CYS F 42 50.69 9.16 -22.80
N ASN F 43 51.25 9.87 -21.81
CA ASN F 43 51.12 11.33 -21.74
C ASN F 43 52.07 12.10 -22.65
N LEU F 44 51.52 13.05 -23.41
CA LEU F 44 52.32 13.87 -24.30
C LEU F 44 52.36 15.33 -23.82
N ASN F 45 53.47 16.00 -24.10
CA ASN F 45 53.63 17.41 -23.72
C ASN F 45 54.36 18.15 -24.83
N LYS F 46 54.95 19.28 -24.46
CA LYS F 46 55.71 20.12 -25.39
C LYS F 46 57.04 19.46 -25.77
N ARG F 47 57.62 18.70 -24.86
CA ARG F 47 58.88 18.02 -25.14
C ARG F 47 58.67 16.75 -25.94
N SER F 48 57.43 16.27 -26.06
CA SER F 48 57.18 15.02 -26.79
C SER F 48 57.43 15.08 -28.32
N GLN F 49 57.61 13.91 -28.92
CA GLN F 49 57.84 13.80 -30.36
C GLN F 49 57.27 12.52 -30.92
N VAL F 50 56.73 12.62 -32.13
CA VAL F 50 56.12 11.51 -32.87
C VAL F 50 57.07 11.24 -34.01
N ILE F 51 57.94 10.25 -33.86
CA ILE F 51 58.93 9.92 -34.88
C ILE F 51 58.50 8.76 -35.78
N LEU F 52 58.69 8.88 -37.09
CA LEU F 52 58.32 7.79 -37.99
C LEU F 52 59.58 7.42 -38.78
N GLY F 53 59.57 6.27 -39.43
CA GLY F 53 60.72 5.82 -40.21
C GLY F 53 61.97 5.60 -39.37
N ALA F 54 61.80 5.39 -38.08
CA ALA F 54 62.95 5.21 -37.21
C ALA F 54 63.38 3.78 -36.87
N HIS F 55 64.61 3.66 -36.38
CA HIS F 55 65.09 2.37 -35.92
C HIS F 55 65.75 2.64 -34.60
N SER F 56 66.69 3.59 -34.61
CA SER F 56 67.43 4.02 -33.43
C SER F 56 66.84 5.31 -32.89
N ILE F 57 66.86 5.45 -31.59
CA ILE F 57 66.32 6.65 -30.98
C ILE F 57 67.29 7.82 -31.14
N THR F 58 68.56 7.59 -30.85
CA THR F 58 69.56 8.64 -30.90
C THR F 58 70.22 8.92 -32.25
N ARG F 59 70.55 7.87 -32.99
CA ARG F 59 71.21 8.05 -34.28
C ARG F 59 70.37 8.85 -35.25
N GLU F 60 71.01 9.78 -35.95
CA GLU F 60 70.33 10.59 -36.93
C GLU F 60 70.06 9.72 -38.13
N GLU F 61 68.81 9.64 -38.54
CA GLU F 61 68.45 8.82 -39.70
C GLU F 61 67.67 9.61 -40.73
N PRO F 62 68.12 9.53 -41.99
CA PRO F 62 67.45 10.26 -43.05
C PRO F 62 66.00 9.81 -43.24
N THR F 63 65.70 8.59 -42.82
CA THR F 63 64.33 8.09 -42.98
C THR F 63 63.37 8.57 -41.90
N LYS F 64 63.89 9.11 -40.80
CA LYS F 64 62.97 9.52 -39.75
C LYS F 64 62.09 10.70 -40.14
N GLN F 65 60.88 10.75 -39.62
CA GLN F 65 59.99 11.85 -39.89
C GLN F 65 59.41 12.29 -38.55
N ILE F 66 59.88 13.43 -38.07
CA ILE F 66 59.39 13.93 -36.81
C ILE F 66 58.15 14.76 -37.06
N MET F 67 57.01 14.21 -36.67
CA MET F 67 55.71 14.83 -36.84
C MET F 67 55.17 15.47 -35.58
N LEU F 68 54.21 16.37 -35.74
CA LEU F 68 53.59 17.05 -34.60
C LEU F 68 52.13 16.66 -34.48
N VAL F 69 51.62 16.76 -33.26
CA VAL F 69 50.24 16.41 -32.97
C VAL F 69 49.35 17.64 -32.98
N LYS F 70 48.44 17.67 -33.95
CA LYS F 70 47.50 18.77 -34.10
C LYS F 70 46.52 18.72 -32.93
N LYS F 71 45.94 17.54 -32.70
CA LYS F 71 44.98 17.33 -31.62
C LYS F 71 44.95 15.88 -31.14
N GLU F 72 44.86 15.70 -29.82
CA GLU F 72 44.78 14.37 -29.26
C GLU F 72 43.33 13.93 -29.08
N PHE F 73 43.04 12.70 -29.49
CA PHE F 73 41.70 12.12 -29.39
C PHE F 73 41.71 10.89 -28.50
N PRO F 74 41.65 11.10 -27.18
CA PRO F 74 41.65 9.99 -26.24
C PRO F 74 40.27 9.37 -26.20
N TYR F 75 40.22 8.04 -26.11
CA TYR F 75 38.96 7.32 -26.05
C TYR F 75 38.17 7.86 -24.85
N PRO F 76 36.97 8.36 -25.12
CA PRO F 76 36.11 8.91 -24.06
C PRO F 76 35.82 7.94 -22.90
N CYS F 77 35.52 6.68 -23.20
CA CYS F 77 35.23 5.71 -22.16
C CYS F 77 36.48 5.11 -21.53
N TYR F 78 37.56 5.89 -21.47
CA TYR F 78 38.80 5.43 -20.89
C TYR F 78 38.67 5.39 -19.37
N ASP F 79 39.11 4.31 -18.76
CA ASP F 79 39.04 4.23 -17.31
C ASP F 79 40.47 4.10 -16.81
N PRO F 80 41.10 5.24 -16.51
CA PRO F 80 42.49 5.19 -16.03
C PRO F 80 42.67 4.38 -14.74
N ALA F 81 41.57 3.91 -14.16
CA ALA F 81 41.60 3.13 -12.94
C ALA F 81 42.01 1.69 -13.21
N THR F 82 41.62 1.19 -14.38
CA THR F 82 41.92 -0.18 -14.79
C THR F 82 42.52 -0.22 -16.20
N ARG F 83 42.66 0.94 -16.82
CA ARG F 83 43.22 1.10 -18.15
C ARG F 83 42.33 0.42 -19.18
N GLU F 84 41.03 0.49 -18.94
CA GLU F 84 40.04 -0.08 -19.86
C GLU F 84 39.81 0.96 -20.95
N GLY F 85 39.79 0.51 -22.20
CA GLY F 85 39.63 1.43 -23.30
C GLY F 85 40.82 2.40 -23.35
N ASP F 86 42.02 1.88 -23.04
CA ASP F 86 43.27 2.66 -23.04
C ASP F 86 43.73 2.99 -24.46
N LEU F 87 42.87 3.65 -25.23
CA LEU F 87 43.17 4.00 -26.61
C LEU F 87 43.14 5.50 -26.84
N LYS F 88 44.19 6.01 -27.50
CA LYS F 88 44.29 7.43 -27.83
C LYS F 88 44.63 7.54 -29.30
N LEU F 89 43.97 8.46 -29.99
CA LEU F 89 44.24 8.68 -31.39
C LEU F 89 45.00 10.00 -31.47
N LEU F 90 46.01 10.04 -32.32
CA LEU F 90 46.79 11.26 -32.47
C LEU F 90 46.73 11.72 -33.94
N GLN F 91 46.10 12.86 -34.17
CA GLN F 91 45.99 13.46 -35.51
C GLN F 91 47.24 14.29 -35.68
N LEU F 92 47.93 14.07 -36.79
CA LEU F 92 49.18 14.79 -37.05
C LEU F 92 48.93 16.11 -37.78
N THR F 93 49.78 17.09 -37.55
CA THR F 93 49.59 18.38 -38.22
C THR F 93 49.80 18.24 -39.73
N GLU F 94 50.75 17.41 -40.14
CA GLU F 94 51.02 17.22 -41.56
C GLU F 94 50.92 15.72 -41.88
N LYS F 95 50.52 15.37 -43.10
CA LYS F 95 50.43 13.96 -43.48
C LYS F 95 51.83 13.35 -43.57
N ALA F 96 51.97 12.10 -43.15
CA ALA F 96 53.27 11.46 -43.24
C ALA F 96 53.55 11.18 -44.71
N LYS F 97 54.82 10.94 -45.03
CA LYS F 97 55.21 10.67 -46.38
C LYS F 97 55.37 9.16 -46.55
N ILE F 98 54.32 8.55 -47.07
CA ILE F 98 54.28 7.11 -47.30
C ILE F 98 55.34 6.66 -48.27
N ASN F 99 56.23 5.79 -47.81
CA ASN F 99 57.29 5.24 -48.64
C ASN F 99 57.67 3.86 -48.06
N LYS F 100 58.69 3.23 -48.64
CA LYS F 100 59.12 1.91 -48.20
C LYS F 100 59.37 1.80 -46.71
N TYR F 101 59.92 2.87 -46.14
CA TYR F 101 60.27 2.89 -44.72
C TYR F 101 59.21 3.49 -43.80
N VAL F 102 58.12 3.99 -44.37
CA VAL F 102 57.06 4.61 -43.58
C VAL F 102 55.74 4.21 -44.19
N THR F 103 55.06 3.23 -43.57
CA THR F 103 53.81 2.73 -44.10
C THR F 103 52.71 2.71 -43.06
N ILE F 104 51.48 2.50 -43.53
CA ILE F 104 50.31 2.47 -42.67
C ILE F 104 49.96 1.04 -42.24
N LEU F 105 49.43 0.89 -41.02
CA LEU F 105 49.01 -0.41 -40.52
C LEU F 105 47.49 -0.39 -40.60
N HIS F 106 46.93 -1.29 -41.40
CA HIS F 106 45.49 -1.32 -41.56
C HIS F 106 44.76 -1.95 -40.40
N LEU F 107 43.62 -1.36 -40.06
CA LEU F 107 42.80 -1.84 -38.98
C LEU F 107 42.17 -3.18 -39.35
N PRO F 108 41.76 -3.95 -38.33
CA PRO F 108 41.14 -5.26 -38.50
C PRO F 108 39.83 -5.13 -39.27
N LYS F 109 39.50 -6.12 -40.10
CA LYS F 109 38.23 -6.09 -40.85
C LYS F 109 37.07 -6.17 -39.84
N LYS F 110 37.11 -7.20 -39.00
CA LYS F 110 36.05 -7.42 -38.01
C LYS F 110 36.60 -7.34 -36.58
N GLY F 111 35.71 -6.97 -35.64
CA GLY F 111 36.09 -6.84 -34.24
C GLY F 111 36.11 -8.13 -33.45
N ASP F 112 36.70 -9.14 -34.07
CA ASP F 112 36.83 -10.47 -33.49
C ASP F 112 37.72 -10.53 -32.24
N ASP F 113 37.47 -11.51 -31.38
CA ASP F 113 38.31 -11.67 -30.21
C ASP F 113 39.38 -12.65 -30.68
N VAL F 114 40.57 -12.63 -30.07
CA VAL F 114 41.63 -13.52 -30.52
C VAL F 114 41.65 -14.85 -29.80
N LYS F 115 41.63 -15.92 -30.58
CA LYS F 115 41.65 -17.26 -30.02
C LYS F 115 42.91 -17.57 -29.21
N PRO F 116 42.75 -18.20 -28.04
CA PRO F 116 43.85 -18.56 -27.16
C PRO F 116 44.84 -19.42 -27.96
N GLY F 117 46.14 -19.24 -27.73
CA GLY F 117 47.11 -20.00 -28.48
C GLY F 117 47.54 -19.36 -29.79
N THR F 118 46.93 -18.23 -30.16
CA THR F 118 47.31 -17.58 -31.39
C THR F 118 48.67 -16.91 -31.28
N MET F 119 49.47 -17.01 -32.34
CA MET F 119 50.79 -16.40 -32.33
C MET F 119 50.62 -14.92 -32.69
N CYS F 120 51.31 -14.06 -31.94
CA CYS F 120 51.25 -12.63 -32.16
C CYS F 120 52.64 -12.04 -31.94
N GLN F 121 52.84 -10.78 -32.30
CA GLN F 121 54.14 -10.15 -32.09
C GLN F 121 53.95 -8.72 -31.59
N VAL F 122 55.01 -8.13 -31.06
CA VAL F 122 54.97 -6.76 -30.55
C VAL F 122 56.37 -6.16 -30.60
N ALA F 123 56.49 -5.01 -31.26
CA ALA F 123 57.77 -4.34 -31.37
C ALA F 123 57.73 -3.11 -30.47
N GLY F 124 58.89 -2.53 -30.21
CA GLY F 124 58.91 -1.36 -29.36
C GLY F 124 60.32 -0.99 -29.01
N TRP F 125 60.50 0.13 -28.33
CA TRP F 125 61.82 0.61 -27.94
C TRP F 125 61.92 0.57 -26.41
N GLY F 126 61.07 -0.25 -25.81
CA GLY F 126 61.03 -0.37 -24.36
C GLY F 126 62.24 -1.04 -23.76
N ARG F 127 62.22 -1.17 -22.44
CA ARG F 127 63.33 -1.80 -21.73
C ARG F 127 63.42 -3.30 -21.99
N THR F 128 64.59 -3.85 -21.72
CA THR F 128 64.87 -5.27 -21.89
C THR F 128 65.31 -5.90 -20.56
N HIS F 129 65.79 -7.13 -20.61
CA HIS F 129 66.24 -7.82 -19.41
C HIS F 129 67.57 -7.23 -18.96
N ASN F 130 68.22 -6.48 -19.86
CA ASN F 130 69.51 -5.86 -19.56
C ASN F 130 69.33 -4.51 -18.86
N SER F 131 69.93 -3.47 -19.42
CA SER F 131 69.84 -2.13 -18.83
C SER F 131 68.40 -1.77 -18.51
N ALA F 132 68.22 -0.99 -17.45
CA ALA F 132 66.89 -0.57 -17.02
C ALA F 132 66.28 0.42 -18.02
N SER F 133 67.14 1.23 -18.63
CA SER F 133 66.70 2.23 -19.60
C SER F 133 66.11 1.55 -20.84
N TRP F 134 65.54 2.35 -21.73
CA TRP F 134 64.93 1.84 -22.96
C TRP F 134 65.95 1.34 -23.97
N SER F 135 65.46 0.74 -25.04
CA SER F 135 66.33 0.22 -26.09
C SER F 135 66.50 1.27 -27.18
N ASP F 136 67.71 1.38 -27.70
CA ASP F 136 67.99 2.36 -28.74
C ASP F 136 67.39 1.92 -30.08
N THR F 137 67.65 0.68 -30.46
CA THR F 137 67.13 0.16 -31.73
C THR F 137 65.82 -0.61 -31.53
N LEU F 138 64.93 -0.51 -32.52
CA LEU F 138 63.65 -1.19 -32.45
C LEU F 138 63.81 -2.68 -32.17
N ARG F 139 62.97 -3.24 -31.30
CA ARG F 139 63.02 -4.68 -31.00
C ARG F 139 61.62 -5.27 -31.06
N GLU F 140 61.53 -6.58 -31.29
CA GLU F 140 60.24 -7.26 -31.36
C GLU F 140 60.26 -8.69 -30.82
N VAL F 141 59.23 -9.04 -30.06
CA VAL F 141 59.17 -10.38 -29.53
C VAL F 141 57.91 -11.11 -29.97
N ASN F 142 58.05 -12.42 -30.13
CA ASN F 142 56.93 -13.27 -30.50
C ASN F 142 56.30 -13.72 -29.18
N ILE F 143 54.98 -13.87 -29.20
CA ILE F 143 54.21 -14.26 -28.02
C ILE F 143 52.93 -15.00 -28.40
N THR F 144 52.18 -15.45 -27.39
CA THR F 144 50.95 -16.20 -27.60
C THR F 144 49.78 -15.70 -26.78
N ILE F 145 48.59 -15.71 -27.38
CA ILE F 145 47.38 -15.26 -26.67
C ILE F 145 47.05 -16.24 -25.56
N ILE F 146 46.94 -15.69 -24.36
CA ILE F 146 46.62 -16.44 -23.17
C ILE F 146 45.15 -16.30 -22.93
N ASP F 147 44.50 -17.43 -22.70
CA ASP F 147 43.08 -17.45 -22.46
C ASP F 147 42.70 -16.42 -21.40
N ARG F 148 41.74 -15.57 -21.72
CA ARG F 148 41.26 -14.53 -20.81
C ARG F 148 40.90 -15.09 -19.43
N LYS F 149 40.48 -16.36 -19.38
CA LYS F 149 40.11 -16.99 -18.11
C LYS F 149 41.34 -17.18 -17.25
N VAL F 150 42.40 -17.64 -17.90
CA VAL F 150 43.67 -17.85 -17.23
C VAL F 150 44.26 -16.51 -16.79
N CYS F 151 44.03 -15.51 -17.63
CA CYS F 151 44.53 -14.17 -17.38
C CYS F 151 43.98 -13.58 -16.06
N ASN F 152 42.83 -14.10 -15.64
CA ASN F 152 42.22 -13.65 -14.42
C ASN F 152 42.43 -14.67 -13.29
N ASP F 153 42.96 -15.85 -13.59
CA ASP F 153 43.13 -16.85 -12.55
C ASP F 153 44.13 -16.50 -11.45
N ARG F 154 44.14 -17.33 -10.41
CA ARG F 154 45.03 -17.10 -9.26
C ARG F 154 46.49 -16.97 -9.66
N ASN F 155 46.88 -17.72 -10.69
CA ASN F 155 48.26 -17.69 -11.15
C ASN F 155 48.61 -16.42 -11.93
N HIS F 156 47.65 -15.52 -12.07
CA HIS F 156 47.90 -14.28 -12.80
C HIS F 156 47.41 -12.99 -12.15
N TYR F 157 46.74 -12.15 -12.92
CA TYR F 157 46.23 -10.87 -12.42
C TYR F 157 45.24 -11.05 -11.28
N ASN F 158 44.56 -12.19 -11.26
CA ASN F 158 43.59 -12.51 -10.22
C ASN F 158 42.71 -11.35 -9.77
N PHE F 159 41.85 -10.91 -10.69
CA PHE F 159 40.92 -9.80 -10.45
C PHE F 159 41.57 -8.52 -9.93
N ASN F 160 42.87 -8.36 -10.17
CA ASN F 160 43.59 -7.18 -9.71
C ASN F 160 44.60 -6.71 -10.76
N PRO F 161 44.11 -6.07 -11.84
CA PRO F 161 42.68 -5.81 -12.07
C PRO F 161 42.02 -6.85 -12.96
N VAL F 162 40.69 -6.79 -13.04
CA VAL F 162 39.95 -7.72 -13.88
C VAL F 162 40.28 -7.44 -15.34
N ILE F 163 40.31 -8.50 -16.15
CA ILE F 163 40.57 -8.38 -17.57
C ILE F 163 39.22 -8.64 -18.26
N GLY F 164 38.60 -7.57 -18.77
CA GLY F 164 37.31 -7.71 -19.45
C GLY F 164 37.38 -8.26 -20.86
N MET F 165 36.22 -8.50 -21.49
CA MET F 165 36.17 -9.06 -22.84
C MET F 165 36.77 -8.19 -23.93
N ASN F 166 36.99 -6.91 -23.62
CA ASN F 166 37.57 -5.98 -24.58
C ASN F 166 39.10 -5.88 -24.39
N MET F 167 39.67 -6.88 -23.71
CA MET F 167 41.11 -6.93 -23.50
C MET F 167 41.58 -8.31 -23.82
N VAL F 168 42.85 -8.39 -24.17
CA VAL F 168 43.48 -9.64 -24.47
C VAL F 168 44.78 -9.68 -23.71
N CYS F 169 45.12 -10.91 -23.41
CA CYS F 169 46.28 -11.27 -22.65
C CYS F 169 47.21 -11.93 -23.66
N ALA F 170 48.50 -11.66 -23.56
CA ALA F 170 49.48 -12.30 -24.45
C ALA F 170 50.88 -12.18 -23.84
N GLY F 171 51.68 -13.22 -24.05
CA GLY F 171 53.04 -13.23 -23.52
C GLY F 171 53.56 -14.66 -23.48
N SER F 172 53.69 -15.21 -22.28
CA SER F 172 54.17 -16.57 -22.10
C SER F 172 53.90 -17.11 -20.71
N LEU F 173 53.41 -18.34 -20.64
CA LEU F 173 53.12 -18.97 -19.35
C LEU F 173 54.39 -19.05 -18.51
N ARG F 174 55.54 -19.17 -19.17
CA ARG F 174 56.81 -19.26 -18.47
C ARG F 174 57.41 -17.87 -18.38
N GLY F 175 56.76 -16.91 -19.03
CA GLY F 175 57.24 -15.54 -19.03
C GLY F 175 58.43 -15.38 -19.94
N GLY F 176 59.18 -14.29 -19.76
CA GLY F 176 60.35 -14.05 -20.58
C GLY F 176 60.04 -13.39 -21.92
N ARG F 177 58.83 -13.55 -22.42
CA ARG F 177 58.41 -12.97 -23.68
C ARG F 177 57.24 -12.02 -23.46
N ASP F 178 57.53 -10.73 -23.41
CA ASP F 178 56.49 -9.75 -23.13
C ASP F 178 56.88 -8.37 -23.63
N SER F 179 55.98 -7.40 -23.48
CA SER F 179 56.26 -6.02 -23.88
C SER F 179 56.44 -5.27 -22.57
N CYS F 180 57.48 -4.45 -22.47
CA CYS F 180 57.73 -3.75 -21.22
C CYS F 180 57.29 -2.30 -21.23
N ASN F 181 57.52 -1.61 -20.12
CA ASN F 181 57.18 -0.20 -20.03
C ASN F 181 57.93 0.52 -21.16
N GLY F 182 57.21 1.36 -21.89
CA GLY F 182 57.87 2.05 -23.00
C GLY F 182 57.32 1.52 -24.30
N ASP F 183 56.86 0.28 -24.27
CA ASP F 183 56.27 -0.35 -25.42
C ASP F 183 54.77 -0.04 -25.42
N SER F 184 54.30 0.66 -24.41
CA SER F 184 52.88 0.98 -24.34
C SER F 184 52.45 1.66 -25.63
N GLY F 185 51.25 1.34 -26.09
CA GLY F 185 50.77 1.92 -27.32
C GLY F 185 51.19 1.12 -28.52
N SER F 186 52.24 0.32 -28.35
CA SER F 186 52.70 -0.49 -29.46
C SER F 186 51.56 -1.37 -30.00
N PRO F 187 51.49 -1.53 -31.33
CA PRO F 187 50.42 -2.37 -31.86
C PRO F 187 50.71 -3.87 -31.70
N LEU F 188 49.69 -4.62 -31.33
CA LEU F 188 49.83 -6.07 -31.18
C LEU F 188 49.37 -6.67 -32.50
N LEU F 189 50.23 -7.48 -33.11
CA LEU F 189 49.92 -8.14 -34.38
C LEU F 189 49.74 -9.65 -34.15
N CYS F 190 48.63 -10.19 -34.65
CA CYS F 190 48.34 -11.60 -34.53
C CYS F 190 48.01 -12.22 -35.88
N GLU F 191 48.84 -13.16 -36.33
CA GLU F 191 48.60 -13.79 -37.62
C GLU F 191 48.81 -12.72 -38.71
N GLY F 192 49.68 -11.76 -38.43
CA GLY F 192 49.95 -10.70 -39.37
C GLY F 192 48.84 -9.69 -39.42
N VAL F 193 47.99 -9.67 -38.39
CA VAL F 193 46.87 -8.72 -38.36
C VAL F 193 46.82 -7.87 -37.09
N PHE F 194 46.66 -6.56 -37.28
CA PHE F 194 46.56 -5.60 -36.16
C PHE F 194 45.32 -6.01 -35.32
N ARG F 195 45.52 -6.41 -34.06
CA ARG F 195 44.41 -6.84 -33.17
C ARG F 195 44.30 -6.12 -31.83
N GLY F 196 45.35 -5.41 -31.42
CA GLY F 196 45.28 -4.76 -30.14
C GLY F 196 46.41 -3.81 -29.88
N VAL F 197 46.26 -3.03 -28.81
CA VAL F 197 47.23 -2.03 -28.43
C VAL F 197 47.77 -2.29 -27.03
N THR F 198 49.09 -2.35 -26.95
CA THR F 198 49.78 -2.59 -25.69
C THR F 198 49.29 -1.64 -24.63
N SER F 199 48.87 -2.19 -23.49
CA SER F 199 48.36 -1.34 -22.41
C SER F 199 49.10 -1.45 -21.08
N PHE F 200 49.46 -2.67 -20.68
CA PHE F 200 50.17 -2.84 -19.42
C PHE F 200 50.50 -4.27 -19.00
N GLY F 201 51.36 -4.31 -17.99
CA GLY F 201 51.81 -5.54 -17.39
C GLY F 201 51.83 -5.32 -15.89
N LEU F 202 52.90 -5.74 -15.24
CA LEU F 202 53.06 -5.56 -13.81
C LEU F 202 54.29 -4.70 -13.51
N GLU F 203 54.05 -3.55 -12.89
CA GLU F 203 55.07 -2.59 -12.50
C GLU F 203 56.40 -3.28 -12.23
N ASN F 204 57.42 -2.93 -13.01
CA ASN F 204 58.74 -3.52 -12.86
C ASN F 204 58.84 -5.04 -13.02
N LYS F 205 57.70 -5.70 -13.22
CA LYS F 205 57.71 -7.15 -13.40
C LYS F 205 57.35 -7.54 -14.83
N CYS F 206 58.18 -7.12 -15.77
CA CYS F 206 57.97 -7.42 -17.19
C CYS F 206 58.53 -8.79 -17.49
N GLY F 207 57.73 -9.64 -18.13
CA GLY F 207 58.20 -10.97 -18.45
C GLY F 207 57.88 -11.94 -17.34
N ASP F 208 57.36 -11.41 -16.25
CA ASP F 208 56.97 -12.21 -15.11
C ASP F 208 55.72 -13.02 -15.45
N PRO F 209 55.79 -14.35 -15.32
CA PRO F 209 54.71 -15.31 -15.60
C PRO F 209 53.30 -14.85 -15.19
N ARG F 210 53.20 -14.27 -14.00
CA ARG F 210 51.93 -13.81 -13.46
C ARG F 210 51.41 -12.53 -14.09
N GLY F 211 52.30 -11.78 -14.75
CA GLY F 211 51.90 -10.53 -15.37
C GLY F 211 52.02 -10.48 -16.88
N PRO F 212 51.40 -11.43 -17.60
CA PRO F 212 51.48 -11.42 -19.06
C PRO F 212 50.97 -10.09 -19.60
N GLY F 213 51.50 -9.68 -20.75
CA GLY F 213 51.08 -8.43 -21.35
C GLY F 213 49.60 -8.33 -21.64
N VAL F 214 49.05 -7.15 -21.35
CA VAL F 214 47.63 -6.87 -21.56
C VAL F 214 47.45 -5.87 -22.68
N TYR F 215 46.65 -6.22 -23.68
CA TYR F 215 46.42 -5.34 -24.82
C TYR F 215 44.94 -5.04 -25.02
N ILE F 216 44.62 -3.79 -25.34
CA ILE F 216 43.22 -3.42 -25.58
C ILE F 216 42.86 -4.00 -26.92
N LEU F 217 41.82 -4.80 -26.94
CA LEU F 217 41.35 -5.45 -28.15
C LEU F 217 40.72 -4.45 -29.10
N LEU F 218 40.91 -4.68 -30.39
CA LEU F 218 40.28 -3.83 -31.40
C LEU F 218 38.97 -4.52 -31.73
N SER F 219 37.98 -4.31 -30.86
CA SER F 219 36.65 -4.88 -31.01
C SER F 219 35.77 -3.98 -31.87
N LYS F 220 34.52 -4.39 -32.08
CA LYS F 220 33.62 -3.58 -32.90
C LYS F 220 33.44 -2.18 -32.31
N LYS F 221 33.30 -2.13 -30.98
CA LYS F 221 33.11 -0.87 -30.26
C LYS F 221 34.32 0.07 -30.39
N HIS F 222 35.52 -0.49 -30.34
CA HIS F 222 36.72 0.32 -30.46
C HIS F 222 36.91 0.70 -31.92
N LEU F 223 36.80 -0.27 -32.83
CA LEU F 223 36.93 0.02 -34.25
C LEU F 223 35.98 1.14 -34.69
N ASN F 224 34.70 1.01 -34.35
CA ASN F 224 33.74 2.03 -34.73
C ASN F 224 34.14 3.42 -34.21
N TRP F 225 34.68 3.49 -32.99
CA TRP F 225 35.09 4.77 -32.44
C TRP F 225 36.27 5.32 -33.22
N ILE F 226 37.23 4.47 -33.51
CA ILE F 226 38.41 4.87 -34.27
C ILE F 226 37.97 5.45 -35.62
N ILE F 227 37.11 4.71 -36.32
CA ILE F 227 36.62 5.12 -37.64
C ILE F 227 35.83 6.42 -37.60
N MET F 228 34.86 6.49 -36.70
CA MET F 228 34.03 7.67 -36.57
C MET F 228 34.84 8.88 -36.17
N THR F 229 35.96 8.65 -35.48
CA THR F 229 36.81 9.75 -35.02
C THR F 229 37.64 10.28 -36.19
N ILE F 230 38.26 9.38 -36.94
CA ILE F 230 39.06 9.80 -38.07
C ILE F 230 38.18 10.49 -39.10
N LYS F 231 37.28 9.72 -39.70
CA LYS F 231 36.39 10.24 -40.74
C LYS F 231 35.65 11.47 -40.26
N GLY F 232 35.18 11.44 -39.02
CA GLY F 232 34.45 12.58 -38.49
C GLY F 232 35.35 13.54 -37.75
N ALA F 233 36.21 14.25 -38.49
CA ALA F 233 37.12 15.24 -37.92
C ALA F 233 37.91 15.99 -39.00
N VAL F 234 37.81 17.31 -38.96
CA VAL F 234 38.51 18.16 -39.92
C VAL F 234 40.00 18.21 -39.63
S SO4 G . -22.32 -42.01 -6.12
O1 SO4 G . -23.04 -42.98 -5.26
O2 SO4 G . -23.22 -41.57 -7.20
O3 SO4 G . -21.91 -40.85 -5.30
O4 SO4 G . -21.12 -42.66 -6.68
S SO4 H . -13.89 -56.25 -0.55
O1 SO4 H . -14.52 -56.43 0.77
O2 SO4 H . -14.92 -56.37 -1.58
O3 SO4 H . -13.26 -54.91 -0.63
O4 SO4 H . -12.85 -57.28 -0.74
S SO4 I . 19.31 2.10 22.12
O1 SO4 I . 18.71 3.40 21.75
O2 SO4 I . 20.37 1.74 21.16
O3 SO4 I . 19.90 2.19 23.46
O4 SO4 I . 18.26 1.07 22.11
S SO4 J . 9.21 -4.99 6.66
O1 SO4 J . 8.03 -5.84 6.53
O2 SO4 J . 8.89 -3.62 6.19
O3 SO4 J . 9.64 -4.91 8.07
O4 SO4 J . 10.32 -5.55 5.84
S SO4 K . 19.91 -4.22 18.35
O1 SO4 K . 19.32 -5.55 18.09
O2 SO4 K . 19.35 -3.24 17.39
O3 SO4 K . 19.59 -3.78 19.72
O4 SO4 K . 21.38 -4.29 18.19
S SO4 L . -56.20 45.15 -5.77
O1 SO4 L . -56.81 45.63 -4.52
O2 SO4 L . -57.23 44.62 -6.68
O3 SO4 L . -55.50 46.27 -6.44
O4 SO4 L . -55.24 44.09 -5.45
S SO4 M . -46.76 51.23 -18.91
O1 SO4 M . -48.07 51.79 -18.54
O2 SO4 M . -45.97 52.23 -19.67
O3 SO4 M . -46.01 50.88 -17.67
O4 SO4 M . -46.94 50.04 -19.73
S SO4 N . -4.10 23.55 29.64
O1 SO4 N . -4.87 22.88 30.70
O2 SO4 N . -4.54 23.04 28.32
O3 SO4 N . -4.33 25.00 29.70
O4 SO4 N . -2.67 23.27 29.81
S SO4 O . -5.78 29.60 25.83
O1 SO4 O . -5.86 29.27 24.40
O2 SO4 O . -6.07 28.41 26.64
O3 SO4 O . -4.42 30.09 26.14
O4 SO4 O . -6.76 30.66 26.15
S SO4 P . 7.56 -16.81 -6.03
O1 SO4 P . 8.22 -17.16 -4.77
O2 SO4 P . 6.69 -17.90 -6.46
O3 SO4 P . 6.75 -15.58 -5.83
O4 SO4 P . 8.58 -16.57 -7.07
S SO4 Q . 69.38 -9.46 -30.73
O1 SO4 Q . 69.79 -10.87 -30.78
O2 SO4 Q . 70.52 -8.62 -30.30
O3 SO4 Q . 68.92 -9.04 -32.06
O4 SO4 Q . 68.29 -9.30 -29.74
S SO4 R . 66.40 -9.78 -24.08
O1 SO4 R . 66.37 -11.07 -24.81
O2 SO4 R . 65.99 -8.70 -25.01
O3 SO4 R . 65.47 -9.83 -22.95
O4 SO4 R . 67.76 -9.51 -23.60
#